data_4WNU
#
_entry.id   4WNU
#
_cell.length_a   57.340
_cell.length_b   192.114
_cell.length_c   250.749
_cell.angle_alpha   90.000
_cell.angle_beta   90.000
_cell.angle_gamma   90.000
#
_symmetry.space_group_name_H-M   'P 21 21 21'
#
loop_
_entity.id
_entity.type
_entity.pdbx_description
1 polymer 'Cytochrome P450 2D6'
2 non-polymer 'PROTOPORPHYRIN IX CONTAINING FE'
3 non-polymer Quinidine
4 non-polymer 'DIMETHYL SULFOXIDE'
5 non-polymer 'ZINC ION'
6 non-polymer GLYCEROL
7 water water
#
_entity_poly.entity_id   1
_entity_poly.type   'polypeptide(L)'
_entity_poly.pdbx_seq_one_letter_code
;MAKKTSSKGKLPPGPLPLPGLGNLLHVDFQNTPYCFDQLRRRFGDVFSLQLAWTPVVVLNGLAAVREALVTHGEDTADRP
PVPITQILGFGPRSQGVFLARYGPAWREQRRFSVSTLRNLGLGKKSLEQWVTEEAACLCAAFANHSGRPFRPNGLLDKAV
SNVIASLTCGRRFEYDDPRFLRLLDLAQEGLKEESGFLREVLNAVPVLLHIPALAGKVLRFQKAFLTQLDELLTEHRMTW
DPAQPPRDLTEAFLAEMEKAKGNPESSFNDENLRIVVADLFSAGMVTTSTTLAWGLLLMILHPDVQRRVQQEIDDVIGQV
RRPEMGDQAHMPYTTAVIHEVQRFGDIVPLGVTHMTSRDIEVQGFRIPKGTTLITNLSSVLKDEAVWEKPFRFHPEHFLD
AQGHFVKPEAFLPFSAGRRACLGEPLARMELFLFFTSLLQHFSFSVPTGQPRPSHHGVFAFLVSPSPYELCAVPRHHHH
;
_entity_poly.pdbx_strand_id   A,B,C,D
#
loop_
_chem_comp.id
_chem_comp.type
_chem_comp.name
_chem_comp.formula
DMS non-polymer 'DIMETHYL SULFOXIDE' 'C2 H6 O S'
GOL non-polymer GLYCEROL 'C3 H8 O3'
HEM non-polymer 'PROTOPORPHYRIN IX CONTAINING FE' 'C34 H32 Fe N4 O4'
QDN non-polymer Quinidine 'C20 H24 N2 O2'
ZN non-polymer 'ZINC ION' 'Zn 2'
#
# COMPACT_ATOMS: atom_id res chain seq x y z
N GLY A 9 -32.65 -25.96 -24.72
CA GLY A 9 -31.81 -25.62 -23.58
C GLY A 9 -30.56 -26.48 -23.50
N LYS A 10 -29.40 -25.84 -23.55
CA LYS A 10 -28.12 -26.54 -23.48
C LYS A 10 -27.81 -27.00 -22.05
N LEU A 11 -27.21 -28.18 -21.94
CA LEU A 11 -26.92 -28.75 -20.64
C LEU A 11 -25.43 -28.57 -20.32
N PRO A 12 -25.08 -28.61 -19.03
CA PRO A 12 -23.67 -28.50 -18.64
C PRO A 12 -22.77 -29.54 -19.32
N PRO A 13 -21.54 -29.15 -19.68
CA PRO A 13 -20.55 -30.08 -20.24
C PRO A 13 -20.03 -31.04 -19.17
N GLY A 14 -19.35 -32.10 -19.59
CA GLY A 14 -18.79 -33.07 -18.67
C GLY A 14 -18.49 -34.38 -19.38
N PRO A 15 -17.78 -35.28 -18.70
CA PRO A 15 -17.42 -36.60 -19.25
C PRO A 15 -18.63 -37.49 -19.51
N ASN A 31 -10.74 -38.13 -1.73
CA ASN A 31 -10.70 -38.39 -3.16
C ASN A 31 -11.38 -37.32 -4.01
N THR A 32 -12.70 -37.23 -3.88
CA THR A 32 -13.56 -36.42 -4.75
C THR A 32 -13.28 -34.91 -4.84
N PRO A 33 -13.03 -34.22 -3.70
CA PRO A 33 -12.83 -32.75 -3.80
C PRO A 33 -11.74 -32.33 -4.80
N TYR A 34 -10.60 -33.03 -4.80
CA TYR A 34 -9.55 -32.74 -5.77
C TYR A 34 -10.01 -33.06 -7.19
N CYS A 35 -10.82 -34.09 -7.34
CA CYS A 35 -11.33 -34.52 -8.64
C CYS A 35 -12.27 -33.49 -9.26
N PHE A 36 -13.15 -32.92 -8.44
CA PHE A 36 -14.12 -31.94 -8.92
C PHE A 36 -13.42 -30.65 -9.35
N ASP A 37 -12.42 -30.25 -8.56
CA ASP A 37 -11.64 -29.04 -8.85
C ASP A 37 -10.83 -29.27 -10.13
N GLN A 38 -10.57 -30.54 -10.43
CA GLN A 38 -9.92 -30.92 -11.68
C GLN A 38 -10.89 -30.82 -12.86
N LEU A 39 -12.10 -31.31 -12.67
CA LEU A 39 -13.13 -31.24 -13.70
C LEU A 39 -13.55 -29.81 -13.97
N ARG A 40 -13.55 -28.98 -12.92
CA ARG A 40 -13.91 -27.56 -13.07
C ARG A 40 -12.90 -26.87 -13.96
N ARG A 41 -11.62 -27.16 -13.71
CA ARG A 41 -10.54 -26.68 -14.57
C ARG A 41 -10.80 -27.04 -16.03
N ARG A 42 -11.28 -28.26 -16.24
CA ARG A 42 -11.44 -28.81 -17.58
C ARG A 42 -12.74 -28.39 -18.26
N PHE A 43 -13.86 -28.43 -17.55
CA PHE A 43 -15.18 -28.20 -18.16
C PHE A 43 -15.88 -26.93 -17.71
N GLY A 44 -15.28 -26.21 -16.77
CA GLY A 44 -15.87 -24.95 -16.33
C GLY A 44 -16.63 -25.04 -15.02
N ASP A 45 -17.29 -23.93 -14.67
CA ASP A 45 -17.85 -23.77 -13.35
C ASP A 45 -19.15 -24.53 -13.13
N VAL A 46 -19.85 -24.86 -14.22
CA VAL A 46 -21.07 -25.66 -14.14
C VAL A 46 -20.97 -26.89 -15.04
N PHE A 47 -20.71 -28.04 -14.43
CA PHE A 47 -20.62 -29.28 -15.21
C PHE A 47 -21.51 -30.39 -14.65
N SER A 48 -21.76 -31.42 -15.46
CA SER A 48 -22.67 -32.49 -15.06
C SER A 48 -21.99 -33.85 -15.04
N LEU A 49 -22.56 -34.76 -14.25
CA LEU A 49 -22.08 -36.12 -14.11
C LEU A 49 -23.25 -37.08 -13.95
N GLN A 50 -23.02 -38.35 -14.30
CA GLN A 50 -23.96 -39.42 -13.98
C GLN A 50 -23.38 -40.29 -12.86
N LEU A 51 -23.71 -39.98 -11.62
CA LEU A 51 -23.22 -40.77 -10.51
C LEU A 51 -24.20 -41.90 -10.18
N ALA A 52 -23.87 -43.10 -10.65
CA ALA A 52 -24.75 -44.25 -10.66
C ALA A 52 -25.95 -43.97 -11.56
N TRP A 53 -27.14 -43.91 -10.96
CA TRP A 53 -28.35 -43.66 -11.74
C TRP A 53 -28.94 -42.30 -11.38
N THR A 54 -28.08 -41.41 -10.90
CA THR A 54 -28.46 -40.06 -10.55
C THR A 54 -27.81 -39.06 -11.51
N PRO A 55 -28.63 -38.21 -12.17
CA PRO A 55 -28.06 -37.08 -12.90
C PRO A 55 -27.66 -35.98 -11.90
N VAL A 56 -26.39 -35.57 -11.96
CA VAL A 56 -25.83 -34.65 -11.00
C VAL A 56 -25.30 -33.42 -11.71
N VAL A 57 -25.56 -32.23 -11.16
CA VAL A 57 -24.91 -31.03 -11.68
C VAL A 57 -24.07 -30.36 -10.61
N VAL A 58 -22.80 -30.11 -10.89
CA VAL A 58 -21.89 -29.52 -9.90
C VAL A 58 -21.73 -28.01 -10.14
N LEU A 59 -21.83 -27.23 -9.06
CA LEU A 59 -21.72 -25.77 -9.15
C LEU A 59 -20.46 -25.29 -8.45
N ASN A 60 -19.66 -24.55 -9.21
CA ASN A 60 -18.39 -24.03 -8.73
C ASN A 60 -18.36 -22.50 -8.78
N GLY A 61 -17.78 -21.91 -7.73
CA GLY A 61 -17.67 -20.47 -7.65
C GLY A 61 -18.92 -19.79 -7.11
N LEU A 62 -18.73 -18.60 -6.57
CA LEU A 62 -19.79 -17.84 -5.95
C LEU A 62 -20.96 -17.58 -6.89
N ALA A 63 -20.65 -17.17 -8.11
CA ALA A 63 -21.65 -16.78 -9.09
C ALA A 63 -22.63 -17.92 -9.32
N ALA A 64 -22.11 -19.07 -9.74
CA ALA A 64 -22.95 -20.27 -9.92
C ALA A 64 -23.77 -20.65 -8.65
N VAL A 65 -23.13 -20.70 -7.48
CA VAL A 65 -23.82 -21.15 -6.26
C VAL A 65 -24.98 -20.20 -5.86
N ARG A 66 -24.76 -18.90 -5.99
CA ARG A 66 -25.78 -17.93 -5.63
C ARG A 66 -26.90 -17.93 -6.64
N GLU A 67 -26.57 -18.08 -7.91
CA GLU A 67 -27.61 -18.11 -8.94
C GLU A 67 -28.55 -19.27 -8.61
N ALA A 68 -27.97 -20.45 -8.37
CA ALA A 68 -28.73 -21.63 -8.00
C ALA A 68 -29.49 -21.45 -6.67
N LEU A 69 -28.78 -21.11 -5.59
CA LEU A 69 -29.40 -21.20 -4.25
C LEU A 69 -30.15 -19.93 -3.81
N VAL A 70 -29.86 -18.79 -4.43
CA VAL A 70 -30.52 -17.55 -4.02
C VAL A 70 -31.54 -17.09 -5.08
N THR A 71 -31.04 -16.72 -6.25
CA THR A 71 -31.91 -16.32 -7.36
C THR A 71 -32.95 -17.37 -7.70
N HIS A 72 -32.53 -18.63 -7.79
CA HIS A 72 -33.49 -19.72 -8.02
C HIS A 72 -33.73 -20.51 -6.74
N GLY A 73 -33.47 -19.86 -5.60
CA GLY A 73 -33.66 -20.46 -4.29
C GLY A 73 -34.98 -21.17 -4.03
N GLU A 74 -36.03 -20.69 -4.68
CA GLU A 74 -37.36 -21.29 -4.62
C GLU A 74 -37.37 -22.70 -5.21
N ASP A 75 -36.56 -22.90 -6.25
CA ASP A 75 -36.57 -24.13 -7.02
C ASP A 75 -35.41 -25.09 -6.70
N THR A 76 -34.53 -24.71 -5.78
CA THR A 76 -33.35 -25.53 -5.48
C THR A 76 -33.28 -25.92 -4.01
N ALA A 77 -34.41 -25.79 -3.31
CA ALA A 77 -34.39 -26.01 -1.87
C ALA A 77 -34.91 -27.37 -1.45
N ASP A 78 -35.04 -28.28 -2.39
CA ASP A 78 -35.45 -29.66 -2.09
C ASP A 78 -34.21 -30.52 -1.77
N ARG A 79 -34.42 -31.68 -1.14
CA ARG A 79 -33.37 -32.68 -0.97
C ARG A 79 -33.67 -33.88 -1.85
N PRO A 80 -32.63 -34.56 -2.34
CA PRO A 80 -32.89 -35.83 -3.01
C PRO A 80 -33.47 -36.84 -2.03
N PRO A 81 -34.47 -37.61 -2.44
CA PRO A 81 -35.13 -38.56 -1.54
C PRO A 81 -34.14 -39.61 -1.03
N VAL A 82 -34.31 -40.09 0.21
CA VAL A 82 -33.42 -41.11 0.74
C VAL A 82 -34.24 -42.26 1.31
N PRO A 83 -34.51 -43.27 0.47
CA PRO A 83 -35.42 -44.37 0.82
C PRO A 83 -35.04 -45.11 2.11
N ILE A 84 -33.75 -45.25 2.43
CA ILE A 84 -33.41 -46.02 3.62
C ILE A 84 -33.79 -45.32 4.93
N THR A 85 -34.19 -44.05 4.88
CA THR A 85 -34.61 -43.35 6.10
C THR A 85 -35.90 -43.96 6.68
N GLN A 86 -36.60 -44.77 5.89
CA GLN A 86 -37.76 -45.53 6.38
C GLN A 86 -37.36 -46.32 7.63
N ILE A 87 -36.13 -46.81 7.61
CA ILE A 87 -35.58 -47.62 8.67
C ILE A 87 -35.51 -46.82 9.98
N LEU A 88 -35.40 -45.50 9.85
CA LEU A 88 -35.26 -44.65 11.04
C LEU A 88 -36.57 -44.04 11.52
N GLY A 89 -37.69 -44.48 10.95
CA GLY A 89 -38.98 -43.97 11.37
C GLY A 89 -39.46 -42.72 10.66
N PHE A 90 -38.79 -42.34 9.57
CA PHE A 90 -39.21 -41.19 8.76
C PHE A 90 -40.60 -41.41 8.16
N GLY A 91 -41.31 -40.33 7.86
CA GLY A 91 -42.62 -40.39 7.22
C GLY A 91 -43.00 -39.00 6.75
N PRO A 92 -44.13 -38.86 6.05
CA PRO A 92 -44.54 -37.57 5.47
C PRO A 92 -44.58 -36.36 6.44
N ARG A 93 -45.08 -36.56 7.66
CA ARG A 93 -45.03 -35.45 8.63
C ARG A 93 -43.95 -35.71 9.68
N SER A 94 -42.96 -36.54 9.33
CA SER A 94 -41.85 -36.90 10.22
C SER A 94 -40.54 -37.05 9.48
N GLN A 95 -40.02 -35.92 9.02
CA GLN A 95 -38.85 -35.89 8.15
C GLN A 95 -37.68 -35.18 8.79
N GLY A 96 -37.81 -34.81 10.07
CA GLY A 96 -36.81 -33.95 10.68
C GLY A 96 -36.68 -32.64 9.90
N VAL A 97 -35.45 -32.13 9.81
CA VAL A 97 -35.21 -30.88 9.10
C VAL A 97 -34.15 -31.05 8.02
N PHE A 98 -33.04 -31.69 8.36
CA PHE A 98 -31.89 -31.74 7.46
C PHE A 98 -32.22 -32.40 6.10
N LEU A 99 -32.87 -33.56 6.15
CA LEU A 99 -33.24 -34.29 4.94
C LEU A 99 -34.69 -34.05 4.49
N ALA A 100 -35.49 -33.36 5.30
CA ALA A 100 -36.89 -33.10 4.92
C ALA A 100 -37.02 -32.57 3.49
N ARG A 101 -37.90 -33.16 2.70
CA ARG A 101 -38.29 -32.62 1.38
C ARG A 101 -38.78 -31.16 1.46
N TYR A 102 -38.52 -30.37 0.43
CA TYR A 102 -39.02 -29.00 0.40
C TYR A 102 -40.55 -29.05 0.43
N GLY A 103 -41.16 -28.33 1.38
CA GLY A 103 -42.58 -28.48 1.62
C GLY A 103 -42.90 -28.18 3.08
N PRO A 104 -44.16 -28.37 3.49
CA PRO A 104 -44.57 -27.88 4.81
C PRO A 104 -43.90 -28.60 5.98
N ALA A 105 -43.64 -29.90 5.89
CA ALA A 105 -43.04 -30.59 7.03
C ALA A 105 -41.60 -30.10 7.24
N TRP A 106 -40.92 -29.70 6.17
CA TRP A 106 -39.62 -29.04 6.33
C TRP A 106 -39.79 -27.62 6.88
N ARG A 107 -40.68 -26.84 6.27
CA ARG A 107 -40.75 -25.43 6.64
C ARG A 107 -41.25 -25.26 8.09
N GLU A 108 -42.19 -26.10 8.50
CA GLU A 108 -42.66 -25.96 9.88
C GLU A 108 -41.49 -26.23 10.85
N GLN A 109 -40.67 -27.25 10.57
CA GLN A 109 -39.59 -27.56 11.50
C GLN A 109 -38.39 -26.59 11.35
N ARG A 110 -38.16 -26.11 10.12
CA ARG A 110 -37.17 -25.06 9.87
C ARG A 110 -37.45 -23.84 10.71
N ARG A 111 -38.68 -23.31 10.56
CA ARG A 111 -39.11 -22.12 11.32
C ARG A 111 -39.06 -22.34 12.85
N PHE A 112 -39.49 -23.51 13.30
CA PHE A 112 -39.48 -23.76 14.73
C PHE A 112 -38.02 -23.78 15.28
N SER A 113 -37.12 -24.52 14.65
CA SER A 113 -35.74 -24.53 15.16
C SER A 113 -35.08 -23.16 15.09
N VAL A 114 -35.31 -22.42 14.00
CA VAL A 114 -34.69 -21.11 13.84
C VAL A 114 -35.17 -20.20 14.94
N SER A 115 -36.48 -20.14 15.13
CA SER A 115 -37.10 -19.34 16.17
C SER A 115 -36.68 -19.73 17.59
N THR A 116 -36.67 -21.03 17.85
CA THR A 116 -36.29 -21.53 19.18
C THR A 116 -34.85 -21.16 19.53
N LEU A 117 -33.97 -21.34 18.56
CA LEU A 117 -32.56 -20.96 18.77
C LEU A 117 -32.48 -19.51 19.15
N ARG A 118 -33.20 -18.69 18.40
CA ARG A 118 -33.22 -17.24 18.60
C ARG A 118 -33.81 -16.90 19.95
N ASN A 119 -34.89 -17.58 20.33
CA ASN A 119 -35.55 -17.30 21.59
C ASN A 119 -34.66 -17.68 22.76
N LEU A 120 -33.91 -18.76 22.62
CA LEU A 120 -33.08 -19.27 23.70
C LEU A 120 -31.87 -18.38 23.92
N GLY A 121 -31.64 -17.47 22.99
CA GLY A 121 -30.64 -16.44 23.17
C GLY A 121 -31.07 -15.50 24.27
N LEU A 122 -32.37 -15.42 24.49
CA LEU A 122 -32.98 -14.46 25.41
C LEU A 122 -33.54 -15.16 26.64
N SER A 126 -29.74 -18.94 29.13
CA SER A 126 -29.54 -18.71 27.69
C SER A 126 -28.49 -19.68 27.13
N LEU A 127 -28.41 -19.76 25.80
CA LEU A 127 -27.42 -20.60 25.14
C LEU A 127 -26.00 -20.12 25.42
N GLU A 128 -25.82 -18.80 25.47
CA GLU A 128 -24.50 -18.24 25.72
C GLU A 128 -23.99 -18.66 27.11
N GLN A 129 -24.90 -18.70 28.07
CA GLN A 129 -24.55 -19.12 29.41
C GLN A 129 -24.10 -20.58 29.40
N TRP A 130 -24.86 -21.43 28.69
CA TRP A 130 -24.49 -22.85 28.55
C TRP A 130 -23.13 -23.02 27.86
N VAL A 131 -22.89 -22.26 26.80
CA VAL A 131 -21.62 -22.35 26.09
C VAL A 131 -20.43 -21.89 26.95
N THR A 132 -20.59 -20.77 27.62
CA THR A 132 -19.57 -20.19 28.49
C THR A 132 -19.19 -21.15 29.63
N GLU A 133 -20.19 -21.81 30.23
CA GLU A 133 -19.93 -22.80 31.27
C GLU A 133 -19.18 -23.97 30.66
N GLU A 134 -19.57 -24.36 29.44
CA GLU A 134 -18.95 -25.51 28.81
C GLU A 134 -17.48 -25.19 28.48
N ALA A 135 -17.21 -23.95 28.09
CA ALA A 135 -15.84 -23.52 27.82
C ALA A 135 -14.97 -23.64 29.08
N ALA A 136 -15.52 -23.24 30.22
CA ALA A 136 -14.76 -23.37 31.47
C ALA A 136 -14.54 -24.85 31.84
N CYS A 137 -15.51 -25.70 31.54
CA CYS A 137 -15.30 -27.13 31.76
C CYS A 137 -14.19 -27.69 30.88
N LEU A 138 -14.15 -27.22 29.63
CA LEU A 138 -13.17 -27.64 28.65
C LEU A 138 -11.77 -27.19 29.07
N CYS A 139 -11.65 -25.92 29.49
CA CYS A 139 -10.36 -25.42 29.97
C CYS A 139 -9.87 -26.27 31.12
N ALA A 140 -10.77 -26.67 32.01
CA ALA A 140 -10.36 -27.44 33.19
C ALA A 140 -9.89 -28.82 32.75
N ALA A 141 -10.62 -29.43 31.81
CA ALA A 141 -10.19 -30.70 31.23
C ALA A 141 -8.82 -30.59 30.51
N PHE A 142 -8.59 -29.51 29.75
CA PHE A 142 -7.26 -29.29 29.14
C PHE A 142 -6.19 -29.16 30.23
N ALA A 143 -6.48 -28.45 31.31
CA ALA A 143 -5.44 -28.24 32.34
C ALA A 143 -5.06 -29.55 33.02
N ASN A 144 -5.99 -30.49 33.10
CA ASN A 144 -5.68 -31.77 33.71
C ASN A 144 -4.62 -32.57 32.95
N HIS A 145 -4.30 -32.19 31.71
CA HIS A 145 -3.22 -32.88 30.99
C HIS A 145 -1.84 -32.31 31.36
N SER A 146 -1.80 -31.47 32.40
CA SER A 146 -0.58 -30.85 32.95
C SER A 146 0.58 -30.68 31.98
N GLY A 147 0.31 -30.14 30.79
CA GLY A 147 1.38 -29.85 29.85
C GLY A 147 1.87 -31.01 28.99
N ARG A 148 1.40 -32.22 29.30
CA ARG A 148 1.74 -33.41 28.51
C ARG A 148 0.98 -33.43 27.18
N PRO A 149 1.64 -33.86 26.10
CA PRO A 149 1.00 -33.91 24.79
C PRO A 149 -0.25 -34.79 24.79
N PHE A 150 -1.29 -34.36 24.06
CA PHE A 150 -2.50 -35.14 23.91
C PHE A 150 -3.24 -34.76 22.62
N ARG A 151 -4.08 -35.66 22.12
CA ARG A 151 -4.97 -35.34 21.02
C ARG A 151 -6.21 -34.64 21.57
N PRO A 152 -6.46 -33.41 21.12
CA PRO A 152 -7.56 -32.56 21.61
C PRO A 152 -8.96 -32.97 21.16
N ASN A 153 -9.04 -33.78 20.11
CA ASN A 153 -10.31 -34.07 19.43
C ASN A 153 -11.43 -34.61 20.32
N GLY A 154 -11.05 -35.55 21.19
CA GLY A 154 -11.97 -36.22 22.09
C GLY A 154 -12.72 -35.20 22.94
N LEU A 155 -11.96 -34.31 23.58
CA LEU A 155 -12.57 -33.33 24.48
C LEU A 155 -13.35 -32.26 23.73
N LEU A 156 -12.88 -31.87 22.54
CA LEU A 156 -13.63 -30.92 21.73
C LEU A 156 -14.99 -31.48 21.37
N ASP A 157 -15.05 -32.76 20.98
CA ASP A 157 -16.31 -33.44 20.68
C ASP A 157 -17.26 -33.37 21.86
N LYS A 158 -16.71 -33.61 23.07
CA LYS A 158 -17.54 -33.63 24.28
C LYS A 158 -18.10 -32.25 24.61
N ALA A 159 -17.26 -31.22 24.50
CA ALA A 159 -17.71 -29.87 24.81
C ALA A 159 -18.83 -29.46 23.85
N VAL A 160 -18.61 -29.72 22.57
CA VAL A 160 -19.54 -29.35 21.51
C VAL A 160 -20.81 -30.19 21.61
N SER A 161 -20.66 -31.44 22.02
CA SER A 161 -21.83 -32.29 22.19
C SER A 161 -22.69 -31.80 23.34
N ASN A 162 -22.05 -31.36 24.43
CA ASN A 162 -22.80 -30.81 25.57
C ASN A 162 -23.52 -29.51 25.26
N VAL A 163 -23.02 -28.73 24.30
CA VAL A 163 -23.78 -27.54 23.90
C VAL A 163 -25.10 -27.95 23.24
N ILE A 164 -25.06 -28.94 22.35
CA ILE A 164 -26.30 -29.46 21.77
C ILE A 164 -27.21 -30.08 22.83
N ALA A 165 -26.61 -30.79 23.78
CA ALA A 165 -27.35 -31.37 24.89
C ALA A 165 -28.06 -30.26 25.64
N SER A 166 -27.35 -29.14 25.84
CA SER A 166 -27.94 -28.00 26.53
C SER A 166 -29.10 -27.38 25.76
N LEU A 167 -28.92 -27.19 24.46
CA LEU A 167 -29.96 -26.64 23.59
C LEU A 167 -31.19 -27.55 23.52
N THR A 168 -30.95 -28.86 23.48
CA THR A 168 -32.02 -29.79 23.16
C THR A 168 -32.71 -30.31 24.40
N CYS A 169 -31.92 -30.63 25.44
CA CYS A 169 -32.46 -31.21 26.66
C CYS A 169 -32.27 -30.33 27.89
N GLY A 170 -31.62 -29.18 27.75
CA GLY A 170 -31.38 -28.34 28.92
C GLY A 170 -30.52 -28.99 30.01
N ARG A 171 -29.52 -29.76 29.60
CA ARG A 171 -28.55 -30.34 30.55
C ARG A 171 -27.23 -30.60 29.84
N ARG A 172 -26.16 -30.75 30.62
CA ARG A 172 -24.91 -31.28 30.08
C ARG A 172 -24.67 -32.66 30.72
N PHE A 173 -23.69 -33.37 30.17
CA PHE A 173 -23.20 -34.59 30.75
C PHE A 173 -21.73 -34.41 31.16
N GLU A 174 -21.33 -35.06 32.23
CA GLU A 174 -19.93 -35.17 32.64
C GLU A 174 -19.08 -35.89 31.58
N TYR A 175 -17.81 -35.49 31.43
CA TYR A 175 -16.95 -36.00 30.35
C TYR A 175 -16.68 -37.50 30.46
N ASP A 176 -17.13 -38.10 31.55
CA ASP A 176 -16.97 -39.54 31.74
C ASP A 176 -18.31 -40.22 32.01
N ASP A 177 -19.41 -39.56 31.68
CA ASP A 177 -20.70 -40.20 31.81
C ASP A 177 -20.80 -41.33 30.77
N PRO A 178 -21.06 -42.57 31.25
CA PRO A 178 -21.13 -43.77 30.41
C PRO A 178 -22.10 -43.65 29.23
N ARG A 179 -23.29 -43.08 29.44
CA ARG A 179 -24.27 -42.95 28.35
C ARG A 179 -23.91 -41.85 27.36
N PHE A 180 -23.28 -40.80 27.89
CA PHE A 180 -22.77 -39.71 27.08
C PHE A 180 -21.70 -40.25 26.12
N LEU A 181 -20.78 -41.05 26.63
CA LEU A 181 -19.72 -41.59 25.80
C LEU A 181 -20.25 -42.58 24.75
N ARG A 182 -21.21 -43.43 25.13
CA ARG A 182 -21.79 -44.35 24.17
C ARG A 182 -22.51 -43.56 23.07
N LEU A 183 -23.26 -42.55 23.46
CA LEU A 183 -23.90 -41.66 22.51
C LEU A 183 -22.91 -41.10 21.47
N LEU A 184 -21.76 -40.59 21.93
CA LEU A 184 -20.79 -40.00 21.01
C LEU A 184 -20.17 -41.10 20.15
N ASP A 185 -19.91 -42.23 20.77
CA ASP A 185 -19.39 -43.38 20.04
C ASP A 185 -20.35 -43.79 18.91
N LEU A 186 -21.64 -43.87 19.24
CA LEU A 186 -22.63 -44.29 18.25
C LEU A 186 -22.66 -43.28 17.11
N ALA A 187 -22.56 -42.01 17.45
CA ALA A 187 -22.59 -40.95 16.46
C ALA A 187 -21.42 -41.04 15.48
N GLN A 188 -20.22 -41.27 16.01
CA GLN A 188 -19.02 -41.46 15.17
C GLN A 188 -19.16 -42.67 14.25
N GLU A 189 -19.66 -43.77 14.78
CA GLU A 189 -19.89 -44.95 13.96
C GLU A 189 -21.01 -44.71 12.94
N GLY A 190 -21.94 -43.83 13.25
CA GLY A 190 -23.05 -43.56 12.37
C GLY A 190 -22.64 -42.68 11.20
N LEU A 191 -21.62 -41.86 11.42
CA LEU A 191 -21.07 -41.04 10.36
C LEU A 191 -20.54 -41.94 9.25
N LYS A 192 -19.89 -43.04 9.64
CA LYS A 192 -19.32 -44.00 8.68
C LYS A 192 -20.41 -44.60 7.78
N GLU A 193 -21.60 -44.81 8.35
CA GLU A 193 -22.69 -45.43 7.62
C GLU A 193 -23.26 -44.54 6.49
N GLU A 194 -22.81 -43.29 6.42
CA GLU A 194 -23.20 -42.43 5.30
C GLU A 194 -22.46 -42.81 4.02
N SER A 195 -21.38 -43.57 4.15
CA SER A 195 -20.64 -44.05 2.99
C SER A 195 -20.73 -45.57 2.92
N GLY A 196 -20.94 -46.09 1.72
CA GLY A 196 -20.98 -47.52 1.55
C GLY A 196 -21.70 -47.98 0.29
N PHE A 197 -21.35 -49.18 -0.15
CA PHE A 197 -21.99 -49.79 -1.30
C PHE A 197 -23.43 -50.16 -0.95
N LEU A 198 -23.61 -50.75 0.21
CA LEU A 198 -24.91 -51.24 0.66
C LEU A 198 -25.98 -50.16 0.62
N ARG A 199 -25.70 -49.02 1.25
CA ARG A 199 -26.66 -47.93 1.28
C ARG A 199 -27.03 -47.47 -0.14
N GLU A 200 -26.07 -47.52 -1.04
CA GLU A 200 -26.28 -47.04 -2.40
C GLU A 200 -27.25 -47.94 -3.15
N VAL A 201 -27.14 -49.25 -2.89
CA VAL A 201 -28.01 -50.23 -3.51
C VAL A 201 -29.43 -50.14 -2.95
N LEU A 202 -29.53 -50.04 -1.64
CA LEU A 202 -30.83 -50.06 -0.98
C LEU A 202 -31.66 -48.83 -1.33
N ASN A 203 -31.00 -47.67 -1.43
CA ASN A 203 -31.64 -46.45 -1.90
C ASN A 203 -32.08 -46.56 -3.36
N ALA A 204 -31.27 -47.26 -4.15
CA ALA A 204 -31.58 -47.45 -5.57
C ALA A 204 -32.80 -48.35 -5.72
N VAL A 205 -32.84 -49.43 -4.94
CA VAL A 205 -33.99 -50.32 -4.95
C VAL A 205 -34.44 -50.62 -3.53
N PRO A 206 -35.30 -49.75 -2.97
CA PRO A 206 -35.86 -49.88 -1.63
C PRO A 206 -36.56 -51.22 -1.40
N VAL A 207 -36.74 -52.00 -2.47
CA VAL A 207 -37.39 -53.29 -2.39
C VAL A 207 -36.51 -54.28 -1.62
N LEU A 208 -35.19 -54.12 -1.73
CA LEU A 208 -34.24 -54.97 -1.02
C LEU A 208 -34.34 -54.83 0.50
N LEU A 209 -35.06 -53.81 0.96
CA LEU A 209 -35.28 -53.61 2.40
C LEU A 209 -36.20 -54.66 3.03
N HIS A 210 -36.87 -55.47 2.21
CA HIS A 210 -37.71 -56.56 2.72
C HIS A 210 -36.88 -57.75 3.18
N ILE A 211 -35.60 -57.75 2.85
CA ILE A 211 -34.69 -58.78 3.35
C ILE A 211 -34.06 -58.29 4.66
N PRO A 212 -34.53 -58.83 5.80
CA PRO A 212 -34.17 -58.37 7.15
C PRO A 212 -32.66 -58.33 7.38
N ALA A 213 -31.96 -59.32 6.82
CA ALA A 213 -30.50 -59.38 6.94
C ALA A 213 -29.85 -58.10 6.45
N LEU A 214 -30.37 -57.55 5.37
CA LEU A 214 -29.85 -56.29 4.83
C LEU A 214 -30.38 -55.10 5.62
N ALA A 215 -31.67 -55.09 5.90
CA ALA A 215 -32.32 -53.96 6.59
C ALA A 215 -31.70 -53.69 7.96
N GLY A 216 -31.33 -54.76 8.67
CA GLY A 216 -30.74 -54.64 9.99
C GLY A 216 -29.30 -54.15 10.00
N LYS A 217 -28.66 -54.14 8.83
CA LYS A 217 -27.23 -53.84 8.76
C LYS A 217 -26.94 -52.43 8.28
N VAL A 218 -27.79 -51.89 7.39
CA VAL A 218 -27.58 -50.58 6.79
C VAL A 218 -27.24 -49.46 7.78
N LEU A 219 -28.09 -49.29 8.77
CA LEU A 219 -28.01 -48.12 9.64
C LEU A 219 -28.04 -48.53 11.10
N ARG A 220 -27.38 -49.64 11.43
CA ARG A 220 -27.47 -50.18 12.78
C ARG A 220 -26.93 -49.22 13.86
N PHE A 221 -25.91 -48.44 13.53
CA PHE A 221 -25.35 -47.49 14.51
C PHE A 221 -26.21 -46.23 14.66
N GLN A 222 -26.76 -45.75 13.55
CA GLN A 222 -27.65 -44.61 13.61
C GLN A 222 -28.94 -44.96 14.34
N LYS A 223 -29.41 -46.19 14.14
CA LYS A 223 -30.60 -46.68 14.81
C LYS A 223 -30.32 -46.85 16.31
N ALA A 224 -29.13 -47.35 16.64
CA ALA A 224 -28.75 -47.47 18.05
C ALA A 224 -28.61 -46.09 18.70
N PHE A 225 -28.12 -45.10 17.95
CA PHE A 225 -28.07 -43.72 18.46
C PHE A 225 -29.47 -43.24 18.87
N LEU A 226 -30.42 -43.38 17.93
CA LEU A 226 -31.79 -42.96 18.16
C LEU A 226 -32.39 -43.67 19.38
N THR A 227 -32.08 -44.95 19.52
CA THR A 227 -32.52 -45.73 20.66
C THR A 227 -31.96 -45.16 21.96
N GLN A 228 -30.67 -44.82 21.96
CA GLN A 228 -30.07 -44.22 23.14
C GLN A 228 -30.72 -42.88 23.40
N LEU A 229 -31.05 -42.17 22.32
CA LEU A 229 -31.68 -40.86 22.40
C LEU A 229 -33.08 -40.92 23.00
N ASP A 230 -33.87 -41.92 22.59
CA ASP A 230 -35.20 -42.17 23.14
C ASP A 230 -35.16 -42.23 24.66
N GLU A 231 -34.17 -42.96 25.17
CA GLU A 231 -34.00 -43.13 26.60
C GLU A 231 -33.77 -41.76 27.27
N LEU A 232 -32.96 -40.90 26.67
CA LEU A 232 -32.75 -39.55 27.20
C LEU A 232 -34.03 -38.69 27.11
N LEU A 233 -34.74 -38.80 25.99
CA LEU A 233 -35.95 -38.01 25.78
C LEU A 233 -37.06 -38.42 26.76
N THR A 234 -37.20 -39.72 27.00
CA THR A 234 -38.15 -40.24 28.00
C THR A 234 -37.86 -39.68 29.40
N GLU A 235 -36.59 -39.66 29.81
CA GLU A 235 -36.23 -39.05 31.09
C GLU A 235 -36.56 -37.55 31.12
N HIS A 236 -36.19 -36.85 30.06
CA HIS A 236 -36.46 -35.42 30.01
C HIS A 236 -37.96 -35.15 30.06
N ARG A 237 -38.74 -36.06 29.48
CA ARG A 237 -40.16 -35.82 29.39
C ARG A 237 -40.77 -35.93 30.78
N MET A 238 -40.12 -36.69 31.66
CA MET A 238 -40.57 -36.81 33.04
C MET A 238 -40.24 -35.55 33.86
N THR A 239 -39.16 -34.84 33.55
CA THR A 239 -38.79 -33.68 34.35
C THR A 239 -39.29 -32.33 33.80
N TRP A 240 -39.77 -32.31 32.56
CA TRP A 240 -40.44 -31.13 31.98
C TRP A 240 -41.46 -30.49 32.93
N ASP A 241 -41.34 -29.18 33.15
CA ASP A 241 -42.38 -28.42 33.86
C ASP A 241 -43.19 -27.59 32.87
N PRO A 242 -44.32 -28.12 32.38
CA PRO A 242 -45.08 -27.41 31.34
C PRO A 242 -45.77 -26.12 31.84
N ALA A 243 -45.72 -25.82 33.15
CA ALA A 243 -46.34 -24.61 33.68
C ALA A 243 -45.36 -23.43 33.59
N GLN A 244 -44.14 -23.74 33.21
CA GLN A 244 -43.12 -22.73 33.05
C GLN A 244 -42.81 -22.58 31.56
N PRO A 245 -42.28 -21.42 31.17
CA PRO A 245 -41.80 -21.27 29.79
C PRO A 245 -40.77 -22.35 29.47
N PRO A 246 -40.74 -22.81 28.21
CA PRO A 246 -39.79 -23.88 27.85
C PRO A 246 -38.34 -23.50 28.13
N ARG A 247 -37.59 -24.41 28.75
CA ARG A 247 -36.18 -24.17 29.08
C ARG A 247 -35.23 -24.51 27.94
N ASP A 248 -35.74 -25.26 26.96
CA ASP A 248 -34.93 -25.80 25.89
C ASP A 248 -35.83 -26.20 24.77
N LEU A 249 -35.24 -26.68 23.70
CA LEU A 249 -35.92 -26.90 22.43
C LEU A 249 -36.86 -28.10 22.47
N THR A 250 -36.47 -29.17 23.15
CA THR A 250 -37.37 -30.32 23.33
C THR A 250 -38.66 -29.89 24.05
N GLU A 251 -38.53 -29.01 25.04
CA GLU A 251 -39.69 -28.56 25.78
C GLU A 251 -40.58 -27.67 24.92
N ALA A 252 -39.95 -26.86 24.08
CA ALA A 252 -40.73 -26.03 23.15
C ALA A 252 -41.51 -26.94 22.19
N PHE A 253 -40.86 -28.00 21.71
CA PHE A 253 -41.46 -28.97 20.80
C PHE A 253 -42.64 -29.72 21.48
N LEU A 254 -42.42 -30.15 22.72
CA LEU A 254 -43.41 -30.92 23.47
C LEU A 254 -44.66 -30.06 23.63
N ALA A 255 -44.46 -28.79 24.00
CA ALA A 255 -45.52 -27.82 24.13
C ALA A 255 -46.28 -27.67 22.80
N GLU A 256 -45.56 -27.60 21.68
CA GLU A 256 -46.21 -27.51 20.37
C GLU A 256 -46.98 -28.80 20.06
N MET A 257 -46.40 -29.93 20.44
CA MET A 257 -47.04 -31.24 20.27
C MET A 257 -48.37 -31.30 21.04
N GLU A 258 -48.42 -30.72 22.24
CA GLU A 258 -49.70 -30.64 22.99
C GLU A 258 -50.76 -29.85 22.20
N LYS A 259 -50.41 -28.67 21.69
CA LYS A 259 -51.37 -27.84 20.95
C LYS A 259 -51.84 -28.50 19.66
N ALA A 260 -51.03 -29.45 19.16
CA ALA A 260 -51.30 -30.10 17.89
C ALA A 260 -51.99 -31.46 18.01
N LYS A 261 -52.32 -31.90 19.23
CA LYS A 261 -53.14 -33.11 19.41
C LYS A 261 -54.48 -32.93 18.69
N GLY A 262 -54.79 -33.85 17.80
CA GLY A 262 -55.98 -33.77 16.97
C GLY A 262 -55.70 -33.24 15.56
N ASN A 263 -54.46 -32.80 15.32
CA ASN A 263 -54.09 -32.24 14.02
C ASN A 263 -53.14 -33.16 13.23
N PRO A 264 -53.68 -33.94 12.30
CA PRO A 264 -52.88 -34.87 11.49
C PRO A 264 -51.98 -34.16 10.46
N GLU A 265 -52.08 -32.84 10.32
CA GLU A 265 -51.20 -32.11 9.40
C GLU A 265 -49.91 -31.66 10.08
N SER A 266 -49.88 -31.74 11.41
CA SER A 266 -48.75 -31.17 12.13
C SER A 266 -47.50 -32.06 12.00
N SER A 267 -46.32 -31.44 12.00
CA SER A 267 -45.06 -32.17 12.03
C SER A 267 -44.56 -32.31 13.46
N PHE A 268 -45.34 -31.78 14.41
CA PHE A 268 -45.01 -31.89 15.83
C PHE A 268 -45.62 -33.16 16.43
N ASN A 269 -44.87 -34.26 16.34
CA ASN A 269 -45.27 -35.54 16.88
C ASN A 269 -44.06 -36.31 17.40
N ASP A 270 -44.30 -37.38 18.14
CA ASP A 270 -43.21 -38.10 18.81
C ASP A 270 -42.22 -38.72 17.82
N GLU A 271 -42.67 -39.09 16.63
CA GLU A 271 -41.76 -39.65 15.65
C GLU A 271 -40.84 -38.60 15.04
N ASN A 272 -41.30 -37.36 14.99
CA ASN A 272 -40.44 -36.30 14.46
C ASN A 272 -39.50 -35.75 15.52
N LEU A 273 -39.94 -35.69 16.78
CA LEU A 273 -39.12 -35.15 17.87
C LEU A 273 -37.73 -35.81 17.88
N ARG A 274 -37.71 -37.13 17.83
CA ARG A 274 -36.44 -37.85 17.94
C ARG A 274 -35.60 -37.61 16.68
N ILE A 275 -36.26 -37.42 15.52
CA ILE A 275 -35.53 -37.14 14.31
C ILE A 275 -34.95 -35.72 14.34
N VAL A 276 -35.76 -34.74 14.73
CA VAL A 276 -35.26 -33.37 14.76
C VAL A 276 -34.07 -33.25 15.72
N VAL A 277 -34.14 -33.93 16.87
CA VAL A 277 -33.09 -33.82 17.86
C VAL A 277 -31.84 -34.55 17.36
N ALA A 278 -32.00 -35.74 16.78
CA ALA A 278 -30.91 -36.43 16.09
C ALA A 278 -30.23 -35.58 14.98
N ASP A 279 -31.03 -34.86 14.20
CA ASP A 279 -30.50 -33.93 13.18
C ASP A 279 -29.65 -32.84 13.83
N LEU A 280 -30.10 -32.30 14.97
CA LEU A 280 -29.31 -31.23 15.58
C LEU A 280 -27.96 -31.77 16.15
N PHE A 281 -27.98 -32.92 16.83
CA PHE A 281 -26.74 -33.56 17.28
C PHE A 281 -25.81 -33.90 16.11
N SER A 282 -26.27 -34.76 15.20
CA SER A 282 -25.42 -35.27 14.15
C SER A 282 -24.99 -34.15 13.16
N ALA A 283 -25.79 -33.10 12.97
CA ALA A 283 -25.33 -31.98 12.14
C ALA A 283 -24.39 -31.03 12.90
N GLY A 284 -24.58 -30.93 14.21
CA GLY A 284 -23.90 -29.93 15.02
C GLY A 284 -22.65 -30.37 15.77
N MET A 285 -22.48 -31.67 16.00
CA MET A 285 -21.30 -32.14 16.72
C MET A 285 -20.06 -32.11 15.83
N VAL A 286 -19.99 -33.03 14.87
CA VAL A 286 -18.78 -33.24 14.08
C VAL A 286 -18.30 -31.96 13.34
N THR A 287 -19.22 -31.07 12.96
CA THR A 287 -18.85 -29.83 12.26
C THR A 287 -18.10 -28.84 13.15
N THR A 288 -18.73 -28.48 14.26
CA THR A 288 -18.17 -27.49 15.17
C THR A 288 -16.87 -28.04 15.78
N SER A 289 -16.86 -29.34 16.06
CA SER A 289 -15.73 -29.97 16.71
C SER A 289 -14.53 -30.01 15.78
N THR A 290 -14.73 -30.52 14.56
CA THR A 290 -13.70 -30.51 13.54
C THR A 290 -13.13 -29.10 13.26
N THR A 291 -14.01 -28.12 13.18
CA THR A 291 -13.59 -26.72 13.04
C THR A 291 -12.66 -26.30 14.18
N LEU A 292 -13.05 -26.62 15.41
CA LEU A 292 -12.20 -26.28 16.54
C LEU A 292 -10.89 -27.05 16.50
N ALA A 293 -10.91 -28.28 15.98
CA ALA A 293 -9.68 -29.04 15.85
C ALA A 293 -8.74 -28.43 14.81
N TRP A 294 -9.30 -27.92 13.70
CA TRP A 294 -8.50 -27.18 12.71
C TRP A 294 -7.88 -25.94 13.37
N GLY A 295 -8.69 -25.26 14.19
CA GLY A 295 -8.29 -24.03 14.84
C GLY A 295 -7.04 -24.21 15.68
N LEU A 296 -7.06 -25.19 16.57
CA LEU A 296 -5.93 -25.43 17.45
C LEU A 296 -4.69 -25.87 16.65
N LEU A 297 -4.90 -26.70 15.63
CA LEU A 297 -3.80 -27.12 14.77
C LEU A 297 -3.12 -25.94 14.06
N LEU A 298 -3.93 -24.99 13.59
CA LEU A 298 -3.37 -23.83 12.91
C LEU A 298 -2.70 -22.88 13.89
N MET A 299 -3.09 -22.93 15.16
CA MET A 299 -2.46 -22.08 16.17
C MET A 299 -1.09 -22.62 16.55
N ILE A 300 -0.89 -23.95 16.49
CA ILE A 300 0.44 -24.48 16.78
C ILE A 300 1.34 -24.45 15.52
N LEU A 301 0.74 -24.47 14.33
CA LEU A 301 1.53 -24.29 13.10
C LEU A 301 1.88 -22.82 12.90
N HIS A 302 1.04 -21.92 13.40
CA HIS A 302 1.32 -20.49 13.26
C HIS A 302 1.26 -19.78 14.60
N PRO A 303 2.25 -20.04 15.46
CA PRO A 303 2.34 -19.50 16.84
C PRO A 303 2.30 -17.98 16.91
N ASP A 304 2.61 -17.31 15.81
CA ASP A 304 2.68 -15.85 15.78
C ASP A 304 1.27 -15.28 15.70
N VAL A 305 0.42 -15.94 14.93
CA VAL A 305 -1.00 -15.62 14.94
C VAL A 305 -1.55 -15.87 16.34
N GLN A 306 -1.18 -17.01 16.92
CA GLN A 306 -1.64 -17.35 18.26
C GLN A 306 -1.32 -16.22 19.25
N ARG A 307 -0.06 -15.78 19.25
CA ARG A 307 0.38 -14.68 20.13
C ARG A 307 -0.39 -13.38 19.90
N ARG A 308 -0.64 -13.03 18.64
CA ARG A 308 -1.44 -11.85 18.35
C ARG A 308 -2.86 -11.99 18.91
N VAL A 309 -3.45 -13.17 18.77
CA VAL A 309 -4.78 -13.39 19.32
C VAL A 309 -4.74 -13.24 20.85
N GLN A 310 -3.70 -13.78 21.47
CA GLN A 310 -3.58 -13.72 22.90
C GLN A 310 -3.30 -12.29 23.38
N GLN A 311 -2.66 -11.50 22.52
CA GLN A 311 -2.45 -10.08 22.81
C GLN A 311 -3.79 -9.32 22.78
N GLU A 312 -4.61 -9.56 21.76
CA GLU A 312 -5.89 -8.89 21.64
C GLU A 312 -6.84 -9.30 22.77
N ILE A 313 -6.77 -10.57 23.17
CA ILE A 313 -7.53 -11.07 24.32
C ILE A 313 -7.12 -10.32 25.60
N ASP A 314 -5.83 -10.24 25.85
CA ASP A 314 -5.34 -9.55 27.04
C ASP A 314 -5.79 -8.09 27.06
N ASP A 315 -5.76 -7.43 25.91
CA ASP A 315 -6.08 -6.00 25.86
C ASP A 315 -7.59 -5.70 25.97
N VAL A 316 -8.43 -6.66 25.60
CA VAL A 316 -9.87 -6.46 25.60
C VAL A 316 -10.56 -7.17 26.76
N ILE A 317 -10.15 -8.40 27.03
CA ILE A 317 -10.83 -9.23 28.02
C ILE A 317 -10.06 -9.28 29.33
N GLY A 318 -8.76 -9.50 29.25
CA GLY A 318 -7.94 -9.69 30.44
C GLY A 318 -7.70 -11.17 30.67
N GLN A 319 -7.23 -11.53 31.85
CA GLN A 319 -6.83 -12.91 32.09
C GLN A 319 -7.67 -13.66 33.12
N VAL A 320 -8.58 -12.97 33.81
CA VAL A 320 -9.50 -13.68 34.72
C VAL A 320 -10.88 -13.87 34.07
N ARG A 321 -11.55 -12.75 33.75
CA ARG A 321 -12.91 -12.74 33.25
C ARG A 321 -13.15 -13.64 32.02
N ARG A 322 -14.25 -14.37 32.04
CA ARG A 322 -14.62 -15.24 30.93
C ARG A 322 -15.03 -14.39 29.71
N PRO A 323 -14.64 -14.84 28.51
CA PRO A 323 -15.05 -14.14 27.29
C PRO A 323 -16.57 -14.09 27.15
N GLU A 324 -17.09 -13.03 26.56
CA GLU A 324 -18.52 -12.91 26.32
C GLU A 324 -18.73 -12.53 24.86
N MET A 325 -19.94 -12.73 24.34
CA MET A 325 -20.21 -12.47 22.93
C MET A 325 -20.05 -10.99 22.60
N GLY A 326 -20.29 -10.13 23.57
CA GLY A 326 -20.11 -8.69 23.40
C GLY A 326 -18.66 -8.28 23.16
N ASP A 327 -17.73 -9.17 23.45
CA ASP A 327 -16.31 -8.90 23.20
C ASP A 327 -15.98 -8.95 21.70
N GLN A 328 -16.74 -9.75 20.96
CA GLN A 328 -16.38 -10.04 19.58
C GLN A 328 -16.33 -8.78 18.72
N ALA A 329 -17.23 -7.84 18.96
CA ALA A 329 -17.29 -6.65 18.14
C ALA A 329 -16.05 -5.81 18.34
N HIS A 330 -15.30 -6.07 19.41
CA HIS A 330 -14.08 -5.34 19.70
C HIS A 330 -12.83 -6.17 19.46
N MET A 331 -12.97 -7.34 18.85
CA MET A 331 -11.79 -8.18 18.60
C MET A 331 -11.69 -8.57 17.13
N PRO A 332 -11.40 -7.56 16.28
CA PRO A 332 -11.34 -7.79 14.84
C PRO A 332 -10.31 -8.84 14.44
N TYR A 333 -9.16 -8.86 15.10
CA TYR A 333 -8.12 -9.83 14.73
C TYR A 333 -8.52 -11.26 15.06
N THR A 334 -9.10 -11.47 16.26
CA THR A 334 -9.53 -12.79 16.66
C THR A 334 -10.67 -13.24 15.74
N THR A 335 -11.51 -12.30 15.34
CA THR A 335 -12.64 -12.62 14.48
C THR A 335 -12.12 -13.03 13.09
N ALA A 336 -11.10 -12.31 12.61
CA ALA A 336 -10.47 -12.68 11.35
C ALA A 336 -9.89 -14.09 11.37
N VAL A 337 -9.17 -14.40 12.46
CA VAL A 337 -8.52 -15.69 12.60
C VAL A 337 -9.55 -16.82 12.59
N ILE A 338 -10.63 -16.64 13.35
CA ILE A 338 -11.66 -17.67 13.41
C ILE A 338 -12.32 -17.87 12.05
N HIS A 339 -12.62 -16.77 11.35
CA HIS A 339 -13.12 -16.87 9.99
C HIS A 339 -12.11 -17.55 9.04
N GLU A 340 -10.83 -17.25 9.19
CA GLU A 340 -9.83 -17.88 8.33
C GLU A 340 -9.66 -19.39 8.65
N VAL A 341 -9.85 -19.77 9.92
CA VAL A 341 -9.86 -21.20 10.26
C VAL A 341 -10.95 -21.95 9.50
N GLN A 342 -12.17 -21.39 9.45
CA GLN A 342 -13.27 -21.97 8.67
C GLN A 342 -13.00 -21.95 7.17
N ARG A 343 -12.44 -20.85 6.68
CA ARG A 343 -12.12 -20.77 5.26
C ARG A 343 -11.05 -21.78 4.85
N PHE A 344 -9.95 -21.81 5.60
CA PHE A 344 -8.85 -22.73 5.31
C PHE A 344 -9.25 -24.17 5.61
N GLY A 345 -9.91 -24.38 6.75
CA GLY A 345 -10.32 -25.72 7.13
C GLY A 345 -11.29 -26.38 6.15
N ASP A 346 -12.28 -25.61 5.69
CA ASP A 346 -13.06 -26.00 4.52
C ASP A 346 -13.65 -27.39 4.73
N ILE A 347 -14.28 -27.57 5.90
CA ILE A 347 -14.64 -28.89 6.42
C ILE A 347 -15.74 -29.61 5.64
N VAL A 348 -16.59 -28.87 4.94
CA VAL A 348 -17.60 -29.52 4.11
C VAL A 348 -17.48 -29.03 2.67
N PRO A 349 -16.42 -29.47 1.98
CA PRO A 349 -16.05 -28.99 0.65
C PRO A 349 -17.18 -29.06 -0.36
N LEU A 350 -18.02 -30.08 -0.28
CA LEU A 350 -19.05 -30.29 -1.29
C LEU A 350 -20.46 -30.02 -0.73
N GLY A 351 -20.51 -29.32 0.39
CA GLY A 351 -21.75 -28.98 1.05
C GLY A 351 -22.70 -30.14 1.31
N VAL A 352 -23.99 -29.87 1.16
CA VAL A 352 -25.02 -30.90 1.25
C VAL A 352 -25.83 -30.84 -0.02
N THR A 353 -26.14 -32.00 -0.60
CA THR A 353 -26.82 -31.99 -1.88
C THR A 353 -28.21 -31.34 -1.78
N HIS A 354 -28.59 -30.68 -2.85
CA HIS A 354 -29.93 -30.14 -3.08
C HIS A 354 -30.56 -30.88 -4.25
N MET A 355 -31.86 -30.76 -4.42
CA MET A 355 -32.50 -31.26 -5.64
C MET A 355 -33.33 -30.14 -6.25
N THR A 356 -33.33 -30.03 -7.57
CA THR A 356 -34.20 -29.01 -8.18
C THR A 356 -35.63 -29.53 -8.24
N SER A 357 -36.59 -28.64 -8.02
CA SER A 357 -37.99 -29.05 -8.11
C SER A 357 -38.68 -28.39 -9.30
N ARG A 358 -37.91 -27.60 -10.06
CA ARG A 358 -38.32 -27.04 -11.34
C ARG A 358 -37.12 -26.90 -12.25
N ASP A 359 -37.37 -26.83 -13.55
CA ASP A 359 -36.33 -26.47 -14.52
C ASP A 359 -35.78 -25.09 -14.21
N ILE A 360 -34.46 -24.94 -14.22
CA ILE A 360 -33.85 -23.64 -13.98
C ILE A 360 -32.68 -23.38 -14.92
N GLU A 361 -32.19 -22.15 -14.87
CA GLU A 361 -31.03 -21.75 -15.66
C GLU A 361 -29.89 -21.35 -14.75
N VAL A 362 -28.71 -21.91 -14.99
CA VAL A 362 -27.51 -21.50 -14.26
C VAL A 362 -26.36 -21.28 -15.23
N GLN A 363 -25.83 -20.06 -15.22
CA GLN A 363 -24.76 -19.66 -16.13
C GLN A 363 -25.14 -19.97 -17.58
N GLY A 364 -26.43 -19.86 -17.87
CA GLY A 364 -26.94 -20.11 -19.21
C GLY A 364 -27.48 -21.51 -19.40
N PHE A 365 -26.85 -22.49 -18.77
CA PHE A 365 -27.19 -23.89 -18.99
C PHE A 365 -28.56 -24.25 -18.42
N ARG A 366 -29.15 -25.28 -19.00
CA ARG A 366 -30.43 -25.80 -18.54
C ARG A 366 -30.26 -26.86 -17.45
N ILE A 367 -30.93 -26.66 -16.31
CA ILE A 367 -30.99 -27.69 -15.27
C ILE A 367 -32.38 -28.26 -15.20
N PRO A 368 -32.53 -29.53 -15.61
CA PRO A 368 -33.84 -30.20 -15.56
C PRO A 368 -34.34 -30.37 -14.14
N LYS A 369 -35.66 -30.38 -13.99
CA LYS A 369 -36.29 -30.73 -12.73
C LYS A 369 -35.72 -32.08 -12.26
N GLY A 370 -35.50 -32.21 -10.96
CA GLY A 370 -35.10 -33.49 -10.39
C GLY A 370 -33.62 -33.80 -10.47
N THR A 371 -32.82 -32.80 -10.83
CA THR A 371 -31.38 -32.96 -10.83
C THR A 371 -30.78 -32.76 -9.44
N THR A 372 -29.90 -33.66 -9.01
CA THR A 372 -29.15 -33.43 -7.79
C THR A 372 -28.12 -32.35 -8.07
N LEU A 373 -28.16 -31.29 -7.27
CA LEU A 373 -27.13 -30.25 -7.32
C LEU A 373 -26.10 -30.45 -6.21
N ILE A 374 -24.83 -30.43 -6.59
CA ILE A 374 -23.75 -30.41 -5.62
C ILE A 374 -23.15 -29.00 -5.61
N THR A 375 -23.15 -28.35 -4.45
CA THR A 375 -22.54 -27.05 -4.31
C THR A 375 -21.09 -27.20 -3.85
N ASN A 376 -20.16 -26.85 -4.73
CA ASN A 376 -18.74 -26.97 -4.38
C ASN A 376 -18.26 -25.79 -3.55
N LEU A 377 -18.51 -25.86 -2.25
CA LEU A 377 -18.21 -24.76 -1.34
C LEU A 377 -16.72 -24.50 -1.27
N SER A 378 -15.94 -25.57 -1.34
CA SER A 378 -14.48 -25.45 -1.42
C SER A 378 -14.07 -24.47 -2.51
N SER A 379 -14.74 -24.53 -3.65
CA SER A 379 -14.35 -23.67 -4.78
C SER A 379 -14.71 -22.21 -4.50
N VAL A 380 -15.55 -21.96 -3.50
CA VAL A 380 -15.91 -20.60 -3.15
C VAL A 380 -14.89 -20.09 -2.14
N LEU A 381 -14.62 -20.92 -1.14
CA LEU A 381 -13.72 -20.59 -0.05
C LEU A 381 -12.27 -20.49 -0.47
N LYS A 382 -11.91 -21.18 -1.55
CA LYS A 382 -10.54 -21.22 -2.07
C LYS A 382 -10.41 -20.55 -3.44
N ASP A 383 -11.43 -19.82 -3.88
CA ASP A 383 -11.40 -19.16 -5.19
C ASP A 383 -10.20 -18.21 -5.31
N GLU A 384 -9.33 -18.49 -6.27
CA GLU A 384 -8.11 -17.70 -6.50
C GLU A 384 -8.36 -16.30 -7.08
N ALA A 385 -9.57 -16.05 -7.58
CA ALA A 385 -9.90 -14.73 -8.11
C ALA A 385 -10.36 -13.81 -6.98
N VAL A 386 -10.73 -14.40 -5.86
CA VAL A 386 -11.32 -13.66 -4.74
C VAL A 386 -10.37 -13.47 -3.55
N TRP A 387 -9.66 -14.53 -3.19
CA TRP A 387 -8.75 -14.51 -2.04
C TRP A 387 -7.28 -14.31 -2.43
N GLU A 388 -6.55 -13.57 -1.60
CA GLU A 388 -5.16 -13.22 -1.85
C GLU A 388 -4.27 -14.45 -2.01
N LYS A 389 -4.34 -15.36 -1.04
CA LYS A 389 -3.60 -16.62 -1.11
C LYS A 389 -4.41 -17.73 -0.49
N PRO A 390 -5.40 -18.22 -1.25
CA PRO A 390 -6.45 -19.12 -0.77
C PRO A 390 -5.93 -20.46 -0.23
N PHE A 391 -4.72 -20.87 -0.61
CA PHE A 391 -4.19 -22.13 -0.09
C PHE A 391 -3.21 -21.92 1.06
N ARG A 392 -3.11 -20.68 1.53
CA ARG A 392 -2.35 -20.39 2.74
C ARG A 392 -3.29 -20.08 3.91
N PHE A 393 -2.80 -20.29 5.13
CA PHE A 393 -3.50 -19.83 6.30
C PHE A 393 -3.19 -18.36 6.52
N HIS A 394 -4.12 -17.49 6.13
CA HIS A 394 -3.81 -16.07 6.03
C HIS A 394 -4.93 -15.20 6.59
N PRO A 395 -4.86 -14.88 7.90
CA PRO A 395 -5.93 -14.15 8.60
C PRO A 395 -6.30 -12.81 7.97
N GLU A 396 -5.33 -12.17 7.29
CA GLU A 396 -5.55 -10.89 6.61
C GLU A 396 -6.55 -10.99 5.45
N HIS A 397 -6.90 -12.22 5.07
CA HIS A 397 -8.08 -12.44 4.22
C HIS A 397 -9.36 -11.79 4.81
N PHE A 398 -9.35 -11.42 6.08
CA PHE A 398 -10.54 -10.88 6.71
C PHE A 398 -10.24 -9.56 7.41
N LEU A 399 -9.08 -9.00 7.08
CA LEU A 399 -8.68 -7.70 7.61
C LEU A 399 -8.36 -6.75 6.47
N ASP A 400 -8.52 -5.45 6.71
CA ASP A 400 -7.92 -4.51 5.77
C ASP A 400 -6.69 -3.92 6.41
N ALA A 401 -6.01 -3.05 5.66
CA ALA A 401 -4.74 -2.49 6.10
C ALA A 401 -4.85 -1.78 7.43
N GLN A 402 -6.05 -1.28 7.74
CA GLN A 402 -6.27 -0.57 8.98
C GLN A 402 -6.46 -1.55 10.14
N GLY A 403 -6.72 -2.81 9.81
CA GLY A 403 -6.95 -3.83 10.82
C GLY A 403 -8.43 -3.97 11.15
N HIS A 404 -9.28 -3.45 10.25
CA HIS A 404 -10.72 -3.64 10.34
C HIS A 404 -11.12 -5.01 9.86
N PHE A 405 -12.04 -5.65 10.57
CA PHE A 405 -12.59 -6.91 10.09
C PHE A 405 -13.53 -6.68 8.91
N VAL A 406 -13.27 -7.38 7.82
CA VAL A 406 -14.13 -7.31 6.64
C VAL A 406 -14.44 -8.74 6.22
N LYS A 407 -15.70 -8.97 5.85
CA LYS A 407 -16.12 -10.31 5.45
C LYS A 407 -16.50 -10.34 3.99
N PRO A 408 -15.66 -10.97 3.15
CA PRO A 408 -15.97 -11.04 1.73
C PRO A 408 -17.21 -11.90 1.49
N GLU A 409 -17.94 -11.59 0.43
CA GLU A 409 -19.13 -12.36 0.09
C GLU A 409 -18.83 -13.84 -0.19
N ALA A 410 -17.59 -14.18 -0.54
CA ALA A 410 -17.20 -15.56 -0.80
C ALA A 410 -17.07 -16.39 0.48
N PHE A 411 -17.19 -15.77 1.64
CA PHE A 411 -17.20 -16.55 2.87
C PHE A 411 -18.54 -17.26 3.00
N LEU A 412 -18.63 -18.46 2.44
CA LEU A 412 -19.85 -19.27 2.50
C LEU A 412 -19.67 -20.64 3.13
N PRO A 413 -18.97 -20.76 4.27
CA PRO A 413 -18.81 -22.11 4.81
C PRO A 413 -20.12 -22.80 5.22
N PHE A 414 -21.19 -22.02 5.36
CA PHE A 414 -22.51 -22.52 5.76
C PHE A 414 -23.50 -22.60 4.59
N SER A 415 -23.01 -22.37 3.37
CA SER A 415 -23.85 -22.34 2.15
C SER A 415 -24.72 -21.09 2.14
N ALA A 416 -25.83 -21.15 1.39
CA ALA A 416 -26.65 -19.98 1.09
C ALA A 416 -28.09 -20.38 0.78
N GLY A 417 -29.01 -19.42 0.81
CA GLY A 417 -30.40 -19.70 0.46
C GLY A 417 -31.22 -20.28 1.59
N ARG A 418 -32.45 -20.68 1.27
CA ARG A 418 -33.42 -21.21 2.26
C ARG A 418 -32.88 -22.35 3.12
N ARG A 419 -31.96 -23.14 2.57
CA ARG A 419 -31.49 -24.33 3.31
C ARG A 419 -30.13 -24.15 4.01
N ALA A 420 -29.56 -22.95 3.92
CA ALA A 420 -28.32 -22.63 4.61
C ALA A 420 -28.35 -23.06 6.09
N CYS A 421 -27.19 -23.51 6.61
CA CYS A 421 -27.06 -23.99 7.99
C CYS A 421 -27.89 -23.18 8.97
N LEU A 422 -28.88 -23.82 9.61
CA LEU A 422 -29.66 -23.11 10.63
C LEU A 422 -28.88 -23.05 11.94
N GLY A 423 -27.81 -23.81 12.02
CA GLY A 423 -26.97 -23.79 13.21
C GLY A 423 -26.02 -22.60 13.25
N GLU A 424 -25.95 -21.84 12.15
CA GLU A 424 -24.87 -20.87 12.01
C GLU A 424 -24.75 -19.89 13.20
N PRO A 425 -25.87 -19.32 13.70
CA PRO A 425 -25.69 -18.42 14.87
C PRO A 425 -25.08 -19.12 16.09
N LEU A 426 -25.46 -20.38 16.34
CA LEU A 426 -24.92 -21.10 17.48
C LEU A 426 -23.46 -21.47 17.26
N ALA A 427 -23.14 -21.90 16.04
CA ALA A 427 -21.79 -22.28 15.69
C ALA A 427 -20.85 -21.08 15.88
N ARG A 428 -21.30 -19.89 15.46
CA ARG A 428 -20.52 -18.68 15.59
C ARG A 428 -20.21 -18.44 17.06
N MET A 429 -21.24 -18.60 17.89
CA MET A 429 -21.07 -18.42 19.32
C MET A 429 -20.06 -19.43 19.90
N GLU A 430 -20.19 -20.69 19.50
CA GLU A 430 -19.30 -21.73 19.96
C GLU A 430 -17.84 -21.53 19.54
N LEU A 431 -17.63 -21.20 18.26
CA LEU A 431 -16.26 -20.98 17.77
C LEU A 431 -15.65 -19.83 18.54
N PHE A 432 -16.35 -18.71 18.67
CA PHE A 432 -15.76 -17.59 19.36
C PHE A 432 -15.52 -17.86 20.85
N LEU A 433 -16.53 -18.40 21.54
CA LEU A 433 -16.37 -18.56 22.98
C LEU A 433 -15.42 -19.71 23.33
N PHE A 434 -15.42 -20.80 22.55
CA PHE A 434 -14.46 -21.89 22.83
C PHE A 434 -13.03 -21.50 22.46
N PHE A 435 -12.85 -20.90 21.28
CA PHE A 435 -11.53 -20.57 20.79
C PHE A 435 -10.84 -19.55 21.69
N THR A 436 -11.55 -18.47 22.03
CA THR A 436 -10.95 -17.40 22.81
C THR A 436 -10.79 -17.81 24.27
N SER A 437 -11.69 -18.63 24.79
CA SER A 437 -11.50 -19.13 26.16
C SER A 437 -10.22 -19.97 26.23
N LEU A 438 -10.05 -20.84 25.25
CA LEU A 438 -8.90 -21.73 25.23
C LEU A 438 -7.58 -20.96 25.11
N LEU A 439 -7.51 -20.00 24.17
CA LEU A 439 -6.28 -19.25 23.96
C LEU A 439 -6.07 -18.24 25.08
N GLN A 440 -7.13 -17.94 25.80
CA GLN A 440 -6.97 -17.08 26.96
C GLN A 440 -6.14 -17.78 28.02
N HIS A 441 -6.41 -19.07 28.26
CA HIS A 441 -5.81 -19.76 29.39
C HIS A 441 -4.59 -20.59 29.05
N PHE A 442 -4.39 -20.88 27.77
CA PHE A 442 -3.33 -21.80 27.37
C PHE A 442 -2.47 -21.31 26.23
N SER A 443 -1.18 -21.64 26.29
CA SER A 443 -0.32 -21.51 25.13
C SER A 443 -0.20 -22.89 24.49
N PHE A 444 -0.43 -22.96 23.18
CA PHE A 444 -0.46 -24.25 22.49
C PHE A 444 0.77 -24.42 21.60
N SER A 445 1.34 -25.62 21.60
CA SER A 445 2.53 -25.87 20.77
C SER A 445 2.65 -27.29 20.25
N VAL A 446 3.48 -27.46 19.23
CA VAL A 446 3.83 -28.80 18.80
C VAL A 446 4.72 -29.41 19.88
N PRO A 447 4.41 -30.65 20.30
CA PRO A 447 5.27 -31.33 21.28
C PRO A 447 6.72 -31.39 20.78
N THR A 448 7.68 -31.17 21.67
CA THR A 448 9.08 -30.95 21.30
C THR A 448 9.85 -32.19 20.85
N GLY A 449 9.20 -33.10 20.16
CA GLY A 449 9.91 -34.24 19.60
C GLY A 449 9.11 -34.91 18.50
N GLN A 450 8.17 -34.16 17.93
CA GLN A 450 7.29 -34.72 16.91
C GLN A 450 7.41 -33.93 15.60
N PRO A 451 7.02 -34.56 14.49
CA PRO A 451 6.98 -33.86 13.19
C PRO A 451 5.96 -32.72 13.20
N ARG A 452 6.30 -31.63 12.53
CA ARG A 452 5.31 -30.60 12.25
C ARG A 452 4.13 -31.28 11.56
N PRO A 453 2.96 -31.28 12.22
CA PRO A 453 1.80 -31.93 11.62
C PRO A 453 1.42 -31.31 10.28
N SER A 454 0.84 -32.11 9.40
CA SER A 454 0.42 -31.60 8.10
C SER A 454 -0.74 -30.62 8.24
N HIS A 455 -0.82 -29.69 7.30
CA HIS A 455 -1.90 -28.73 7.23
C HIS A 455 -2.93 -29.25 6.24
N HIS A 456 -2.63 -30.41 5.65
CA HIS A 456 -3.53 -31.03 4.69
C HIS A 456 -4.53 -31.91 5.39
N GLY A 457 -5.79 -31.77 5.00
CA GLY A 457 -6.85 -32.50 5.65
C GLY A 457 -6.98 -33.94 5.21
N VAL A 458 -7.79 -34.68 5.95
CA VAL A 458 -8.18 -36.03 5.61
C VAL A 458 -9.63 -36.02 5.15
N PHE A 459 -9.87 -36.28 3.86
CA PHE A 459 -11.25 -36.28 3.39
C PHE A 459 -11.99 -37.53 3.86
N ALA A 460 -13.26 -37.34 4.17
CA ALA A 460 -14.15 -38.42 4.57
C ALA A 460 -15.54 -37.85 4.47
N PHE A 461 -16.37 -38.08 5.49
CA PHE A 461 -17.62 -37.36 5.64
C PHE A 461 -17.31 -35.86 5.64
N LEU A 462 -16.50 -35.44 6.61
CA LEU A 462 -15.97 -34.08 6.68
C LEU A 462 -14.50 -34.06 6.27
N VAL A 463 -13.97 -32.88 5.99
CA VAL A 463 -12.53 -32.76 5.88
C VAL A 463 -11.93 -32.36 7.23
N SER A 464 -11.17 -33.26 7.83
CA SER A 464 -10.69 -32.99 9.18
C SER A 464 -9.17 -32.95 9.20
N PRO A 465 -8.59 -32.31 10.24
CA PRO A 465 -7.13 -32.29 10.31
C PRO A 465 -6.56 -33.69 10.44
N SER A 466 -5.42 -33.94 9.81
CA SER A 466 -4.71 -35.20 10.02
C SER A 466 -4.28 -35.18 11.48
N PRO A 467 -4.38 -36.33 12.16
CA PRO A 467 -4.21 -36.42 13.61
C PRO A 467 -2.91 -35.78 14.10
N TYR A 468 -2.98 -35.07 15.21
CA TYR A 468 -1.84 -34.40 15.78
C TYR A 468 -2.01 -34.39 17.28
N GLU A 469 -0.91 -34.17 18.00
CA GLU A 469 -0.97 -33.87 19.43
C GLU A 469 -0.48 -32.46 19.66
N LEU A 470 -0.82 -31.91 20.83
CA LEU A 470 -0.33 -30.59 21.20
C LEU A 470 -0.04 -30.54 22.69
N CYS A 471 0.73 -29.53 23.08
CA CYS A 471 0.93 -29.26 24.48
C CYS A 471 0.13 -28.03 24.82
N ALA A 472 -0.58 -28.08 25.94
CA ALA A 472 -1.32 -26.93 26.43
C ALA A 472 -0.77 -26.52 27.79
N VAL A 473 -0.02 -25.42 27.81
CA VAL A 473 0.53 -24.92 29.07
C VAL A 473 -0.15 -23.60 29.46
N PRO A 474 -0.58 -23.50 30.71
CA PRO A 474 -1.25 -22.32 31.28
C PRO A 474 -0.47 -21.01 31.08
N ARG A 475 -1.17 -19.89 31.16
CA ARG A 475 -0.54 -18.58 31.01
C ARG A 475 -0.60 -17.75 32.30
N LYS B 10 6.57 49.22 -15.98
CA LYS B 10 5.63 48.40 -15.22
C LYS B 10 6.34 47.56 -14.14
N LEU B 11 6.67 48.20 -13.01
CA LEU B 11 7.53 47.57 -12.01
C LEU B 11 6.78 46.58 -11.10
N PRO B 12 7.54 45.68 -10.44
CA PRO B 12 6.92 44.78 -9.47
C PRO B 12 6.37 45.54 -8.27
N PRO B 13 5.25 45.09 -7.72
CA PRO B 13 4.63 45.73 -6.54
C PRO B 13 5.55 45.69 -5.31
N GLY B 14 5.20 46.44 -4.27
CA GLY B 14 5.97 46.43 -3.04
C GLY B 14 5.67 47.61 -2.12
N PRO B 15 6.16 47.54 -0.86
CA PRO B 15 6.04 48.63 0.12
C PRO B 15 7.01 49.79 -0.16
N PHE B 29 16.06 41.14 12.33
CA PHE B 29 16.67 40.44 11.20
C PHE B 29 16.20 39.00 11.11
N GLN B 30 15.89 38.40 12.27
CA GLN B 30 15.52 36.99 12.34
C GLN B 30 14.17 36.70 11.67
N ASN B 31 13.50 37.75 11.25
CA ASN B 31 12.18 37.63 10.67
C ASN B 31 12.18 37.76 9.15
N THR B 32 13.37 37.72 8.55
CA THR B 32 13.50 37.95 7.11
C THR B 32 12.74 36.92 6.25
N PRO B 33 12.92 35.60 6.52
CA PRO B 33 12.14 34.65 5.71
C PRO B 33 10.65 34.77 5.97
N TYR B 34 10.27 35.08 7.21
CA TYR B 34 8.89 35.36 7.57
C TYR B 34 8.40 36.60 6.84
N CYS B 35 9.16 37.68 6.95
CA CYS B 35 8.79 38.94 6.31
C CYS B 35 8.62 38.77 4.81
N PHE B 36 9.53 38.03 4.19
CA PHE B 36 9.46 37.80 2.74
C PHE B 36 8.21 36.98 2.39
N ASP B 37 7.89 36.02 3.25
CA ASP B 37 6.68 35.24 3.09
C ASP B 37 5.42 36.10 3.15
N GLN B 38 5.39 37.03 4.10
CA GLN B 38 4.22 37.90 4.31
C GLN B 38 4.12 38.94 3.22
N LEU B 39 5.28 39.36 2.71
CA LEU B 39 5.32 40.31 1.60
C LEU B 39 4.90 39.60 0.32
N ARG B 40 5.22 38.32 0.23
CA ARG B 40 4.84 37.53 -0.93
C ARG B 40 3.33 37.37 -1.05
N ARG B 41 2.66 37.24 0.09
CA ARG B 41 1.21 37.07 0.09
C ARG B 41 0.51 38.32 -0.45
N ARG B 42 0.99 39.50 -0.04
CA ARG B 42 0.36 40.74 -0.47
C ARG B 42 0.70 41.12 -1.91
N PHE B 43 1.92 40.81 -2.34
CA PHE B 43 2.39 41.32 -3.63
C PHE B 43 2.65 40.23 -4.67
N GLY B 44 2.69 38.98 -4.23
CA GLY B 44 2.91 37.90 -5.15
C GLY B 44 4.34 37.40 -5.15
N ASP B 45 4.65 36.62 -6.17
CA ASP B 45 5.92 35.90 -6.23
C ASP B 45 7.10 36.82 -6.52
N VAL B 46 6.81 37.94 -7.16
CA VAL B 46 7.83 38.90 -7.56
C VAL B 46 7.51 40.27 -7.00
N PHE B 47 8.32 40.74 -6.06
CA PHE B 47 8.04 42.04 -5.46
C PHE B 47 9.29 42.87 -5.24
N SER B 48 9.07 44.18 -5.17
CA SER B 48 10.14 45.16 -5.04
C SER B 48 10.43 45.48 -3.57
N LEU B 49 11.63 45.97 -3.32
CA LEU B 49 12.03 46.35 -1.98
C LEU B 49 13.24 47.28 -2.02
N GLN B 50 13.29 48.23 -1.09
CA GLN B 50 14.44 49.13 -0.98
C GLN B 50 15.29 48.76 0.22
N LEU B 51 16.51 48.28 -0.05
CA LEU B 51 17.41 47.87 1.02
C LEU B 51 18.62 48.78 1.05
N ALA B 52 18.69 49.62 2.09
CA ALA B 52 19.67 50.71 2.20
C ALA B 52 19.49 51.68 1.03
N TRP B 53 20.47 51.73 0.13
CA TRP B 53 20.41 52.60 -1.03
C TRP B 53 20.14 51.79 -2.31
N THR B 54 19.95 50.49 -2.14
CA THR B 54 19.79 49.56 -3.26
C THR B 54 18.33 49.20 -3.55
N PRO B 55 17.92 49.34 -4.83
CA PRO B 55 16.66 48.75 -5.26
C PRO B 55 16.83 47.23 -5.44
N VAL B 56 15.89 46.47 -4.90
CA VAL B 56 15.99 45.02 -4.87
C VAL B 56 14.71 44.37 -5.35
N VAL B 57 14.82 43.36 -6.20
CA VAL B 57 13.69 42.54 -6.59
C VAL B 57 13.84 41.13 -6.03
N VAL B 58 12.90 40.73 -5.16
CA VAL B 58 12.95 39.41 -4.55
C VAL B 58 12.10 38.42 -5.36
N LEU B 59 12.71 37.29 -5.71
CA LEU B 59 12.00 36.25 -6.46
C LEU B 59 11.65 35.06 -5.56
N ASN B 60 10.36 34.72 -5.52
CA ASN B 60 9.91 33.57 -4.73
C ASN B 60 9.28 32.49 -5.60
N GLY B 61 9.48 31.23 -5.21
CA GLY B 61 8.92 30.11 -5.93
C GLY B 61 9.74 29.73 -7.15
N LEU B 62 9.56 28.51 -7.62
CA LEU B 62 10.34 27.97 -8.72
C LEU B 62 10.12 28.75 -10.02
N ALA B 63 8.85 28.99 -10.38
CA ALA B 63 8.51 29.68 -11.63
C ALA B 63 9.27 30.99 -11.78
N ALA B 64 9.14 31.89 -10.80
CA ALA B 64 9.88 33.15 -10.81
C ALA B 64 11.41 32.96 -10.90
N VAL B 65 11.95 32.02 -10.15
CA VAL B 65 13.39 31.82 -10.12
C VAL B 65 13.90 31.29 -11.46
N ARG B 66 13.17 30.34 -12.03
CA ARG B 66 13.56 29.80 -13.32
C ARG B 66 13.43 30.84 -14.42
N GLU B 67 12.36 31.62 -14.39
CA GLU B 67 12.13 32.62 -15.43
C GLU B 67 13.30 33.61 -15.48
N ALA B 68 13.71 34.08 -14.32
CA ALA B 68 14.85 35.00 -14.24
C ALA B 68 16.16 34.32 -14.55
N LEU B 69 16.48 33.26 -13.81
CA LEU B 69 17.83 32.69 -13.84
C LEU B 69 18.09 31.77 -15.03
N VAL B 70 17.04 31.22 -15.62
CA VAL B 70 17.18 30.28 -16.72
C VAL B 70 16.66 30.87 -18.03
N THR B 71 15.37 31.21 -18.04
CA THR B 71 14.73 31.72 -19.24
C THR B 71 15.32 33.08 -19.66
N HIS B 72 15.70 33.92 -18.69
CA HIS B 72 16.44 35.15 -18.99
C HIS B 72 17.87 35.06 -18.45
N GLY B 73 18.37 33.83 -18.28
CA GLY B 73 19.69 33.56 -17.72
C GLY B 73 20.83 34.38 -18.28
N GLU B 74 20.77 34.66 -19.59
CA GLU B 74 21.72 35.52 -20.28
C GLU B 74 21.85 36.91 -19.66
N ASP B 75 20.74 37.41 -19.10
CA ASP B 75 20.68 38.78 -18.59
C ASP B 75 20.66 38.87 -17.07
N THR B 76 20.71 37.74 -16.39
CA THR B 76 20.63 37.75 -14.94
C THR B 76 21.86 37.06 -14.35
N ALA B 77 22.95 37.05 -15.11
CA ALA B 77 24.17 36.33 -14.72
C ALA B 77 25.28 37.25 -14.24
N ASP B 78 24.92 38.48 -13.90
CA ASP B 78 25.87 39.45 -13.40
C ASP B 78 25.77 39.53 -11.86
N ARG B 79 26.81 40.04 -11.22
CA ARG B 79 26.81 40.29 -9.78
C ARG B 79 26.77 41.79 -9.48
N PRO B 80 26.15 42.19 -8.36
CA PRO B 80 26.22 43.60 -7.96
C PRO B 80 27.65 43.96 -7.58
N PRO B 81 28.16 45.11 -8.06
CA PRO B 81 29.57 45.45 -7.79
C PRO B 81 29.83 45.55 -6.30
N VAL B 82 31.05 45.24 -5.86
CA VAL B 82 31.42 45.33 -4.47
C VAL B 82 32.73 46.09 -4.34
N PRO B 83 32.65 47.42 -4.13
CA PRO B 83 33.86 48.26 -4.14
C PRO B 83 34.97 47.82 -3.18
N ILE B 84 34.65 47.31 -2.00
CA ILE B 84 35.73 47.00 -1.06
C ILE B 84 36.65 45.87 -1.52
N THR B 85 36.27 45.12 -2.54
CA THR B 85 37.17 44.08 -3.06
C THR B 85 38.49 44.65 -3.62
N GLN B 86 38.59 45.97 -3.80
CA GLN B 86 39.88 46.58 -4.11
C GLN B 86 40.90 46.28 -3.02
N ILE B 87 40.42 46.21 -1.78
CA ILE B 87 41.25 45.92 -0.63
C ILE B 87 41.92 44.56 -0.74
N LEU B 88 41.25 43.62 -1.39
CA LEU B 88 41.76 42.25 -1.53
C LEU B 88 42.54 42.03 -2.83
N GLY B 89 42.77 43.09 -3.61
CA GLY B 89 43.56 42.96 -4.81
C GLY B 89 42.82 42.62 -6.10
N PHE B 90 41.50 42.85 -6.11
CA PHE B 90 40.70 42.68 -7.31
C PHE B 90 41.06 43.73 -8.37
N GLY B 91 40.82 43.40 -9.64
CA GLY B 91 41.01 44.31 -10.75
C GLY B 91 40.27 43.77 -11.96
N PRO B 92 40.25 44.53 -13.07
CA PRO B 92 39.52 44.13 -14.28
C PRO B 92 39.81 42.70 -14.78
N ARG B 93 41.06 42.26 -14.74
CA ARG B 93 41.35 40.89 -15.18
C ARG B 93 41.71 40.02 -13.98
N SER B 94 41.18 40.37 -12.81
CA SER B 94 41.49 39.68 -11.57
C SER B 94 40.30 39.73 -10.62
N GLN B 95 39.26 39.04 -11.03
CA GLN B 95 37.96 39.18 -10.40
C GLN B 95 37.53 37.90 -9.67
N GLY B 96 38.36 36.87 -9.69
CA GLY B 96 37.95 35.58 -9.15
C GLY B 96 36.84 34.96 -10.00
N VAL B 97 36.01 34.14 -9.36
CA VAL B 97 34.88 33.53 -10.05
C VAL B 97 33.59 34.00 -9.43
N PHE B 98 33.54 33.91 -8.11
CA PHE B 98 32.30 34.08 -7.37
C PHE B 98 31.67 35.46 -7.53
N LEU B 99 32.47 36.52 -7.35
CA LEU B 99 31.95 37.87 -7.46
C LEU B 99 32.22 38.52 -8.82
N ALA B 100 32.87 37.80 -9.71
CA ALA B 100 33.26 38.36 -11.02
C ALA B 100 32.05 38.90 -11.78
N ARG B 101 32.19 40.08 -12.37
CA ARG B 101 31.10 40.64 -13.15
C ARG B 101 30.82 39.76 -14.37
N TYR B 102 29.59 39.76 -14.85
CA TYR B 102 29.30 39.04 -16.08
C TYR B 102 30.11 39.62 -17.26
N GLY B 103 30.89 38.76 -17.90
CA GLY B 103 31.83 39.16 -18.94
C GLY B 103 32.97 38.16 -19.05
N PRO B 104 34.01 38.49 -19.81
CA PRO B 104 35.16 37.60 -20.06
C PRO B 104 35.93 37.09 -18.81
N ALA B 105 36.27 37.98 -17.88
CA ALA B 105 37.00 37.58 -16.67
C ALA B 105 36.24 36.49 -15.92
N TRP B 106 34.91 36.60 -15.85
CA TRP B 106 34.12 35.58 -15.17
C TRP B 106 34.03 34.31 -16.02
N ARG B 107 33.70 34.48 -17.29
CA ARG B 107 33.40 33.34 -18.13
C ARG B 107 34.64 32.46 -18.34
N GLU B 108 35.79 33.08 -18.48
CA GLU B 108 37.00 32.29 -18.67
C GLU B 108 37.30 31.48 -17.39
N GLN B 109 37.17 32.10 -16.22
CA GLN B 109 37.44 31.37 -14.99
C GLN B 109 36.35 30.32 -14.66
N ARG B 110 35.09 30.63 -14.97
CA ARG B 110 34.00 29.66 -14.83
C ARG B 110 34.30 28.40 -15.60
N ARG B 111 34.66 28.54 -16.87
CA ARG B 111 34.92 27.37 -17.70
C ARG B 111 36.17 26.62 -17.20
N PHE B 112 37.16 27.36 -16.70
CA PHE B 112 38.38 26.72 -16.25
C PHE B 112 38.14 25.85 -15.02
N SER B 113 37.43 26.40 -14.03
CA SER B 113 37.10 25.62 -12.84
C SER B 113 36.18 24.46 -13.17
N VAL B 114 35.16 24.70 -13.98
CA VAL B 114 34.24 23.63 -14.33
C VAL B 114 34.99 22.51 -15.04
N SER B 115 35.75 22.84 -16.07
CA SER B 115 36.59 21.86 -16.75
C SER B 115 37.56 21.13 -15.84
N THR B 116 38.31 21.88 -15.06
CA THR B 116 39.33 21.30 -14.18
C THR B 116 38.70 20.32 -13.17
N LEU B 117 37.58 20.71 -12.58
CA LEU B 117 36.86 19.82 -11.66
C LEU B 117 36.45 18.53 -12.37
N ARG B 118 35.98 18.68 -13.60
CA ARG B 118 35.57 17.53 -14.41
C ARG B 118 36.77 16.66 -14.79
N ASN B 119 37.87 17.30 -15.15
CA ASN B 119 39.09 16.58 -15.53
C ASN B 119 39.75 15.87 -14.34
N LEU B 120 39.79 16.55 -13.20
CA LEU B 120 40.52 16.05 -12.04
C LEU B 120 39.92 14.76 -11.51
N GLY B 121 38.64 14.54 -11.76
CA GLY B 121 38.00 13.31 -11.35
C GLY B 121 38.38 12.11 -12.20
N LEU B 122 39.44 12.25 -13.00
CA LEU B 122 39.83 11.23 -13.98
C LEU B 122 41.34 10.97 -14.00
N GLY B 123 42.14 11.88 -13.44
CA GLY B 123 43.59 11.82 -13.54
C GLY B 123 44.33 10.72 -12.79
N LYS B 124 45.65 10.90 -12.65
CA LYS B 124 46.50 9.91 -11.96
C LYS B 124 46.12 9.79 -10.49
N LYS B 125 45.86 10.95 -9.88
CA LYS B 125 45.27 11.04 -8.56
C LYS B 125 43.94 11.81 -8.70
N SER B 126 42.83 11.15 -8.42
CA SER B 126 41.51 11.75 -8.67
C SER B 126 40.89 12.36 -7.42
N LEU B 127 39.86 13.19 -7.63
CA LEU B 127 39.14 13.81 -6.52
C LEU B 127 38.51 12.75 -5.64
N GLU B 128 37.92 11.74 -6.27
CA GLU B 128 37.22 10.68 -5.54
C GLU B 128 38.16 10.00 -4.54
N GLN B 129 39.39 9.76 -4.98
CA GLN B 129 40.38 9.14 -4.13
C GLN B 129 40.76 10.05 -2.96
N TRP B 130 40.92 11.34 -3.23
CA TRP B 130 41.26 12.28 -2.17
C TRP B 130 40.13 12.31 -1.15
N VAL B 131 38.90 12.32 -1.66
CA VAL B 131 37.73 12.36 -0.80
C VAL B 131 37.57 11.09 0.02
N THR B 132 37.78 9.94 -0.61
CA THR B 132 37.66 8.66 0.10
C THR B 132 38.72 8.56 1.21
N GLU B 133 39.92 9.05 0.93
CA GLU B 133 41.01 9.03 1.91
C GLU B 133 40.71 9.98 3.06
N GLU B 134 40.10 11.11 2.76
CA GLU B 134 39.74 12.07 3.78
C GLU B 134 38.61 11.50 4.67
N ALA B 135 37.68 10.76 4.06
CA ALA B 135 36.60 10.12 4.80
C ALA B 135 37.18 9.14 5.82
N ALA B 136 38.17 8.35 5.40
CA ALA B 136 38.82 7.42 6.32
C ALA B 136 39.55 8.16 7.46
N CYS B 137 40.25 9.26 7.14
CA CYS B 137 40.86 10.11 8.16
C CYS B 137 39.80 10.67 9.13
N LEU B 138 38.67 11.11 8.57
CA LEU B 138 37.57 11.62 9.38
C LEU B 138 37.00 10.54 10.30
N CYS B 139 36.84 9.33 9.77
CA CYS B 139 36.36 8.21 10.58
C CYS B 139 37.31 7.93 11.73
N ALA B 140 38.61 7.96 11.46
CA ALA B 140 39.60 7.71 12.52
C ALA B 140 39.58 8.81 13.57
N ALA B 141 39.46 10.06 13.15
CA ALA B 141 39.35 11.17 14.10
C ALA B 141 38.13 10.97 15.01
N PHE B 142 36.99 10.64 14.39
CA PHE B 142 35.77 10.31 15.12
C PHE B 142 35.99 9.20 16.13
N ALA B 143 36.61 8.10 15.69
CA ALA B 143 36.85 6.96 16.59
C ALA B 143 37.66 7.37 17.81
N ASN B 144 38.61 8.29 17.62
CA ASN B 144 39.49 8.69 18.72
C ASN B 144 38.77 9.40 19.86
N HIS B 145 37.50 9.77 19.67
CA HIS B 145 36.72 10.27 20.79
C HIS B 145 36.18 9.11 21.64
N SER B 146 36.22 7.90 21.08
CA SER B 146 35.85 6.67 21.77
C SER B 146 34.57 6.76 22.59
N GLY B 147 33.44 6.92 21.92
CA GLY B 147 32.14 6.91 22.56
C GLY B 147 31.79 8.18 23.32
N ARG B 148 32.81 8.94 23.71
CA ARG B 148 32.59 10.21 24.40
C ARG B 148 31.82 11.19 23.53
N PRO B 149 31.03 12.09 24.16
CA PRO B 149 30.26 13.09 23.42
C PRO B 149 31.10 14.29 22.99
N PHE B 150 30.81 14.82 21.79
CA PHE B 150 31.60 15.91 21.22
C PHE B 150 30.85 16.64 20.12
N ARG B 151 31.24 17.91 19.89
CA ARG B 151 30.77 18.70 18.77
C ARG B 151 31.49 18.29 17.50
N PRO B 152 30.78 17.63 16.57
CA PRO B 152 31.41 17.15 15.32
C PRO B 152 31.80 18.26 14.35
N ASN B 153 31.41 19.49 14.65
CA ASN B 153 31.58 20.61 13.71
C ASN B 153 33.04 20.88 13.34
N GLY B 154 33.92 20.88 14.33
CA GLY B 154 35.34 21.09 14.15
C GLY B 154 35.93 20.12 13.15
N LEU B 155 35.66 18.83 13.37
CA LEU B 155 36.21 17.78 12.52
C LEU B 155 35.68 17.85 11.10
N LEU B 156 34.38 18.10 10.97
CA LEU B 156 33.75 18.22 9.66
C LEU B 156 34.39 19.34 8.83
N ASP B 157 34.65 20.48 9.46
CA ASP B 157 35.32 21.60 8.79
C ASP B 157 36.68 21.17 8.22
N LYS B 158 37.47 20.44 9.02
CA LYS B 158 38.82 20.04 8.62
C LYS B 158 38.80 19.08 7.42
N ALA B 159 37.91 18.10 7.46
CA ALA B 159 37.86 17.09 6.39
C ALA B 159 37.44 17.72 5.07
N VAL B 160 36.43 18.55 5.13
CA VAL B 160 35.96 19.26 3.95
C VAL B 160 36.97 20.30 3.45
N SER B 161 37.65 20.95 4.39
CA SER B 161 38.71 21.89 4.02
C SER B 161 39.86 21.18 3.31
N ASN B 162 40.17 19.96 3.76
CA ASN B 162 41.24 19.17 3.15
C ASN B 162 40.88 18.73 1.75
N VAL B 163 39.60 18.57 1.48
CA VAL B 163 39.17 18.21 0.13
C VAL B 163 39.45 19.37 -0.83
N ILE B 164 39.20 20.61 -0.41
CA ILE B 164 39.57 21.77 -1.23
C ILE B 164 41.10 21.90 -1.39
N ALA B 165 41.82 21.63 -0.30
CA ALA B 165 43.28 21.69 -0.33
C ALA B 165 43.78 20.73 -1.39
N SER B 166 43.18 19.55 -1.38
CA SER B 166 43.47 18.50 -2.33
C SER B 166 43.18 18.99 -3.73
N LEU B 167 41.98 19.51 -3.92
CA LEU B 167 41.55 20.03 -5.21
C LEU B 167 42.54 21.08 -5.72
N THR B 168 42.90 22.02 -4.85
CA THR B 168 43.55 23.23 -5.29
C THR B 168 45.08 23.09 -5.20
N CYS B 169 45.59 22.42 -4.15
CA CYS B 169 47.04 22.34 -3.94
C CYS B 169 47.61 20.91 -4.08
N GLY B 170 46.77 19.89 -4.27
CA GLY B 170 47.29 18.52 -4.36
C GLY B 170 47.89 17.97 -3.06
N ARG B 171 47.40 18.46 -1.92
CA ARG B 171 47.90 17.99 -0.60
C ARG B 171 46.78 18.05 0.42
N ARG B 172 46.89 17.28 1.50
CA ARG B 172 46.05 17.54 2.66
C ARG B 172 46.92 18.05 3.80
N PHE B 173 46.26 18.33 4.94
CA PHE B 173 46.93 18.78 6.16
C PHE B 173 46.53 17.90 7.33
N GLU B 174 47.48 17.62 8.22
CA GLU B 174 47.15 16.95 9.48
C GLU B 174 46.16 17.79 10.26
N TYR B 175 45.26 17.13 10.97
CA TYR B 175 44.16 17.80 11.65
C TYR B 175 44.66 18.71 12.77
N ASP B 176 45.94 18.55 13.11
CA ASP B 176 46.52 19.34 14.20
C ASP B 176 47.56 20.31 13.68
N ASP B 177 47.57 20.52 12.38
CA ASP B 177 48.58 21.36 11.73
C ASP B 177 48.30 22.85 11.98
N PRO B 178 49.25 23.54 12.65
CA PRO B 178 49.15 24.95 13.04
C PRO B 178 48.67 25.87 11.92
N ARG B 179 49.37 25.81 10.78
CA ARG B 179 49.03 26.59 9.59
C ARG B 179 47.62 26.29 9.08
N PHE B 180 47.28 25.01 9.04
CA PHE B 180 45.98 24.56 8.61
C PHE B 180 44.89 25.14 9.52
N LEU B 181 45.10 25.00 10.82
CA LEU B 181 44.16 25.53 11.80
C LEU B 181 44.01 27.06 11.72
N ARG B 182 45.11 27.77 11.50
CA ARG B 182 45.07 29.23 11.39
C ARG B 182 44.26 29.65 10.18
N LEU B 183 44.54 29.01 9.04
CA LEU B 183 43.74 29.20 7.84
C LEU B 183 42.24 29.03 8.12
N LEU B 184 41.87 27.97 8.84
CA LEU B 184 40.46 27.71 9.16
C LEU B 184 39.88 28.79 10.05
N ASP B 185 40.62 29.15 11.09
CA ASP B 185 40.19 30.21 11.98
C ASP B 185 39.97 31.52 11.21
N LEU B 186 40.90 31.87 10.33
CA LEU B 186 40.79 33.10 9.58
C LEU B 186 39.55 33.09 8.69
N ALA B 187 39.22 31.94 8.12
CA ALA B 187 38.04 31.82 7.26
C ALA B 187 36.73 31.99 8.02
N GLN B 188 36.68 31.45 9.24
CA GLN B 188 35.50 31.59 10.06
C GLN B 188 35.29 33.05 10.40
N GLU B 189 36.37 33.74 10.80
CA GLU B 189 36.27 35.14 11.15
C GLU B 189 35.94 36.01 9.94
N GLY B 190 36.51 35.67 8.78
CA GLY B 190 36.32 36.45 7.57
C GLY B 190 34.90 36.35 7.06
N LEU B 191 34.24 35.24 7.35
CA LEU B 191 32.85 35.04 6.98
C LEU B 191 31.97 36.06 7.70
N LYS B 192 32.32 36.37 8.94
CA LYS B 192 31.64 37.39 9.72
C LYS B 192 31.74 38.77 9.09
N GLU B 193 32.79 39.02 8.32
CA GLU B 193 33.01 40.35 7.75
C GLU B 193 32.08 40.62 6.57
N GLU B 194 31.30 39.62 6.16
CA GLU B 194 30.29 39.81 5.14
C GLU B 194 29.11 40.59 5.67
N SER B 195 28.97 40.59 6.98
CA SER B 195 27.82 41.20 7.65
C SER B 195 28.24 42.25 8.67
N GLY B 196 28.92 43.29 8.21
CA GLY B 196 29.19 44.45 9.05
C GLY B 196 28.38 45.62 8.54
N PHE B 197 28.44 46.74 9.26
CA PHE B 197 27.77 47.94 8.78
C PHE B 197 28.77 48.88 8.12
N LEU B 198 30.02 48.76 8.56
CA LEU B 198 31.10 49.55 7.97
C LEU B 198 31.26 49.23 6.49
N ARG B 199 31.13 47.96 6.13
CA ARG B 199 31.28 47.56 4.74
C ARG B 199 30.16 48.16 3.86
N GLU B 200 28.97 48.30 4.43
CA GLU B 200 27.85 48.90 3.71
C GLU B 200 28.19 50.34 3.32
N VAL B 201 28.80 51.06 4.24
CA VAL B 201 29.16 52.45 4.00
C VAL B 201 30.29 52.52 3.00
N LEU B 202 31.32 51.70 3.22
CA LEU B 202 32.49 51.72 2.36
C LEU B 202 32.13 51.35 0.93
N ASN B 203 31.24 50.37 0.77
CA ASN B 203 30.72 50.02 -0.55
C ASN B 203 29.89 51.14 -1.17
N ALA B 204 29.09 51.80 -0.33
CA ALA B 204 28.26 52.90 -0.80
C ALA B 204 29.12 54.11 -1.16
N VAL B 205 30.14 54.37 -0.36
CA VAL B 205 31.00 55.54 -0.61
C VAL B 205 32.48 55.13 -0.61
N PRO B 206 32.92 54.48 -1.71
CA PRO B 206 34.27 53.90 -1.84
C PRO B 206 35.40 54.88 -1.51
N VAL B 207 35.18 56.17 -1.68
CA VAL B 207 36.22 57.15 -1.40
C VAL B 207 36.65 57.12 0.06
N LEU B 208 35.76 56.67 0.96
CA LEU B 208 36.10 56.55 2.37
C LEU B 208 37.28 55.59 2.63
N LEU B 209 37.59 54.74 1.65
CA LEU B 209 38.72 53.82 1.75
C LEU B 209 40.08 54.54 1.68
N HIS B 210 40.06 55.83 1.33
CA HIS B 210 41.28 56.66 1.36
C HIS B 210 41.69 56.95 2.79
N ILE B 211 40.78 56.67 3.73
CA ILE B 211 41.11 56.72 5.14
C ILE B 211 41.63 55.34 5.56
N PRO B 212 42.95 55.25 5.81
CA PRO B 212 43.62 53.96 6.07
C PRO B 212 43.13 53.26 7.35
N ALA B 213 42.56 54.04 8.28
CA ALA B 213 42.00 53.46 9.50
C ALA B 213 40.81 52.56 9.14
N LEU B 214 39.90 53.09 8.33
CA LEU B 214 38.73 52.35 7.89
C LEU B 214 39.10 51.17 6.99
N ALA B 215 39.96 51.44 6.01
CA ALA B 215 40.33 50.43 5.02
C ALA B 215 41.08 49.26 5.66
N GLY B 216 41.92 49.57 6.65
CA GLY B 216 42.75 48.56 7.28
C GLY B 216 42.09 47.80 8.42
N LYS B 217 40.76 47.73 8.40
CA LYS B 217 40.04 47.08 9.48
C LYS B 217 38.86 46.28 8.96
N VAL B 218 38.28 46.74 7.84
CA VAL B 218 37.00 46.21 7.38
C VAL B 218 37.08 44.76 6.89
N LEU B 219 38.20 44.40 6.27
CA LEU B 219 38.37 43.03 5.78
C LEU B 219 39.64 42.40 6.30
N ARG B 220 40.00 42.69 7.55
CA ARG B 220 41.33 42.31 8.02
C ARG B 220 41.52 40.79 8.09
N PHE B 221 40.44 40.05 8.39
CA PHE B 221 40.54 38.61 8.44
C PHE B 221 40.61 37.97 7.07
N GLN B 222 39.82 38.49 6.11
CA GLN B 222 39.87 37.97 4.75
C GLN B 222 41.25 38.23 4.14
N LYS B 223 41.85 39.38 4.48
CA LYS B 223 43.20 39.71 4.00
C LYS B 223 44.25 38.80 4.62
N ALA B 224 44.12 38.54 5.92
CA ALA B 224 45.03 37.64 6.60
C ALA B 224 44.92 36.24 6.00
N PHE B 225 43.71 35.83 5.64
CA PHE B 225 43.52 34.55 4.99
C PHE B 225 44.31 34.51 3.68
N LEU B 226 44.14 35.56 2.86
CA LEU B 226 44.83 35.62 1.59
C LEU B 226 46.35 35.64 1.79
N THR B 227 46.82 36.31 2.82
CA THR B 227 48.24 36.34 3.12
C THR B 227 48.75 34.93 3.45
N GLN B 228 48.03 34.21 4.32
CA GLN B 228 48.36 32.83 4.62
C GLN B 228 48.32 31.96 3.35
N LEU B 229 47.31 32.20 2.52
CA LEU B 229 47.16 31.46 1.27
C LEU B 229 48.34 31.64 0.31
N ASP B 230 48.78 32.90 0.15
CA ASP B 230 49.98 33.25 -0.62
C ASP B 230 51.19 32.38 -0.25
N GLU B 231 51.36 32.18 1.05
CA GLU B 231 52.47 31.42 1.55
C GLU B 231 52.40 29.96 1.06
N LEU B 232 51.19 29.40 1.05
CA LEU B 232 50.99 28.03 0.58
C LEU B 232 51.17 27.96 -0.95
N LEU B 233 50.63 28.94 -1.65
CA LEU B 233 50.80 29.01 -3.10
C LEU B 233 52.29 29.11 -3.49
N THR B 234 53.07 29.88 -2.73
CA THR B 234 54.49 30.04 -3.03
C THR B 234 55.24 28.71 -2.86
N GLU B 235 54.92 27.99 -1.79
CA GLU B 235 55.44 26.64 -1.56
C GLU B 235 55.08 25.69 -2.70
N HIS B 236 53.81 25.71 -3.10
CA HIS B 236 53.33 24.82 -4.15
C HIS B 236 53.98 25.12 -5.49
N ARG B 237 54.37 26.37 -5.70
CA ARG B 237 54.93 26.80 -6.96
C ARG B 237 56.32 26.20 -7.08
N MET B 238 56.97 25.98 -5.94
CA MET B 238 58.28 25.37 -5.87
C MET B 238 58.27 23.87 -6.19
N THR B 239 57.24 23.15 -5.75
CA THR B 239 57.18 21.70 -5.98
C THR B 239 56.51 21.30 -7.28
N TRP B 240 55.84 22.25 -7.94
CA TRP B 240 55.20 22.02 -9.24
C TRP B 240 56.17 21.43 -10.28
N ASP B 241 55.80 20.27 -10.83
CA ASP B 241 56.52 19.71 -11.96
C ASP B 241 55.79 20.01 -13.25
N PRO B 242 56.26 21.03 -14.00
CA PRO B 242 55.60 21.39 -15.27
C PRO B 242 55.75 20.34 -16.38
N ALA B 243 56.66 19.37 -16.24
CA ALA B 243 56.85 18.39 -17.32
C ALA B 243 55.83 17.26 -17.21
N GLN B 244 54.98 17.34 -16.20
CA GLN B 244 53.97 16.34 -15.91
C GLN B 244 52.59 16.97 -16.06
N PRO B 245 51.57 16.19 -16.44
CA PRO B 245 50.20 16.73 -16.43
C PRO B 245 49.85 17.30 -15.07
N PRO B 246 49.07 18.40 -15.04
CA PRO B 246 48.75 19.06 -13.77
C PRO B 246 48.07 18.11 -12.81
N ARG B 247 48.58 18.03 -11.57
CA ARG B 247 48.02 17.15 -10.55
C ARG B 247 46.82 17.78 -9.85
N ASP B 248 46.64 19.08 -10.00
CA ASP B 248 45.59 19.79 -9.27
C ASP B 248 45.26 21.11 -9.95
N LEU B 249 44.31 21.85 -9.38
CA LEU B 249 43.78 23.03 -10.05
C LEU B 249 44.74 24.21 -10.09
N THR B 250 45.53 24.41 -9.04
CA THR B 250 46.57 25.46 -9.07
C THR B 250 47.60 25.19 -10.19
N GLU B 251 47.95 23.92 -10.38
CA GLU B 251 48.88 23.56 -11.45
C GLU B 251 48.28 23.81 -12.85
N ALA B 252 47.00 23.49 -13.04
CA ALA B 252 46.35 23.73 -14.32
C ALA B 252 46.35 25.23 -14.59
N PHE B 253 46.02 26.01 -13.57
CA PHE B 253 46.00 27.46 -13.64
C PHE B 253 47.40 27.99 -14.03
N LEU B 254 48.43 27.47 -13.36
CA LEU B 254 49.82 27.89 -13.60
C LEU B 254 50.27 27.58 -15.04
N ALA B 255 49.91 26.41 -15.57
CA ALA B 255 50.17 26.10 -16.97
C ALA B 255 49.44 27.07 -17.92
N GLU B 256 48.22 27.47 -17.54
CA GLU B 256 47.44 28.43 -18.34
C GLU B 256 48.09 29.81 -18.25
N MET B 257 48.58 30.18 -17.07
CA MET B 257 49.27 31.45 -16.91
C MET B 257 50.52 31.54 -17.82
N GLU B 258 51.33 30.47 -17.88
CA GLU B 258 52.50 30.46 -18.79
C GLU B 258 52.12 30.64 -20.26
N LYS B 259 51.09 29.91 -20.69
CA LYS B 259 50.55 30.05 -22.05
C LYS B 259 50.06 31.47 -22.36
N ALA B 260 49.69 32.20 -21.33
CA ALA B 260 49.14 33.53 -21.51
C ALA B 260 50.13 34.69 -21.28
N LYS B 261 51.39 34.38 -21.02
CA LYS B 261 52.41 35.44 -20.94
C LYS B 261 52.39 36.19 -22.25
N GLY B 262 52.21 37.50 -22.17
CA GLY B 262 52.13 38.33 -23.36
C GLY B 262 50.69 38.67 -23.73
N ASN B 263 49.72 38.05 -23.04
CA ASN B 263 48.32 38.31 -23.36
C ASN B 263 47.59 39.08 -22.24
N PRO B 264 47.50 40.40 -22.39
CA PRO B 264 46.83 41.27 -21.42
C PRO B 264 45.30 41.10 -21.34
N GLU B 265 44.71 40.24 -22.17
CA GLU B 265 43.27 39.97 -22.07
C GLU B 265 42.97 38.79 -21.16
N SER B 266 44.02 38.09 -20.76
CA SER B 266 43.82 36.87 -19.97
C SER B 266 43.47 37.17 -18.50
N SER B 267 42.67 36.29 -17.90
CA SER B 267 42.46 36.38 -16.45
C SER B 267 43.42 35.42 -15.76
N PHE B 268 44.28 34.74 -16.52
CA PHE B 268 45.23 33.84 -15.89
C PHE B 268 46.50 34.60 -15.49
N ASN B 269 46.48 35.15 -14.28
CA ASN B 269 47.63 35.88 -13.74
C ASN B 269 47.70 35.70 -12.23
N ASP B 270 48.82 36.12 -11.64
CA ASP B 270 49.10 35.88 -10.22
C ASP B 270 48.08 36.52 -9.29
N GLU B 271 47.54 37.68 -9.65
CA GLU B 271 46.58 38.36 -8.79
C GLU B 271 45.25 37.60 -8.75
N ASN B 272 44.89 37.00 -9.88
CA ASN B 272 43.67 36.23 -9.95
C ASN B 272 43.78 34.85 -9.30
N LEU B 273 44.96 34.24 -9.35
CA LEU B 273 45.14 32.88 -8.85
C LEU B 273 44.76 32.79 -7.37
N ARG B 274 45.25 33.74 -6.57
CA ARG B 274 44.94 33.76 -5.15
C ARG B 274 43.45 34.00 -4.90
N ILE B 275 42.81 34.83 -5.73
CA ILE B 275 41.38 35.11 -5.52
C ILE B 275 40.56 33.90 -5.92
N VAL B 276 40.91 33.25 -7.03
CA VAL B 276 40.14 32.10 -7.44
C VAL B 276 40.26 30.98 -6.44
N VAL B 277 41.46 30.70 -5.92
CA VAL B 277 41.59 29.66 -4.89
C VAL B 277 40.85 30.05 -3.59
N ALA B 278 40.91 31.31 -3.18
CA ALA B 278 40.16 31.72 -1.99
C ALA B 278 38.65 31.61 -2.24
N ASP B 279 38.20 31.89 -3.47
CA ASP B 279 36.77 31.66 -3.78
C ASP B 279 36.39 30.18 -3.58
N LEU B 280 37.22 29.27 -4.07
CA LEU B 280 36.91 27.85 -3.95
C LEU B 280 36.88 27.40 -2.47
N PHE B 281 37.88 27.80 -1.69
CA PHE B 281 37.89 27.53 -0.24
C PHE B 281 36.69 28.18 0.48
N SER B 282 36.55 29.49 0.35
CA SER B 282 35.55 30.18 1.15
C SER B 282 34.12 29.75 0.78
N ALA B 283 33.86 29.47 -0.50
CA ALA B 283 32.54 29.01 -0.94
C ALA B 283 32.28 27.55 -0.58
N GLY B 284 33.32 26.74 -0.62
CA GLY B 284 33.17 25.31 -0.47
C GLY B 284 33.33 24.71 0.91
N MET B 285 33.89 25.46 1.86
CA MET B 285 34.15 24.90 3.18
C MET B 285 32.87 24.96 4.00
N VAL B 286 32.43 26.17 4.33
CA VAL B 286 31.32 26.35 5.24
C VAL B 286 30.03 25.73 4.71
N THR B 287 29.83 25.73 3.39
CA THR B 287 28.64 25.10 2.80
C THR B 287 28.64 23.59 3.03
N THR B 288 29.69 22.91 2.55
CA THR B 288 29.67 21.46 2.59
C THR B 288 29.73 20.99 4.03
N SER B 289 30.44 21.74 4.87
CA SER B 289 30.67 21.33 6.25
C SER B 289 29.40 21.45 7.09
N THR B 290 28.69 22.57 6.91
CA THR B 290 27.43 22.82 7.60
C THR B 290 26.34 21.84 7.17
N THR B 291 26.40 21.43 5.91
CA THR B 291 25.44 20.47 5.37
C THR B 291 25.62 19.15 6.10
N LEU B 292 26.86 18.73 6.24
CA LEU B 292 27.13 17.49 6.98
C LEU B 292 26.77 17.59 8.47
N ALA B 293 26.91 18.77 9.05
CA ALA B 293 26.58 18.94 10.46
C ALA B 293 25.07 18.79 10.63
N TRP B 294 24.33 19.22 9.60
CA TRP B 294 22.87 19.07 9.56
C TRP B 294 22.54 17.59 9.43
N GLY B 295 23.27 16.91 8.55
CA GLY B 295 23.09 15.47 8.37
C GLY B 295 23.22 14.68 9.66
N LEU B 296 24.30 14.89 10.40
CA LEU B 296 24.52 14.14 11.64
C LEU B 296 23.50 14.50 12.72
N LEU B 297 23.10 15.77 12.76
CA LEU B 297 22.05 16.17 13.71
C LEU B 297 20.75 15.45 13.41
N LEU B 298 20.38 15.40 12.13
CA LEU B 298 19.12 14.81 11.73
C LEU B 298 19.11 13.29 11.95
N MET B 299 20.28 12.68 11.87
CA MET B 299 20.40 11.24 12.12
C MET B 299 20.24 10.91 13.58
N ILE B 300 20.61 11.81 14.48
CA ILE B 300 20.43 11.49 15.90
C ILE B 300 19.06 11.96 16.38
N LEU B 301 18.40 12.84 15.62
CA LEU B 301 17.01 13.20 15.89
C LEU B 301 16.05 12.17 15.31
N HIS B 302 16.53 11.46 14.29
CA HIS B 302 15.72 10.40 13.70
C HIS B 302 16.49 9.09 13.52
N PRO B 303 16.78 8.40 14.64
CA PRO B 303 17.57 7.15 14.62
C PRO B 303 16.98 6.08 13.71
N ASP B 304 15.66 6.08 13.57
CA ASP B 304 14.98 5.16 12.65
C ASP B 304 15.50 5.35 11.22
N VAL B 305 15.62 6.61 10.80
CA VAL B 305 16.13 6.91 9.47
C VAL B 305 17.57 6.43 9.32
N GLN B 306 18.37 6.72 10.33
CA GLN B 306 19.77 6.30 10.38
C GLN B 306 19.91 4.78 10.21
N ARG B 307 19.12 4.02 10.95
CA ARG B 307 19.12 2.55 10.84
C ARG B 307 18.74 2.10 9.44
N ARG B 308 17.74 2.74 8.84
CA ARG B 308 17.35 2.39 7.48
C ARG B 308 18.54 2.63 6.53
N VAL B 309 19.17 3.79 6.64
CA VAL B 309 20.37 4.07 5.86
C VAL B 309 21.44 3.01 6.11
N GLN B 310 21.72 2.75 7.38
CA GLN B 310 22.73 1.78 7.76
C GLN B 310 22.40 0.41 7.22
N GLN B 311 21.11 0.15 7.05
CA GLN B 311 20.64 -1.12 6.50
C GLN B 311 20.99 -1.21 5.02
N GLU B 312 20.71 -0.13 4.29
CA GLU B 312 21.00 -0.08 2.86
C GLU B 312 22.50 -0.19 2.60
N ILE B 313 23.30 0.40 3.47
CA ILE B 313 24.75 0.32 3.37
C ILE B 313 25.25 -1.13 3.49
N ASP B 314 24.81 -1.83 4.53
CA ASP B 314 25.20 -3.23 4.71
C ASP B 314 24.81 -4.08 3.49
N ASP B 315 23.61 -3.82 2.98
CA ASP B 315 23.08 -4.60 1.86
C ASP B 315 23.82 -4.32 0.54
N VAL B 316 24.46 -3.16 0.43
CA VAL B 316 25.10 -2.75 -0.81
C VAL B 316 26.62 -2.75 -0.72
N ILE B 317 27.13 -2.24 0.38
CA ILE B 317 28.55 -2.02 0.56
C ILE B 317 29.14 -3.09 1.48
N GLY B 318 28.48 -3.29 2.60
CA GLY B 318 28.95 -4.22 3.61
C GLY B 318 29.59 -3.50 4.77
N GLN B 319 30.45 -4.21 5.50
CA GLN B 319 31.11 -3.67 6.68
C GLN B 319 32.62 -3.54 6.44
N VAL B 320 33.08 -4.09 5.32
CA VAL B 320 34.50 -4.13 5.01
C VAL B 320 34.97 -2.93 4.17
N ARG B 321 34.71 -2.98 2.87
CA ARG B 321 35.24 -1.99 1.93
C ARG B 321 34.70 -0.57 2.10
N ARG B 322 35.47 0.40 1.60
CA ARG B 322 35.08 1.80 1.63
C ARG B 322 34.04 2.11 0.56
N PRO B 323 33.07 2.97 0.87
CA PRO B 323 32.04 3.38 -0.10
C PRO B 323 32.67 4.06 -1.32
N GLU B 324 32.08 3.86 -2.50
CA GLU B 324 32.55 4.49 -3.73
C GLU B 324 31.39 5.15 -4.42
N MET B 325 31.66 6.05 -5.37
CA MET B 325 30.58 6.77 -6.06
C MET B 325 29.73 5.83 -6.90
N GLY B 326 30.22 4.62 -7.16
CA GLY B 326 29.43 3.63 -7.89
C GLY B 326 28.28 3.10 -7.06
N ASP B 327 28.45 3.10 -5.74
CA ASP B 327 27.41 2.61 -4.83
C ASP B 327 26.16 3.49 -4.80
N GLN B 328 26.31 4.78 -5.06
CA GLN B 328 25.19 5.72 -4.96
C GLN B 328 24.00 5.33 -5.85
N ALA B 329 24.30 4.93 -7.08
CA ALA B 329 23.28 4.54 -8.05
C ALA B 329 22.37 3.47 -7.46
N HIS B 330 22.94 2.60 -6.64
CA HIS B 330 22.19 1.48 -6.08
C HIS B 330 21.70 1.77 -4.66
N MET B 331 21.78 3.03 -4.22
CA MET B 331 21.35 3.39 -2.87
C MET B 331 20.33 4.54 -2.87
N PRO B 332 19.11 4.25 -3.33
CA PRO B 332 18.05 5.26 -3.49
C PRO B 332 17.62 5.89 -2.16
N TYR B 333 17.55 5.09 -1.11
CA TYR B 333 17.09 5.61 0.18
C TYR B 333 18.10 6.61 0.76
N THR B 334 19.36 6.19 0.83
CA THR B 334 20.43 7.06 1.34
C THR B 334 20.52 8.34 0.51
N THR B 335 20.39 8.19 -0.81
CA THR B 335 20.39 9.36 -1.68
C THR B 335 19.27 10.31 -1.27
N ALA B 336 18.08 9.76 -1.07
CA ALA B 336 16.93 10.56 -0.67
C ALA B 336 17.15 11.22 0.69
N VAL B 337 17.81 10.52 1.61
CA VAL B 337 18.07 11.08 2.93
C VAL B 337 19.02 12.28 2.80
N ILE B 338 20.08 12.13 2.01
CA ILE B 338 21.04 13.21 1.85
C ILE B 338 20.38 14.42 1.19
N HIS B 339 19.54 14.17 0.19
CA HIS B 339 18.81 15.25 -0.45
C HIS B 339 17.87 15.96 0.51
N GLU B 340 17.18 15.18 1.34
CA GLU B 340 16.27 15.77 2.30
C GLU B 340 17.06 16.59 3.32
N VAL B 341 18.29 16.17 3.62
CA VAL B 341 19.16 16.94 4.52
C VAL B 341 19.37 18.33 3.94
N GLN B 342 19.70 18.39 2.65
CA GLN B 342 19.91 19.69 1.98
C GLN B 342 18.63 20.53 1.93
N ARG B 343 17.50 19.88 1.70
CA ARG B 343 16.24 20.61 1.61
C ARG B 343 15.85 21.14 2.99
N PHE B 344 15.91 20.26 3.99
CA PHE B 344 15.56 20.64 5.34
C PHE B 344 16.54 21.69 5.86
N GLY B 345 17.83 21.41 5.69
CA GLY B 345 18.88 22.31 6.13
C GLY B 345 18.72 23.70 5.53
N ASP B 346 18.45 23.77 4.23
CA ASP B 346 18.11 25.03 3.59
C ASP B 346 19.18 26.07 3.93
N ILE B 347 20.45 25.71 3.77
CA ILE B 347 21.53 26.45 4.41
C ILE B 347 21.83 27.81 3.80
N VAL B 348 21.38 28.04 2.56
CA VAL B 348 21.55 29.34 1.91
C VAL B 348 20.18 29.89 1.50
N PRO B 349 19.39 30.32 2.50
CA PRO B 349 17.97 30.62 2.26
C PRO B 349 17.72 31.64 1.17
N LEU B 350 18.59 32.65 1.09
CA LEU B 350 18.41 33.74 0.14
C LEU B 350 19.44 33.67 -0.98
N GLY B 351 19.99 32.48 -1.20
CA GLY B 351 20.95 32.27 -2.25
C GLY B 351 22.09 33.28 -2.25
N VAL B 352 22.55 33.63 -3.46
CA VAL B 352 23.58 34.65 -3.67
C VAL B 352 23.00 35.70 -4.62
N THR B 353 23.14 36.99 -4.31
CA THR B 353 22.46 38.00 -5.13
C THR B 353 22.98 38.00 -6.56
N HIS B 354 22.08 38.28 -7.50
CA HIS B 354 22.41 38.49 -8.90
C HIS B 354 22.11 39.94 -9.24
N MET B 355 22.51 40.37 -10.44
CA MET B 355 22.12 41.68 -10.95
C MET B 355 21.83 41.53 -12.43
N THR B 356 20.87 42.31 -12.93
CA THR B 356 20.53 42.24 -14.35
C THR B 356 21.50 43.04 -15.21
N SER B 357 21.94 42.43 -16.31
CA SER B 357 22.82 43.10 -17.27
C SER B 357 22.01 43.89 -18.29
N ARG B 358 20.70 43.64 -18.28
CA ARG B 358 19.76 44.27 -19.23
C ARG B 358 18.34 44.13 -18.69
N ASP B 359 17.44 45.00 -19.14
CA ASP B 359 16.04 44.90 -18.76
C ASP B 359 15.45 43.56 -19.17
N ILE B 360 14.62 42.99 -18.31
CA ILE B 360 13.90 41.75 -18.64
C ILE B 360 12.48 41.72 -18.08
N GLU B 361 11.79 40.63 -18.35
CA GLU B 361 10.43 40.45 -17.86
C GLU B 361 10.31 39.19 -17.00
N VAL B 362 9.73 39.35 -15.82
CA VAL B 362 9.45 38.23 -14.94
C VAL B 362 8.01 38.32 -14.46
N GLN B 363 7.23 37.25 -14.69
CA GLN B 363 5.81 37.21 -14.32
C GLN B 363 5.08 38.44 -14.85
N GLY B 364 5.51 38.93 -16.00
CA GLY B 364 4.91 40.10 -16.62
C GLY B 364 5.23 41.43 -15.96
N PHE B 365 6.16 41.43 -15.01
CA PHE B 365 6.64 42.69 -14.44
C PHE B 365 7.96 43.07 -15.11
N ARG B 366 8.21 44.37 -15.18
CA ARG B 366 9.41 44.89 -15.80
C ARG B 366 10.52 45.04 -14.78
N ILE B 367 11.70 44.56 -15.11
CA ILE B 367 12.84 44.69 -14.21
C ILE B 367 14.01 45.39 -14.92
N PRO B 368 14.27 46.65 -14.52
CA PRO B 368 15.26 47.51 -15.17
C PRO B 368 16.67 46.92 -15.12
N LYS B 369 17.46 47.16 -16.17
CA LYS B 369 18.87 46.80 -16.22
C LYS B 369 19.63 47.36 -15.02
N GLY B 370 20.32 46.49 -14.28
CA GLY B 370 21.12 46.95 -13.15
C GLY B 370 20.40 46.77 -11.82
N THR B 371 19.34 45.97 -11.84
CA THR B 371 18.58 45.65 -10.63
C THR B 371 19.23 44.49 -9.86
N THR B 372 19.34 44.62 -8.55
CA THR B 372 19.71 43.50 -7.69
C THR B 372 18.56 42.50 -7.52
N LEU B 373 18.83 41.23 -7.79
CA LEU B 373 17.84 40.18 -7.61
C LEU B 373 18.21 39.30 -6.41
N ILE B 374 17.23 39.04 -5.57
CA ILE B 374 17.38 38.07 -4.52
C ILE B 374 16.57 36.83 -4.89
N THR B 375 17.27 35.71 -5.10
CA THR B 375 16.60 34.43 -5.27
C THR B 375 16.27 33.82 -3.90
N ASN B 376 14.99 33.84 -3.54
CA ASN B 376 14.57 33.22 -2.29
C ASN B 376 14.56 31.69 -2.43
N LEU B 377 15.72 31.07 -2.24
CA LEU B 377 15.86 29.64 -2.45
C LEU B 377 15.04 28.84 -1.43
N SER B 378 15.00 29.36 -0.20
CA SER B 378 14.14 28.83 0.85
C SER B 378 12.70 28.63 0.38
N SER B 379 12.13 29.64 -0.27
CA SER B 379 10.70 29.59 -0.65
C SER B 379 10.45 28.46 -1.64
N VAL B 380 11.51 28.00 -2.31
CA VAL B 380 11.39 26.94 -3.28
C VAL B 380 11.51 25.58 -2.58
N LEU B 381 12.48 25.47 -1.67
CA LEU B 381 12.73 24.22 -0.99
C LEU B 381 11.63 23.88 0.02
N LYS B 382 10.85 24.89 0.39
CA LYS B 382 9.83 24.70 1.41
C LYS B 382 8.47 25.14 0.91
N ASP B 383 8.33 25.11 -0.41
CA ASP B 383 7.07 25.42 -1.09
C ASP B 383 5.98 24.45 -0.66
N GLU B 384 4.93 24.98 -0.06
CA GLU B 384 3.80 24.20 0.46
C GLU B 384 3.03 23.46 -0.64
N ALA B 385 3.14 23.94 -1.87
CA ALA B 385 2.49 23.30 -3.01
C ALA B 385 3.30 22.11 -3.51
N VAL B 386 4.60 22.15 -3.30
CA VAL B 386 5.45 21.09 -3.84
C VAL B 386 5.68 19.97 -2.84
N TRP B 387 6.18 20.31 -1.67
CA TRP B 387 6.57 19.32 -0.67
C TRP B 387 5.41 19.00 0.26
N GLU B 388 5.19 17.72 0.54
CA GLU B 388 4.03 17.35 1.34
C GLU B 388 4.20 17.72 2.81
N LYS B 389 5.43 17.70 3.30
CA LYS B 389 5.74 18.11 4.66
C LYS B 389 6.92 19.10 4.68
N PRO B 390 6.67 20.34 4.24
CA PRO B 390 7.76 21.30 3.99
C PRO B 390 8.66 21.60 5.20
N PHE B 391 8.13 21.52 6.41
CA PHE B 391 8.91 21.94 7.58
C PHE B 391 9.27 20.76 8.47
N ARG B 392 9.09 19.56 7.95
CA ARG B 392 9.49 18.37 8.68
C ARG B 392 10.59 17.64 7.92
N PHE B 393 11.43 16.89 8.65
CA PHE B 393 12.42 16.01 8.04
C PHE B 393 11.70 14.77 7.50
N HIS B 394 11.74 14.58 6.18
CA HIS B 394 10.87 13.60 5.52
C HIS B 394 11.47 13.10 4.21
N PRO B 395 12.22 12.00 4.27
CA PRO B 395 12.98 11.55 3.09
C PRO B 395 12.09 11.14 1.92
N GLU B 396 10.86 10.76 2.22
CA GLU B 396 9.88 10.38 1.19
C GLU B 396 9.61 11.50 0.19
N HIS B 397 10.07 12.71 0.49
CA HIS B 397 10.01 13.80 -0.48
C HIS B 397 10.80 13.42 -1.74
N PHE B 398 11.78 12.54 -1.59
CA PHE B 398 12.60 12.10 -2.73
C PHE B 398 12.45 10.60 -3.05
N LEU B 399 11.31 10.03 -2.67
CA LEU B 399 11.02 8.63 -2.96
C LEU B 399 9.62 8.46 -3.53
N ASP B 400 9.47 7.67 -4.59
CA ASP B 400 8.14 7.38 -5.14
C ASP B 400 7.48 6.19 -4.47
N ALA B 401 6.30 5.80 -4.96
CA ALA B 401 5.53 4.68 -4.46
C ALA B 401 6.37 3.40 -4.35
N GLN B 402 7.17 3.15 -5.38
CA GLN B 402 8.04 1.98 -5.40
C GLN B 402 9.17 2.11 -4.38
N GLY B 403 9.74 3.31 -4.26
CA GLY B 403 10.87 3.51 -3.39
C GLY B 403 12.09 3.87 -4.22
N HIS B 404 11.82 4.39 -5.42
CA HIS B 404 12.89 4.90 -6.28
C HIS B 404 13.13 6.38 -6.03
N PHE B 405 14.40 6.76 -6.01
CA PHE B 405 14.79 8.14 -5.82
C PHE B 405 14.31 9.03 -6.97
N VAL B 406 13.49 10.01 -6.63
CA VAL B 406 13.00 11.00 -7.59
C VAL B 406 13.40 12.38 -7.10
N LYS B 407 13.89 13.21 -8.02
CA LYS B 407 14.37 14.53 -7.66
C LYS B 407 13.44 15.60 -8.24
N PRO B 408 12.57 16.18 -7.39
CA PRO B 408 11.67 17.24 -7.86
C PRO B 408 12.45 18.42 -8.43
N GLU B 409 11.83 19.16 -9.34
CA GLU B 409 12.50 20.31 -9.93
C GLU B 409 12.68 21.41 -8.89
N ALA B 410 11.86 21.39 -7.84
CA ALA B 410 11.95 22.37 -6.75
C ALA B 410 13.18 22.17 -5.86
N PHE B 411 13.98 21.14 -6.15
CA PHE B 411 15.21 20.92 -5.39
C PHE B 411 16.31 21.79 -5.96
N LEU B 412 16.42 23.01 -5.43
CA LEU B 412 17.39 23.96 -5.95
C LEU B 412 18.36 24.52 -4.91
N PRO B 413 18.98 23.64 -4.10
CA PRO B 413 19.85 24.20 -3.06
C PRO B 413 21.12 24.84 -3.63
N PHE B 414 21.41 24.56 -4.90
CA PHE B 414 22.54 25.16 -5.58
C PHE B 414 22.17 26.29 -6.57
N SER B 415 20.93 26.77 -6.50
CA SER B 415 20.38 27.74 -7.45
C SER B 415 20.30 27.19 -8.89
N ALA B 416 20.24 28.08 -9.88
CA ALA B 416 19.93 27.67 -11.24
C ALA B 416 20.57 28.58 -12.28
N GLY B 417 20.59 28.13 -13.52
CA GLY B 417 21.20 28.91 -14.59
C GLY B 417 22.72 28.91 -14.56
N ARG B 418 23.31 29.85 -15.31
CA ARG B 418 24.74 29.97 -15.56
C ARG B 418 25.61 30.15 -14.33
N ARG B 419 25.07 30.77 -13.29
CA ARG B 419 25.82 31.04 -12.07
C ARG B 419 25.58 30.00 -10.98
N ALA B 420 24.85 28.94 -11.31
CA ALA B 420 24.57 27.92 -10.30
C ALA B 420 25.89 27.35 -9.81
N CYS B 421 25.89 26.96 -8.53
CA CYS B 421 27.09 26.47 -7.88
C CYS B 421 27.94 25.57 -8.79
N LEU B 422 29.17 26.00 -9.05
CA LEU B 422 30.07 25.24 -9.90
C LEU B 422 30.69 24.11 -9.10
N GLY B 423 30.53 24.19 -7.78
CA GLY B 423 31.09 23.18 -6.89
C GLY B 423 30.22 21.96 -6.73
N GLU B 424 29.00 22.01 -7.28
CA GLU B 424 27.95 21.03 -7.02
C GLU B 424 28.35 19.56 -7.25
N PRO B 425 29.05 19.25 -8.38
CA PRO B 425 29.45 17.85 -8.50
C PRO B 425 30.42 17.43 -7.39
N LEU B 426 31.27 18.33 -6.92
CA LEU B 426 32.22 17.94 -5.87
C LEU B 426 31.46 17.84 -4.56
N ALA B 427 30.51 18.75 -4.36
CA ALA B 427 29.68 18.74 -3.16
C ALA B 427 28.89 17.43 -3.07
N ARG B 428 28.34 16.97 -4.19
CA ARG B 428 27.58 15.72 -4.22
C ARG B 428 28.48 14.56 -3.79
N MET B 429 29.70 14.53 -4.33
CA MET B 429 30.66 13.49 -4.02
C MET B 429 31.01 13.48 -2.53
N GLU B 430 31.36 14.65 -2.00
CA GLU B 430 31.69 14.76 -0.57
C GLU B 430 30.53 14.36 0.32
N LEU B 431 29.34 14.83 0.00
CA LEU B 431 28.17 14.56 0.81
C LEU B 431 27.91 13.07 0.84
N PHE B 432 27.96 12.41 -0.31
CA PHE B 432 27.68 10.98 -0.34
C PHE B 432 28.78 10.19 0.38
N LEU B 433 30.03 10.45 0.02
CA LEU B 433 31.12 9.66 0.58
C LEU B 433 31.35 9.90 2.08
N PHE B 434 31.33 11.16 2.52
CA PHE B 434 31.48 11.44 3.94
C PHE B 434 30.33 10.86 4.76
N PHE B 435 29.12 10.98 4.24
CA PHE B 435 27.93 10.57 4.98
C PHE B 435 27.87 9.05 5.10
N THR B 436 28.00 8.36 3.97
CA THR B 436 27.89 6.91 3.99
C THR B 436 29.05 6.27 4.73
N SER B 437 30.24 6.89 4.69
CA SER B 437 31.38 6.34 5.42
C SER B 437 31.18 6.44 6.92
N LEU B 438 30.79 7.63 7.37
CA LEU B 438 30.50 7.87 8.78
C LEU B 438 29.37 6.95 9.30
N LEU B 439 28.31 6.77 8.51
CA LEU B 439 27.22 5.88 8.94
C LEU B 439 27.59 4.40 8.85
N GLN B 440 28.49 4.07 7.93
CA GLN B 440 28.95 2.70 7.81
C GLN B 440 29.71 2.28 9.06
N HIS B 441 30.60 3.15 9.53
CA HIS B 441 31.46 2.84 10.65
C HIS B 441 30.79 3.04 12.00
N PHE B 442 29.99 4.09 12.12
CA PHE B 442 29.48 4.47 13.43
C PHE B 442 27.97 4.44 13.55
N SER B 443 27.51 4.21 14.77
CA SER B 443 26.14 4.45 15.15
C SER B 443 26.11 5.77 15.94
N PHE B 444 25.35 6.75 15.44
CA PHE B 444 25.30 8.07 16.05
C PHE B 444 24.01 8.25 16.88
N SER B 445 24.16 8.86 18.05
CA SER B 445 23.08 9.05 19.00
C SER B 445 23.18 10.36 19.77
N VAL B 446 22.06 10.83 20.29
CA VAL B 446 22.06 11.86 21.32
C VAL B 446 22.64 11.23 22.57
N PRO B 447 23.61 11.90 23.21
CA PRO B 447 24.16 11.39 24.48
C PRO B 447 23.07 11.23 25.54
N THR B 448 22.98 10.08 26.20
CA THR B 448 21.84 9.79 27.05
C THR B 448 21.75 10.66 28.31
N GLY B 449 22.72 11.53 28.53
CA GLY B 449 22.67 12.46 29.65
C GLY B 449 22.25 13.87 29.27
N GLN B 450 21.53 14.01 28.16
CA GLN B 450 21.26 15.32 27.59
C GLN B 450 19.88 15.46 26.92
N PRO B 451 19.38 16.70 26.77
CA PRO B 451 18.08 16.94 26.15
C PRO B 451 18.14 16.90 24.62
N ARG B 452 17.04 16.53 24.00
CA ARG B 452 16.99 16.46 22.54
C ARG B 452 17.26 17.82 21.86
N PRO B 453 18.28 17.87 20.98
CA PRO B 453 18.69 19.13 20.34
C PRO B 453 17.65 19.68 19.37
N SER B 454 17.62 21.00 19.23
CA SER B 454 16.66 21.65 18.34
C SER B 454 16.99 21.33 16.89
N HIS B 455 15.96 21.18 16.07
CA HIS B 455 16.16 21.07 14.62
C HIS B 455 15.96 22.42 13.93
N HIS B 456 15.70 23.45 14.73
CA HIS B 456 15.48 24.78 14.18
C HIS B 456 16.79 25.47 13.81
N GLY B 457 16.86 25.95 12.57
CA GLY B 457 18.02 26.71 12.13
C GLY B 457 17.90 28.19 12.46
N VAL B 458 18.84 28.69 13.26
CA VAL B 458 18.89 30.10 13.60
C VAL B 458 19.36 30.93 12.37
N PHE B 459 18.43 31.72 11.83
CA PHE B 459 18.56 32.33 10.50
C PHE B 459 19.76 33.28 10.29
N ALA B 460 20.45 33.06 9.19
CA ALA B 460 21.52 33.94 8.75
C ALA B 460 21.56 33.82 7.24
N PHE B 461 22.66 34.25 6.63
CA PHE B 461 22.82 34.03 5.20
C PHE B 461 23.38 32.63 4.99
N LEU B 462 24.04 32.12 6.02
CA LEU B 462 24.37 30.70 6.12
C LEU B 462 23.66 30.18 7.36
N VAL B 463 22.72 29.26 7.17
CA VAL B 463 21.94 28.75 8.30
C VAL B 463 22.48 27.43 8.82
N SER B 464 23.04 27.47 10.03
CA SER B 464 23.63 26.31 10.72
C SER B 464 22.71 25.71 11.77
N PRO B 465 22.84 24.41 12.02
CA PRO B 465 22.13 23.83 13.17
C PRO B 465 22.60 24.48 14.50
N SER B 466 21.76 24.47 15.53
CA SER B 466 22.18 24.94 16.84
C SER B 466 23.27 24.03 17.40
N PRO B 467 24.14 24.57 18.27
CA PRO B 467 25.15 23.74 18.95
C PRO B 467 24.55 22.45 19.52
N TYR B 468 25.19 21.33 19.24
CA TYR B 468 24.75 20.04 19.78
C TYR B 468 25.95 19.10 19.89
N GLU B 469 25.81 18.05 20.68
CA GLU B 469 26.82 17.02 20.81
C GLU B 469 26.23 15.66 20.44
N LEU B 470 27.05 14.78 19.87
CA LEU B 470 26.63 13.40 19.69
C LEU B 470 27.67 12.40 20.19
N CYS B 471 27.23 11.16 20.29
CA CYS B 471 28.09 10.04 20.58
C CYS B 471 28.20 9.21 19.32
N ALA B 472 29.43 8.78 19.02
CA ALA B 472 29.71 7.97 17.86
C ALA B 472 30.34 6.68 18.33
N VAL B 473 29.61 5.57 18.19
CA VAL B 473 30.08 4.26 18.63
C VAL B 473 30.14 3.31 17.43
N PRO B 474 31.24 2.54 17.31
CA PRO B 474 31.43 1.63 16.17
C PRO B 474 30.30 0.61 16.03
N ARG B 475 30.16 0.04 14.84
CA ARG B 475 29.06 -0.89 14.59
C ARG B 475 29.54 -2.34 14.52
N GLY C 9 8.56 23.95 38.41
CA GLY C 9 8.40 25.37 38.67
C GLY C 9 9.05 26.26 37.63
N LYS C 10 9.33 25.71 36.46
CA LYS C 10 9.93 26.50 35.39
C LYS C 10 8.87 26.97 34.37
N LEU C 11 8.81 28.27 34.16
CA LEU C 11 7.87 28.86 33.23
C LEU C 11 8.26 28.60 31.77
N PRO C 12 7.27 28.56 30.88
CA PRO C 12 7.53 28.38 29.44
C PRO C 12 8.46 29.45 28.89
N PRO C 13 9.41 29.06 28.03
CA PRO C 13 10.32 29.99 27.33
C PRO C 13 9.55 30.94 26.42
N GLY C 14 10.14 32.08 26.11
CA GLY C 14 9.47 33.05 25.25
C GLY C 14 10.34 34.26 25.00
N PRO C 15 10.06 34.97 23.88
CA PRO C 15 10.81 36.17 23.49
C PRO C 15 10.56 37.35 24.44
N ASN C 31 -1.17 39.17 10.91
CA ASN C 31 -1.05 37.74 10.66
C ASN C 31 -0.58 36.96 11.89
N THR C 32 -1.45 36.87 12.88
CA THR C 32 -1.14 36.19 14.13
C THR C 32 -0.82 34.69 13.99
N PRO C 33 -1.64 33.92 13.22
CA PRO C 33 -1.39 32.47 13.18
C PRO C 33 -0.04 32.12 12.55
N TYR C 34 0.37 32.85 11.53
CA TYR C 34 1.66 32.62 10.89
C TYR C 34 2.80 32.94 11.87
N CYS C 35 2.62 34.00 12.64
CA CYS C 35 3.59 34.42 13.65
C CYS C 35 3.76 33.38 14.77
N PHE C 36 2.65 32.79 15.21
CA PHE C 36 2.69 31.76 16.25
C PHE C 36 3.40 30.50 15.77
N ASP C 37 3.23 30.18 14.48
CA ASP C 37 3.92 29.04 13.88
C ASP C 37 5.43 29.24 13.97
N GLN C 38 5.88 30.47 13.79
CA GLN C 38 7.30 30.82 13.89
C GLN C 38 7.83 30.58 15.30
N LEU C 39 7.14 31.15 16.28
CA LEU C 39 7.52 31.03 17.68
C LEU C 39 7.45 29.59 18.16
N ARG C 40 6.59 28.80 17.51
CA ARG C 40 6.49 27.37 17.78
C ARG C 40 7.83 26.70 17.44
N ARG C 41 8.15 26.65 16.14
CA ARG C 41 9.39 26.02 15.68
C ARG C 41 10.62 26.60 16.39
N ARG C 42 10.51 27.86 16.81
CA ARG C 42 11.60 28.52 17.52
C ARG C 42 11.70 28.11 18.99
N PHE C 43 10.59 28.19 19.74
CA PHE C 43 10.67 28.02 21.19
C PHE C 43 10.09 26.71 21.72
N GLY C 44 9.44 25.94 20.86
CA GLY C 44 8.82 24.71 21.29
C GLY C 44 7.29 24.77 21.33
N ASP C 45 6.67 23.79 21.96
CA ASP C 45 5.24 23.63 21.91
C ASP C 45 4.50 24.44 22.97
N VAL C 46 5.20 24.80 24.04
CA VAL C 46 4.59 25.61 25.09
C VAL C 46 5.44 26.82 25.42
N PHE C 47 5.05 27.98 24.89
CA PHE C 47 5.80 29.19 25.11
C PHE C 47 4.94 30.34 25.67
N SER C 48 5.60 31.37 26.17
CA SER C 48 4.94 32.52 26.80
C SER C 48 5.00 33.81 25.97
N LEU C 49 3.97 34.63 26.11
CA LEU C 49 3.95 35.99 25.60
C LEU C 49 3.40 36.91 26.67
N GLN C 50 3.59 38.21 26.51
CA GLN C 50 2.99 39.19 27.42
C GLN C 50 2.16 40.20 26.65
N LEU C 51 1.09 39.72 26.02
CA LEU C 51 0.22 40.58 25.20
C LEU C 51 -0.46 41.67 26.05
N ALA C 52 0.03 42.90 25.88
CA ALA C 52 -0.35 44.05 26.72
C ALA C 52 0.03 43.79 28.17
N TRP C 53 -0.95 43.86 29.05
CA TRP C 53 -0.72 43.61 30.48
C TRP C 53 -1.12 42.19 30.84
N THR C 54 -1.31 41.35 29.81
CA THR C 54 -1.78 39.98 30.01
C THR C 54 -0.64 38.98 29.85
N PRO C 55 -0.39 38.19 30.91
CA PRO C 55 0.49 37.03 30.74
C PRO C 55 -0.24 35.92 29.97
N VAL C 56 0.39 35.41 28.92
CA VAL C 56 -0.23 34.45 28.02
C VAL C 56 0.68 33.24 27.82
N VAL C 57 0.10 32.05 27.82
CA VAL C 57 0.83 30.86 27.42
C VAL C 57 0.17 30.19 26.20
N VAL C 58 0.95 29.97 25.15
CA VAL C 58 0.40 29.42 23.91
C VAL C 58 0.63 27.90 23.84
N LEU C 59 -0.46 27.15 23.64
CA LEU C 59 -0.39 25.70 23.60
C LEU C 59 -0.44 25.21 22.15
N ASN C 60 0.56 24.43 21.75
CA ASN C 60 0.66 23.91 20.39
C ASN C 60 0.73 22.39 20.33
N GLY C 61 -0.03 21.82 19.41
CA GLY C 61 0.01 20.38 19.18
C GLY C 61 -0.91 19.61 20.09
N LEU C 62 -1.21 18.38 19.71
CA LEU C 62 -2.27 17.62 20.37
C LEU C 62 -2.00 17.37 21.86
N ALA C 63 -0.79 16.92 22.18
CA ALA C 63 -0.46 16.53 23.56
C ALA C 63 -0.62 17.70 24.52
N ALA C 64 0.00 18.83 24.17
CA ALA C 64 -0.11 20.04 24.99
C ALA C 64 -1.57 20.53 25.16
N VAL C 65 -2.35 20.49 24.09
CA VAL C 65 -3.72 21.00 24.18
C VAL C 65 -4.56 20.06 25.03
N ARG C 66 -4.38 18.76 24.84
CA ARG C 66 -5.07 17.74 25.64
C ARG C 66 -4.65 17.75 27.09
N GLU C 67 -3.36 17.91 27.34
CA GLU C 67 -2.87 17.98 28.71
C GLU C 67 -3.58 19.13 29.44
N ALA C 68 -3.63 20.30 28.80
CA ALA C 68 -4.27 21.45 29.44
C ALA C 68 -5.79 21.29 29.57
N LEU C 69 -6.46 20.93 28.47
CA LEU C 69 -7.93 20.97 28.44
C LEU C 69 -8.64 19.72 28.97
N VAL C 70 -7.97 18.57 28.92
CA VAL C 70 -8.57 17.34 29.38
C VAL C 70 -8.00 16.89 30.74
N THR C 71 -6.74 16.48 30.76
CA THR C 71 -6.08 16.05 32.00
C THR C 71 -6.27 17.10 33.10
N HIS C 72 -5.92 18.34 32.79
CA HIS C 72 -6.13 19.43 33.75
C HIS C 72 -7.40 20.22 33.45
N GLY C 73 -8.36 19.54 32.83
CA GLY C 73 -9.62 20.14 32.45
C GLY C 73 -10.34 20.91 33.53
N GLU C 74 -10.32 20.34 34.74
CA GLU C 74 -10.89 20.97 35.93
C GLU C 74 -10.35 22.38 36.17
N ASP C 75 -9.08 22.60 35.85
CA ASP C 75 -8.41 23.87 36.12
C ASP C 75 -8.19 24.79 34.91
N THR C 76 -8.65 24.41 33.73
CA THR C 76 -8.47 25.27 32.55
C THR C 76 -9.79 25.65 31.91
N ALA C 77 -10.86 25.48 32.67
CA ALA C 77 -12.20 25.70 32.15
C ALA C 77 -12.66 27.13 32.34
N ASP C 78 -11.81 27.99 32.90
CA ASP C 78 -12.25 29.35 33.17
C ASP C 78 -12.07 30.24 31.92
N ARG C 79 -12.67 31.42 31.96
CA ARG C 79 -12.50 32.43 30.90
C ARG C 79 -11.77 33.63 31.48
N PRO C 80 -10.93 34.29 30.69
CA PRO C 80 -10.38 35.55 31.21
C PRO C 80 -11.49 36.59 31.32
N PRO C 81 -11.52 37.35 32.41
CA PRO C 81 -12.63 38.31 32.59
C PRO C 81 -12.67 39.33 31.46
N VAL C 82 -13.86 39.84 31.16
CA VAL C 82 -14.01 40.84 30.10
C VAL C 82 -14.88 41.99 30.62
N PRO C 83 -14.24 43.02 31.19
CA PRO C 83 -14.95 44.17 31.79
C PRO C 83 -15.96 44.91 30.90
N ILE C 84 -15.74 45.01 29.61
CA ILE C 84 -16.70 45.74 28.78
C ILE C 84 -18.07 45.06 28.71
N THR C 85 -18.16 43.78 29.07
CA THR C 85 -19.45 43.10 29.01
C THR C 85 -20.48 43.71 29.97
N GLN C 86 -20.02 44.54 30.92
CA GLN C 86 -20.92 45.34 31.77
C GLN C 86 -21.95 46.08 30.93
N ILE C 87 -21.46 46.62 29.82
CA ILE C 87 -22.23 47.40 28.86
C ILE C 87 -23.41 46.63 28.29
N LEU C 88 -23.24 45.32 28.12
CA LEU C 88 -24.26 44.52 27.46
C LEU C 88 -25.19 43.87 28.49
N GLY C 89 -25.05 44.27 29.76
CA GLY C 89 -25.97 43.80 30.80
C GLY C 89 -25.55 42.56 31.56
N PHE C 90 -24.27 42.20 31.47
CA PHE C 90 -23.71 41.05 32.18
C PHE C 90 -23.70 41.28 33.69
N GLY C 91 -23.96 40.23 34.45
CA GLY C 91 -23.95 40.31 35.91
C GLY C 91 -23.50 38.97 36.46
N PRO C 92 -23.36 38.86 37.79
CA PRO C 92 -22.85 37.60 38.37
C PRO C 92 -23.68 36.36 38.00
N ARG C 93 -25.00 36.49 37.93
CA ARG C 93 -25.86 35.37 37.53
C ARG C 93 -26.37 35.54 36.08
N SER C 94 -25.70 36.41 35.31
CA SER C 94 -26.11 36.70 33.94
C SER C 94 -24.89 36.85 33.04
N GLN C 95 -24.21 35.74 32.81
CA GLN C 95 -22.97 35.75 32.08
C GLN C 95 -23.10 35.03 30.76
N GLY C 96 -24.33 34.63 30.42
CA GLY C 96 -24.53 33.77 29.27
C GLY C 96 -23.84 32.43 29.47
N VAL C 97 -23.28 31.89 28.41
CA VAL C 97 -22.52 30.64 28.45
C VAL C 97 -21.11 30.83 27.91
N PHE C 98 -20.99 31.50 26.77
CA PHE C 98 -19.70 31.58 26.06
C PHE C 98 -18.57 32.21 26.90
N LEU C 99 -18.82 33.41 27.44
CA LEU C 99 -17.82 34.12 28.24
C LEU C 99 -18.03 33.89 29.75
N ALA C 100 -19.04 33.13 30.13
CA ALA C 100 -19.33 32.92 31.55
C ALA C 100 -18.10 32.36 32.30
N ARG C 101 -17.75 32.94 33.45
CA ARG C 101 -16.65 32.39 34.26
C ARG C 101 -16.96 30.95 34.69
N TYR C 102 -15.93 30.16 34.98
CA TYR C 102 -16.12 28.82 35.50
C TYR C 102 -16.88 28.91 36.83
N GLY C 103 -17.93 28.12 36.98
CA GLY C 103 -18.76 28.18 38.18
C GLY C 103 -20.22 27.85 37.90
N PRO C 104 -21.09 28.08 38.89
CA PRO C 104 -22.51 27.74 38.77
C PRO C 104 -23.21 28.45 37.61
N ALA C 105 -22.97 29.73 37.38
CA ALA C 105 -23.67 30.44 36.30
C ALA C 105 -23.34 29.84 34.94
N TRP C 106 -22.08 29.49 34.70
CA TRP C 106 -21.73 28.85 33.44
C TRP C 106 -22.31 27.44 33.40
N ARG C 107 -22.12 26.69 34.49
CA ARG C 107 -22.47 25.27 34.50
C ARG C 107 -23.99 25.07 34.33
N GLU C 108 -24.79 25.90 34.98
CA GLU C 108 -26.23 25.74 34.84
C GLU C 108 -26.63 26.00 33.37
N GLN C 109 -26.12 27.05 32.78
CA GLN C 109 -26.48 27.37 31.39
C GLN C 109 -25.91 26.36 30.41
N ARG C 110 -24.69 25.91 30.69
CA ARG C 110 -24.05 24.86 29.87
C ARG C 110 -24.90 23.62 29.84
N ARG C 111 -25.31 23.13 31.02
CA ARG C 111 -26.11 21.91 31.09
C ARG C 111 -27.45 22.12 30.40
N PHE C 112 -28.05 23.29 30.61
CA PHE C 112 -29.36 23.57 30.05
C PHE C 112 -29.32 23.56 28.51
N SER C 113 -28.33 24.23 27.92
CA SER C 113 -28.25 24.27 26.46
C SER C 113 -27.91 22.93 25.84
N VAL C 114 -27.01 22.20 26.47
CA VAL C 114 -26.65 20.87 26.00
C VAL C 114 -27.87 19.96 26.01
N SER C 115 -28.58 19.93 27.13
CA SER C 115 -29.82 19.12 27.26
C SER C 115 -30.89 19.52 26.26
N THR C 116 -31.10 20.82 26.12
CA THR C 116 -32.18 21.30 25.28
C THR C 116 -31.91 20.93 23.83
N LEU C 117 -30.67 21.08 23.39
CA LEU C 117 -30.28 20.67 22.03
C LEU C 117 -30.51 19.18 21.81
N ARG C 118 -30.19 18.38 22.80
CA ARG C 118 -30.46 16.93 22.77
C ARG C 118 -31.99 16.64 22.79
N ASN C 119 -32.72 17.37 23.63
CA ASN C 119 -34.18 17.18 23.70
C ASN C 119 -34.87 17.60 22.40
N LEU C 120 -34.47 18.75 21.84
CA LEU C 120 -35.01 19.20 20.57
C LEU C 120 -34.59 18.26 19.44
N GLY C 121 -33.60 17.41 19.72
CA GLY C 121 -33.23 16.33 18.82
C GLY C 121 -34.33 15.29 18.68
N LEU C 122 -35.37 15.41 19.51
CA LEU C 122 -36.60 14.62 19.42
C LEU C 122 -37.82 15.56 19.49
N GLY C 123 -38.95 15.06 19.98
CA GLY C 123 -40.14 15.89 20.14
C GLY C 123 -40.90 16.15 18.84
N LYS C 124 -41.90 17.04 18.93
CA LYS C 124 -42.90 17.19 17.86
C LYS C 124 -42.30 17.70 16.56
N LYS C 125 -41.42 18.69 16.64
CA LYS C 125 -40.68 19.15 15.48
C LYS C 125 -39.20 19.21 15.84
N SER C 126 -38.43 18.32 15.22
CA SER C 126 -37.03 18.16 15.55
C SER C 126 -36.17 19.25 14.91
N LEU C 127 -34.97 19.44 15.46
CA LEU C 127 -33.99 20.29 14.83
C LEU C 127 -33.67 19.79 13.42
N GLU C 128 -33.60 18.48 13.24
CA GLU C 128 -33.31 17.91 11.93
C GLU C 128 -34.34 18.30 10.88
N GLN C 129 -35.62 18.32 11.26
CA GLN C 129 -36.66 18.77 10.34
C GLN C 129 -36.50 20.26 9.97
N TRP C 130 -36.18 21.11 10.96
CA TRP C 130 -35.91 22.52 10.67
C TRP C 130 -34.73 22.68 9.74
N VAL C 131 -33.64 21.98 10.00
CA VAL C 131 -32.45 22.06 9.14
C VAL C 131 -32.77 21.59 7.72
N THR C 132 -33.48 20.47 7.63
CA THR C 132 -33.86 19.86 6.36
C THR C 132 -34.74 20.78 5.51
N GLU C 133 -35.67 21.46 6.16
CA GLU C 133 -36.49 22.42 5.45
C GLU C 133 -35.68 23.66 5.04
N GLU C 134 -34.69 24.04 5.84
CA GLU C 134 -33.91 25.21 5.49
C GLU C 134 -33.03 24.90 4.27
N ALA C 135 -32.48 23.69 4.23
CA ALA C 135 -31.67 23.20 3.11
C ALA C 135 -32.44 23.32 1.80
N ALA C 136 -33.71 22.94 1.82
CA ALA C 136 -34.58 23.06 0.68
C ALA C 136 -34.79 24.53 0.28
N CYS C 137 -35.00 25.42 1.25
CA CYS C 137 -35.14 26.84 0.95
C CYS C 137 -33.84 27.37 0.35
N LEU C 138 -32.72 26.87 0.88
CA LEU C 138 -31.41 27.30 0.43
C LEU C 138 -31.19 26.87 -1.03
N CYS C 139 -31.57 25.63 -1.35
CA CYS C 139 -31.44 25.15 -2.73
C CYS C 139 -32.30 26.00 -3.68
N ALA C 140 -33.53 26.31 -3.28
CA ALA C 140 -34.40 27.14 -4.10
C ALA C 140 -33.78 28.52 -4.31
N ALA C 141 -33.15 29.06 -3.27
CA ALA C 141 -32.51 30.35 -3.40
C ALA C 141 -31.32 30.29 -4.39
N PHE C 142 -30.54 29.21 -4.32
CA PHE C 142 -29.46 29.01 -5.29
C PHE C 142 -30.02 28.90 -6.69
N ALA C 143 -31.08 28.11 -6.87
CA ALA C 143 -31.59 27.85 -8.21
C ALA C 143 -32.10 29.13 -8.89
N ASN C 144 -32.50 30.12 -8.08
CA ASN C 144 -33.01 31.36 -8.62
C ASN C 144 -31.91 32.24 -9.21
N HIS C 145 -30.65 31.90 -8.97
CA HIS C 145 -29.59 32.66 -9.62
C HIS C 145 -29.42 32.21 -11.06
N SER C 146 -29.87 30.99 -11.36
CA SER C 146 -29.95 30.47 -12.74
C SER C 146 -28.64 30.51 -13.51
N GLY C 147 -27.61 29.84 -13.00
CA GLY C 147 -26.36 29.70 -13.73
C GLY C 147 -25.43 30.90 -13.66
N ARG C 148 -26.01 32.10 -13.50
CA ARG C 148 -25.24 33.32 -13.31
C ARG C 148 -24.32 33.22 -12.11
N PRO C 149 -23.13 33.81 -12.21
CA PRO C 149 -22.15 33.75 -11.11
C PRO C 149 -22.56 34.62 -9.93
N PHE C 150 -22.38 34.12 -8.71
CA PHE C 150 -22.74 34.88 -7.51
C PHE C 150 -21.88 34.46 -6.32
N ARG C 151 -21.69 35.37 -5.37
CA ARG C 151 -21.05 35.00 -4.09
C ARG C 151 -22.09 34.34 -3.20
N PRO C 152 -21.80 33.10 -2.78
CA PRO C 152 -22.76 32.30 -1.99
C PRO C 152 -22.84 32.71 -0.52
N ASN C 153 -21.86 33.48 -0.03
CA ASN C 153 -21.75 33.78 1.41
C ASN C 153 -23.03 34.31 2.08
N GLY C 154 -23.73 35.22 1.41
CA GLY C 154 -24.92 35.86 1.94
C GLY C 154 -26.04 34.87 2.25
N LEU C 155 -26.35 34.04 1.27
CA LEU C 155 -27.36 33.01 1.40
C LEU C 155 -26.97 31.98 2.47
N LEU C 156 -25.72 31.54 2.49
CA LEU C 156 -25.26 30.64 3.57
C LEU C 156 -25.51 31.26 4.97
N ASP C 157 -25.23 32.56 5.11
CA ASP C 157 -25.44 33.24 6.38
C ASP C 157 -26.89 33.13 6.80
N LYS C 158 -27.78 33.43 5.86
CA LYS C 158 -29.21 33.41 6.10
C LYS C 158 -29.70 32.03 6.50
N ALA C 159 -29.27 31.02 5.76
CA ALA C 159 -29.70 29.65 6.02
C ALA C 159 -29.28 29.23 7.42
N VAL C 160 -28.02 29.48 7.75
CA VAL C 160 -27.44 29.08 9.03
C VAL C 160 -28.08 29.92 10.17
N SER C 161 -28.36 31.18 9.86
CA SER C 161 -29.03 32.02 10.84
C SER C 161 -30.44 31.52 11.14
N ASN C 162 -31.17 31.08 10.11
CA ASN C 162 -32.50 30.52 10.32
C ASN C 162 -32.48 29.23 11.14
N VAL C 163 -31.43 28.42 11.02
CA VAL C 163 -31.36 27.22 11.86
C VAL C 163 -31.21 27.65 13.32
N ILE C 164 -30.47 28.72 13.59
CA ILE C 164 -30.39 29.22 14.96
C ILE C 164 -31.73 29.86 15.42
N ALA C 165 -32.41 30.60 14.54
CA ALA C 165 -33.75 31.13 14.89
C ALA C 165 -34.73 30.02 15.19
N SER C 166 -34.63 28.91 14.49
CA SER C 166 -35.52 27.78 14.74
C SER C 166 -35.26 27.15 16.10
N LEU C 167 -33.98 26.95 16.42
CA LEU C 167 -33.56 26.41 17.72
C LEU C 167 -34.04 27.28 18.85
N THR C 168 -33.89 28.59 18.65
CA THR C 168 -34.05 29.50 19.77
C THR C 168 -35.47 30.03 19.83
N CYS C 169 -36.04 30.42 18.68
CA CYS C 169 -37.35 31.06 18.69
C CYS C 169 -38.44 30.16 18.06
N GLY C 170 -38.06 29.04 17.44
CA GLY C 170 -39.05 28.15 16.84
C GLY C 170 -39.73 28.68 15.58
N ARG C 171 -39.02 29.56 14.86
CA ARG C 171 -39.48 30.09 13.58
C ARG C 171 -38.28 30.24 12.67
N ARG C 172 -38.53 30.41 11.37
CA ARG C 172 -37.48 30.89 10.47
C ARG C 172 -37.93 32.27 9.97
N PHE C 173 -37.06 32.97 9.25
CA PHE C 173 -37.44 34.20 8.55
C PHE C 173 -37.24 34.06 7.05
N GLU C 174 -38.09 34.72 6.27
CA GLU C 174 -37.86 34.83 4.82
C GLU C 174 -36.53 35.53 4.54
N TYR C 175 -35.89 35.17 3.42
CA TYR C 175 -34.59 35.70 3.05
C TYR C 175 -34.63 37.18 2.71
N ASP C 176 -35.83 37.70 2.44
CA ASP C 176 -36.01 39.13 2.16
C ASP C 176 -36.69 39.87 3.31
N ASP C 177 -36.74 39.25 4.49
CA ASP C 177 -37.37 39.90 5.63
C ASP C 177 -36.46 41.02 6.17
N PRO C 178 -37.00 42.26 6.24
CA PRO C 178 -36.22 43.42 6.67
C PRO C 178 -35.63 43.28 8.07
N ARG C 179 -36.39 42.72 9.01
CA ARG C 179 -35.89 42.54 10.39
C ARG C 179 -34.74 41.51 10.45
N PHE C 180 -34.91 40.41 9.74
CA PHE C 180 -33.89 39.40 9.59
C PHE C 180 -32.61 40.00 8.99
N LEU C 181 -32.78 40.71 7.88
CA LEU C 181 -31.65 41.32 7.18
C LEU C 181 -30.91 42.31 8.08
N ARG C 182 -31.66 43.02 8.92
CA ARG C 182 -31.05 43.96 9.84
C ARG C 182 -30.33 43.23 10.97
N LEU C 183 -30.95 42.19 11.51
CA LEU C 183 -30.31 41.39 12.55
C LEU C 183 -28.96 40.86 12.05
N LEU C 184 -28.95 40.36 10.80
CA LEU C 184 -27.74 39.78 10.23
C LEU C 184 -26.65 40.83 10.05
N ASP C 185 -27.07 42.01 9.60
CA ASP C 185 -26.14 43.10 9.36
C ASP C 185 -25.50 43.57 10.65
N LEU C 186 -26.32 43.72 11.70
CA LEU C 186 -25.81 44.10 13.01
C LEU C 186 -24.79 43.09 13.51
N ALA C 187 -25.05 41.81 13.32
CA ALA C 187 -24.16 40.76 13.81
C ALA C 187 -22.80 40.83 13.11
N GLN C 188 -22.83 41.11 11.81
CA GLN C 188 -21.61 41.21 11.01
C GLN C 188 -20.81 42.42 11.48
N GLU C 189 -21.50 43.53 11.70
CA GLU C 189 -20.87 44.71 12.27
C GLU C 189 -20.34 44.47 13.68
N GLY C 190 -21.05 43.66 14.46
CA GLY C 190 -20.66 43.40 15.83
C GLY C 190 -19.40 42.57 15.93
N LEU C 191 -19.18 41.74 14.92
CA LEU C 191 -17.98 40.94 14.81
C LEU C 191 -16.73 41.81 14.63
N LYS C 192 -16.90 42.93 13.94
CA LYS C 192 -15.80 43.86 13.75
C LYS C 192 -15.46 44.55 15.07
N GLU C 193 -16.47 44.83 15.89
CA GLU C 193 -16.25 45.45 17.20
C GLU C 193 -15.49 44.53 18.14
N GLU C 194 -15.35 43.27 17.74
CA GLU C 194 -14.63 42.29 18.53
C GLU C 194 -13.13 42.46 18.32
N SER C 195 -12.77 43.15 17.24
CA SER C 195 -11.38 43.33 16.88
C SER C 195 -10.99 44.80 16.93
N GLY C 196 -11.94 45.66 17.27
CA GLY C 196 -11.74 47.09 17.29
C GLY C 196 -10.69 47.57 18.27
N PHE C 197 -10.24 48.82 18.11
CA PHE C 197 -9.19 49.36 18.96
C PHE C 197 -9.73 49.84 20.30
N LEU C 198 -10.92 50.44 20.27
CA LEU C 198 -11.56 50.91 21.49
C LEU C 198 -11.67 49.81 22.53
N ARG C 199 -12.21 48.66 22.13
CA ARG C 199 -12.49 47.57 23.06
C ARG C 199 -11.23 47.18 23.82
N GLU C 200 -10.15 46.87 23.10
CA GLU C 200 -8.91 46.42 23.74
C GLU C 200 -8.32 47.53 24.61
N VAL C 201 -8.73 48.77 24.37
CA VAL C 201 -8.39 49.86 25.27
C VAL C 201 -9.32 49.87 26.47
N LEU C 202 -10.61 50.05 26.21
CA LEU C 202 -11.60 50.20 27.27
C LEU C 202 -11.70 48.95 28.12
N ASN C 203 -11.56 47.79 27.47
CA ASN C 203 -11.53 46.52 28.20
C ASN C 203 -10.31 46.46 29.11
N ALA C 204 -9.22 47.06 28.65
CA ALA C 204 -7.97 47.09 29.40
C ALA C 204 -8.09 47.98 30.65
N VAL C 205 -8.62 49.18 30.49
CA VAL C 205 -8.87 50.04 31.65
C VAL C 205 -10.36 50.32 31.80
N PRO C 206 -11.06 49.46 32.54
CA PRO C 206 -12.52 49.50 32.74
C PRO C 206 -13.02 50.83 33.31
N VAL C 207 -12.16 51.56 34.00
CA VAL C 207 -12.60 52.80 34.65
C VAL C 207 -12.92 53.88 33.59
N LEU C 208 -12.31 53.75 32.41
CA LEU C 208 -12.61 54.62 31.27
C LEU C 208 -14.08 54.55 30.83
N LEU C 209 -14.76 53.48 31.21
CA LEU C 209 -16.16 53.30 30.83
C LEU C 209 -17.11 54.29 31.50
N HIS C 210 -16.58 55.13 32.37
CA HIS C 210 -17.39 56.19 33.00
C HIS C 210 -17.60 57.34 32.03
N ILE C 211 -16.69 57.45 31.07
CA ILE C 211 -16.81 58.43 29.98
C ILE C 211 -17.91 58.02 29.01
N PRO C 212 -19.03 58.76 29.01
CA PRO C 212 -20.17 58.38 28.18
C PRO C 212 -19.84 58.36 26.68
N ALA C 213 -18.95 59.25 26.24
CA ALA C 213 -18.58 59.32 24.83
C ALA C 213 -17.88 58.04 24.40
N LEU C 214 -17.15 57.44 25.33
CA LEU C 214 -16.46 56.19 25.03
C LEU C 214 -17.43 55.00 25.13
N ALA C 215 -18.15 54.93 26.24
CA ALA C 215 -19.03 53.80 26.53
C ALA C 215 -20.08 53.56 25.44
N GLY C 216 -20.59 54.65 24.87
CA GLY C 216 -21.60 54.56 23.84
C GLY C 216 -21.06 54.43 22.43
N LYS C 217 -19.97 53.67 22.27
CA LYS C 217 -19.44 53.46 20.93
C LYS C 217 -18.65 52.16 20.80
N VAL C 218 -18.15 51.64 21.92
CA VAL C 218 -17.36 50.42 21.91
C VAL C 218 -18.11 49.21 21.32
N LEU C 219 -19.38 49.09 21.70
CA LEU C 219 -20.19 47.94 21.30
C LEU C 219 -21.56 48.39 20.81
N ARG C 220 -21.61 49.47 20.05
CA ARG C 220 -22.88 50.01 19.58
C ARG C 220 -23.66 49.00 18.73
N PHE C 221 -22.98 48.33 17.80
CA PHE C 221 -23.64 47.37 16.93
C PHE C 221 -24.10 46.13 17.69
N GLN C 222 -23.26 45.66 18.61
CA GLN C 222 -23.62 44.51 19.44
C GLN C 222 -24.82 44.84 20.33
N LYS C 223 -24.85 46.06 20.87
CA LYS C 223 -25.97 46.52 21.70
C LYS C 223 -27.23 46.62 20.85
N ALA C 224 -27.05 47.08 19.62
CA ALA C 224 -28.14 47.16 18.67
C ALA C 224 -28.66 45.77 18.33
N PHE C 225 -27.77 44.79 18.27
CA PHE C 225 -28.18 43.40 18.05
C PHE C 225 -29.08 42.91 19.18
N LEU C 226 -28.65 43.15 20.41
CA LEU C 226 -29.42 42.76 21.59
C LEU C 226 -30.79 43.41 21.57
N THR C 227 -30.85 44.70 21.26
CA THR C 227 -32.12 45.42 21.23
C THR C 227 -33.07 44.82 20.21
N GLN C 228 -32.54 44.48 19.04
CA GLN C 228 -33.35 43.86 18.01
C GLN C 228 -33.82 42.50 18.50
N LEU C 229 -32.90 41.78 19.14
CA LEU C 229 -33.20 40.50 19.75
C LEU C 229 -34.31 40.58 20.81
N ASP C 230 -34.25 41.60 21.68
CA ASP C 230 -35.30 41.84 22.68
C ASP C 230 -36.69 41.90 22.04
N GLU C 231 -36.79 42.61 20.93
CA GLU C 231 -38.05 42.75 20.21
C GLU C 231 -38.56 41.38 19.76
N LEU C 232 -37.69 40.57 19.18
CA LEU C 232 -38.10 39.23 18.75
C LEU C 232 -38.51 38.39 19.94
N LEU C 233 -37.81 38.53 21.07
CA LEU C 233 -38.08 37.74 22.26
C LEU C 233 -39.43 38.13 22.89
N THR C 234 -39.75 39.42 22.86
CA THR C 234 -41.04 39.91 23.34
C THR C 234 -42.20 39.35 22.54
N GLU C 235 -42.09 39.34 21.23
CA GLU C 235 -43.11 38.72 20.39
C GLU C 235 -43.26 37.23 20.71
N HIS C 236 -42.12 36.53 20.80
CA HIS C 236 -42.14 35.11 21.08
C HIS C 236 -42.79 34.85 22.44
N ARG C 237 -42.54 35.73 23.40
CA ARG C 237 -43.12 35.54 24.71
C ARG C 237 -44.63 35.57 24.59
N MET C 238 -45.16 36.39 23.67
CA MET C 238 -46.60 36.49 23.48
C MET C 238 -47.25 35.21 22.91
N THR C 239 -46.58 34.53 21.97
CA THR C 239 -47.13 33.32 21.32
C THR C 239 -46.79 31.99 22.03
N TRP C 240 -45.93 32.05 23.05
CA TRP C 240 -45.60 30.88 23.87
C TRP C 240 -46.83 30.24 24.50
N ASP C 241 -46.98 28.93 24.33
CA ASP C 241 -48.04 28.18 24.98
C ASP C 241 -47.43 27.30 26.08
N PRO C 242 -47.42 27.81 27.32
CA PRO C 242 -46.79 27.10 28.44
C PRO C 242 -47.49 25.78 28.77
N ALA C 243 -48.73 25.59 28.29
CA ALA C 243 -49.49 24.35 28.53
C ALA C 243 -48.97 23.19 27.68
N GLN C 244 -47.99 23.47 26.82
CA GLN C 244 -47.47 22.46 25.93
C GLN C 244 -45.98 22.30 26.15
N PRO C 245 -45.44 21.13 25.77
CA PRO C 245 -43.99 20.98 25.89
C PRO C 245 -43.29 22.08 25.10
N PRO C 246 -42.17 22.59 25.63
CA PRO C 246 -41.38 23.63 24.96
C PRO C 246 -41.05 23.24 23.54
N ARG C 247 -41.31 24.14 22.59
CA ARG C 247 -41.02 23.88 21.18
C ARG C 247 -39.59 24.24 20.80
N ASP C 248 -38.96 25.05 21.62
CA ASP C 248 -37.67 25.59 21.29
C ASP C 248 -36.98 26.00 22.56
N LEU C 249 -35.74 26.47 22.43
CA LEU C 249 -34.89 26.68 23.59
C LEU C 249 -35.38 27.83 24.43
N THR C 250 -35.86 28.89 23.79
CA THR C 250 -36.37 30.02 24.55
C THR C 250 -37.59 29.63 25.41
N GLU C 251 -38.44 28.74 24.91
CA GLU C 251 -39.56 28.28 25.69
C GLU C 251 -39.09 27.42 26.87
N ALA C 252 -38.11 26.55 26.64
CA ALA C 252 -37.55 25.77 27.75
C ALA C 252 -37.01 26.73 28.81
N PHE C 253 -36.36 27.80 28.38
CA PHE C 253 -35.73 28.76 29.30
C PHE C 253 -36.82 29.47 30.09
N LEU C 254 -37.85 29.92 29.38
CA LEU C 254 -38.94 30.66 30.02
C LEU C 254 -39.61 29.79 31.09
N ALA C 255 -39.77 28.51 30.77
CA ALA C 255 -40.38 27.57 31.71
C ALA C 255 -39.49 27.45 32.97
N GLU C 256 -38.17 27.48 32.78
CA GLU C 256 -37.24 27.42 33.93
C GLU C 256 -37.29 28.72 34.74
N MET C 257 -37.39 29.84 34.04
CA MET C 257 -37.47 31.14 34.70
C MET C 257 -38.69 31.20 35.63
N GLU C 258 -39.82 30.70 35.17
CA GLU C 258 -41.00 30.65 36.03
C GLU C 258 -40.76 29.81 37.28
N LYS C 259 -40.19 28.61 37.12
CA LYS C 259 -39.89 27.77 38.28
C LYS C 259 -38.93 28.45 39.26
N ALA C 260 -38.10 29.36 38.73
CA ALA C 260 -37.07 30.02 39.52
C ALA C 260 -37.48 31.36 40.17
N LYS C 261 -38.73 31.80 39.99
CA LYS C 261 -39.16 33.03 40.65
C LYS C 261 -39.08 32.81 42.17
N GLY C 262 -38.34 33.71 42.84
CA GLY C 262 -38.07 33.59 44.26
C GLY C 262 -36.64 33.13 44.52
N ASN C 263 -35.97 32.66 43.48
CA ASN C 263 -34.62 32.12 43.60
C ASN C 263 -33.53 33.05 43.04
N PRO C 264 -32.83 33.78 43.93
CA PRO C 264 -31.80 34.70 43.43
C PRO C 264 -30.50 33.98 43.07
N GLU C 265 -30.43 32.67 43.27
CA GLU C 265 -29.25 31.91 42.83
C GLU C 265 -29.35 31.42 41.39
N SER C 266 -30.52 31.54 40.79
CA SER C 266 -30.74 30.98 39.46
C SER C 266 -30.10 31.83 38.39
N SER C 267 -29.61 31.20 37.33
CA SER C 267 -29.14 31.95 36.18
C SER C 267 -30.29 32.11 35.17
N PHE C 268 -31.49 31.64 35.53
CA PHE C 268 -32.64 31.81 34.63
C PHE C 268 -33.40 33.10 34.99
N ASN C 269 -33.07 34.17 34.27
CA ASN C 269 -33.69 35.46 34.46
C ASN C 269 -33.69 36.19 33.13
N ASP C 270 -34.41 37.30 33.06
CA ASP C 270 -34.54 38.06 31.81
C ASP C 270 -33.19 38.54 31.27
N GLU C 271 -32.30 39.01 32.14
CA GLU C 271 -31.00 39.52 31.72
C GLU C 271 -30.16 38.45 31.05
N ASN C 272 -30.26 37.23 31.55
CA ASN C 272 -29.43 36.17 31.03
C ASN C 272 -30.04 35.56 29.76
N LEU C 273 -31.36 35.53 29.66
CA LEU C 273 -31.98 34.97 28.47
C LEU C 273 -31.43 35.62 27.17
N ARG C 274 -31.34 36.94 27.13
CA ARG C 274 -30.95 37.64 25.89
C ARG C 274 -29.48 37.41 25.59
N ILE C 275 -28.67 37.24 26.65
CA ILE C 275 -27.28 36.93 26.49
C ILE C 275 -27.09 35.49 26.02
N VAL C 276 -27.88 34.57 26.56
CA VAL C 276 -27.75 33.18 26.15
C VAL C 276 -28.08 33.05 24.65
N VAL C 277 -29.18 33.66 24.25
CA VAL C 277 -29.64 33.56 22.87
C VAL C 277 -28.68 34.25 21.94
N ALA C 278 -28.22 35.43 22.33
CA ALA C 278 -27.22 36.16 21.56
C ALA C 278 -25.89 35.39 21.40
N ASP C 279 -25.49 34.65 22.43
CA ASP C 279 -24.33 33.77 22.38
C ASP C 279 -24.50 32.65 21.34
N LEU C 280 -25.68 32.06 21.30
CA LEU C 280 -25.96 31.01 20.35
C LEU C 280 -25.97 31.57 18.91
N PHE C 281 -26.62 32.71 18.69
CA PHE C 281 -26.60 33.31 17.35
C PHE C 281 -25.18 33.67 16.94
N SER C 282 -24.49 34.41 17.82
CA SER C 282 -23.22 35.01 17.45
C SER C 282 -22.09 33.98 17.40
N ALA C 283 -22.18 32.89 18.16
CA ALA C 283 -21.19 31.81 18.08
C ALA C 283 -21.50 30.83 16.94
N GLY C 284 -22.78 30.65 16.64
CA GLY C 284 -23.18 29.64 15.69
C GLY C 284 -23.35 30.07 14.25
N MET C 285 -23.41 31.37 13.99
CA MET C 285 -23.66 31.84 12.61
C MET C 285 -22.38 31.91 11.80
N VAL C 286 -21.48 32.83 12.13
CA VAL C 286 -20.30 33.02 11.30
C VAL C 286 -19.45 31.73 11.20
N THR C 287 -19.48 30.89 12.23
CA THR C 287 -18.71 29.62 12.19
C THR C 287 -19.26 28.64 11.14
N THR C 288 -20.52 28.25 11.29
CA THR C 288 -21.13 27.28 10.40
C THR C 288 -21.16 27.81 8.96
N SER C 289 -21.46 29.09 8.81
CA SER C 289 -21.53 29.74 7.51
C SER C 289 -20.18 29.74 6.76
N THR C 290 -19.14 30.20 7.43
CA THR C 290 -17.80 30.24 6.86
C THR C 290 -17.27 28.84 6.49
N THR C 291 -17.59 27.84 7.30
CA THR C 291 -17.22 26.47 6.97
C THR C 291 -17.86 26.03 5.66
N LEU C 292 -19.15 26.34 5.50
CA LEU C 292 -19.87 25.97 4.29
C LEU C 292 -19.30 26.70 3.07
N ALA C 293 -18.86 27.93 3.28
CA ALA C 293 -18.26 28.72 2.18
C ALA C 293 -16.90 28.12 1.77
N TRP C 294 -16.15 27.64 2.77
CA TRP C 294 -14.94 26.87 2.51
C TRP C 294 -15.30 25.62 1.72
N GLY C 295 -16.42 25.00 2.10
CA GLY C 295 -16.87 23.78 1.48
C GLY C 295 -17.16 23.98 0.00
N LEU C 296 -17.88 25.04 -0.32
CA LEU C 296 -18.21 25.28 -1.71
C LEU C 296 -16.99 25.74 -2.50
N LEU C 297 -16.08 26.46 -1.87
CA LEU C 297 -14.87 26.89 -2.54
C LEU C 297 -13.98 25.69 -2.90
N LEU C 298 -13.88 24.74 -1.97
CA LEU C 298 -13.04 23.58 -2.20
C LEU C 298 -13.67 22.65 -3.24
N MET C 299 -15.00 22.69 -3.38
CA MET C 299 -15.62 21.86 -4.39
C MET C 299 -15.42 22.41 -5.81
N ILE C 300 -15.30 23.73 -5.97
CA ILE C 300 -15.03 24.27 -7.32
C ILE C 300 -13.54 24.21 -7.65
N LEU C 301 -12.68 24.19 -6.62
CA LEU C 301 -11.25 24.04 -6.85
C LEU C 301 -10.89 22.56 -7.01
N HIS C 302 -11.75 21.67 -6.53
CA HIS C 302 -11.48 20.25 -6.69
C HIS C 302 -12.69 19.50 -7.22
N PRO C 303 -13.07 19.79 -8.48
CA PRO C 303 -14.31 19.27 -9.08
C PRO C 303 -14.35 17.76 -9.08
N ASP C 304 -13.19 17.11 -8.96
CA ASP C 304 -13.14 15.65 -8.99
C ASP C 304 -13.63 15.08 -7.66
N VAL C 305 -13.33 15.77 -6.57
CA VAL C 305 -13.86 15.40 -5.27
C VAL C 305 -15.37 15.61 -5.27
N GLN C 306 -15.80 16.75 -5.83
CA GLN C 306 -17.22 17.08 -5.94
C GLN C 306 -18.00 15.96 -6.61
N ARG C 307 -17.50 15.50 -7.77
CA ARG C 307 -18.14 14.41 -8.50
C ARG C 307 -18.17 13.11 -7.70
N ARG C 308 -17.12 12.83 -6.95
CA ARG C 308 -17.12 11.62 -6.16
C ARG C 308 -18.18 11.72 -5.07
N VAL C 309 -18.34 12.90 -4.49
CA VAL C 309 -19.39 13.12 -3.51
C VAL C 309 -20.73 12.96 -4.20
N GLN C 310 -20.86 13.53 -5.39
CA GLN C 310 -22.15 13.49 -6.08
C GLN C 310 -22.45 12.07 -6.53
N GLN C 311 -21.41 11.30 -6.81
CA GLN C 311 -21.59 9.89 -7.15
C GLN C 311 -22.12 9.13 -5.93
N GLU C 312 -21.53 9.37 -4.77
CA GLU C 312 -21.96 8.68 -3.55
C GLU C 312 -23.36 9.12 -3.12
N ILE C 313 -23.71 10.38 -3.37
CA ILE C 313 -25.07 10.84 -3.11
C ILE C 313 -26.06 10.06 -3.97
N ASP C 314 -25.76 9.94 -5.26
CA ASP C 314 -26.65 9.23 -6.17
C ASP C 314 -26.82 7.77 -5.78
N ASP C 315 -25.75 7.14 -5.32
CA ASP C 315 -25.80 5.72 -4.98
C ASP C 315 -26.63 5.48 -3.71
N VAL C 316 -26.52 6.38 -2.74
CA VAL C 316 -27.11 6.16 -1.44
C VAL C 316 -28.48 6.82 -1.27
N ILE C 317 -28.63 8.00 -1.85
CA ILE C 317 -29.82 8.82 -1.62
C ILE C 317 -30.70 8.93 -2.86
N GLY C 318 -30.07 8.97 -4.03
CA GLY C 318 -30.79 9.19 -5.27
C GLY C 318 -30.89 10.69 -5.46
N GLN C 319 -31.58 11.14 -6.51
CA GLN C 319 -31.72 12.58 -6.70
C GLN C 319 -33.12 13.05 -6.32
N VAL C 320 -33.91 12.16 -5.74
CA VAL C 320 -35.25 12.53 -5.29
C VAL C 320 -35.22 13.07 -3.85
N ARG C 321 -35.24 12.15 -2.89
CA ARG C 321 -35.47 12.51 -1.50
C ARG C 321 -34.41 13.44 -0.93
N ARG C 322 -34.85 14.24 0.02
CA ARG C 322 -33.96 15.09 0.80
C ARG C 322 -33.05 14.20 1.64
N PRO C 323 -31.76 14.53 1.68
CA PRO C 323 -30.85 13.77 2.55
C PRO C 323 -31.30 13.80 4.02
N GLU C 324 -31.00 12.76 4.76
CA GLU C 324 -31.34 12.68 6.18
C GLU C 324 -30.09 12.31 6.96
N MET C 325 -30.10 12.57 8.26
CA MET C 325 -28.95 12.28 9.11
C MET C 325 -28.61 10.78 9.10
N GLY C 326 -29.63 9.94 8.93
CA GLY C 326 -29.42 8.50 8.80
C GLY C 326 -28.56 8.12 7.60
N ASP C 327 -28.49 8.98 6.60
CA ASP C 327 -27.65 8.71 5.42
C ASP C 327 -26.14 8.77 5.74
N GLN C 328 -25.75 9.54 6.76
CA GLN C 328 -24.33 9.82 6.96
C GLN C 328 -23.47 8.58 7.24
N ALA C 329 -23.99 7.65 8.03
CA ALA C 329 -23.26 6.43 8.35
C ALA C 329 -23.00 5.57 7.11
N HIS C 330 -23.76 5.83 6.04
CA HIS C 330 -23.59 5.07 4.81
C HIS C 330 -22.87 5.89 3.72
N MET C 331 -22.30 7.03 4.11
CA MET C 331 -21.62 7.91 3.17
C MET C 331 -20.26 8.32 3.70
N PRO C 332 -19.33 7.35 3.77
CA PRO C 332 -18.02 7.57 4.38
C PRO C 332 -17.22 8.64 3.62
N TYR C 333 -17.38 8.69 2.30
CA TYR C 333 -16.58 9.62 1.51
C TYR C 333 -17.03 11.08 1.71
N THR C 334 -18.33 11.30 1.58
CA THR C 334 -18.90 12.60 1.84
C THR C 334 -18.55 13.08 3.25
N THR C 335 -18.57 12.18 4.21
CA THR C 335 -18.24 12.50 5.60
C THR C 335 -16.77 12.88 5.72
N ALA C 336 -15.92 12.17 4.99
CA ALA C 336 -14.48 12.49 4.96
C ALA C 336 -14.24 13.88 4.41
N VAL C 337 -14.90 14.16 3.29
CA VAL C 337 -14.77 15.46 2.62
C VAL C 337 -15.19 16.62 3.55
N ILE C 338 -16.34 16.47 4.19
CA ILE C 338 -16.80 17.49 5.16
C ILE C 338 -15.80 17.67 6.30
N HIS C 339 -15.31 16.56 6.87
CA HIS C 339 -14.25 16.64 7.88
C HIS C 339 -13.00 17.32 7.35
N GLU C 340 -12.61 17.02 6.11
CA GLU C 340 -11.41 17.64 5.55
C GLU C 340 -11.64 19.13 5.29
N VAL C 341 -12.87 19.51 4.98
CA VAL C 341 -13.18 20.92 4.80
C VAL C 341 -12.94 21.68 6.10
N GLN C 342 -13.42 21.11 7.21
CA GLN C 342 -13.20 21.70 8.52
C GLN C 342 -11.71 21.76 8.85
N ARG C 343 -11.01 20.64 8.64
CA ARG C 343 -9.57 20.57 8.92
C ARG C 343 -8.80 21.60 8.13
N PHE C 344 -8.99 21.57 6.81
CA PHE C 344 -8.23 22.43 5.93
C PHE C 344 -8.66 23.89 6.12
N GLY C 345 -9.97 24.09 6.22
CA GLY C 345 -10.52 25.42 6.41
C GLY C 345 -10.03 26.08 7.69
N ASP C 346 -10.12 25.35 8.81
CA ASP C 346 -9.38 25.71 10.03
C ASP C 346 -9.76 27.14 10.41
N ILE C 347 -11.07 27.36 10.53
CA ILE C 347 -11.63 28.68 10.64
C ILE C 347 -11.33 29.36 11.97
N VAL C 348 -11.07 28.59 13.03
CA VAL C 348 -10.74 29.19 14.34
C VAL C 348 -9.35 28.76 14.77
N PRO C 349 -8.32 29.33 14.13
CA PRO C 349 -6.96 28.79 14.28
C PRO C 349 -6.48 28.85 15.72
N LEU C 350 -6.84 29.92 16.42
CA LEU C 350 -6.42 30.14 17.79
C LEU C 350 -7.50 29.86 18.84
N GLY C 351 -8.53 29.12 18.46
CA GLY C 351 -9.60 28.77 19.37
C GLY C 351 -10.26 29.94 20.11
N VAL C 352 -10.64 29.67 21.36
CA VAL C 352 -11.16 30.69 22.24
C VAL C 352 -10.30 30.66 23.49
N THR C 353 -9.94 31.81 24.03
CA THR C 353 -9.02 31.81 25.17
C THR C 353 -9.63 31.16 26.40
N HIS C 354 -8.78 30.50 27.18
CA HIS C 354 -9.16 29.92 28.47
C HIS C 354 -8.34 30.67 29.51
N MET C 355 -8.62 30.43 30.80
CA MET C 355 -7.74 30.90 31.86
C MET C 355 -7.61 29.85 32.96
N THR C 356 -6.41 29.65 33.48
CA THR C 356 -6.20 28.66 34.52
C THR C 356 -6.85 29.11 35.85
N SER C 357 -7.51 28.17 36.53
CA SER C 357 -8.10 28.42 37.85
C SER C 357 -7.13 28.04 38.95
N ARG C 358 -6.18 27.16 38.61
CA ARG C 358 -5.14 26.75 39.54
C ARG C 358 -3.79 26.64 38.81
N ASP C 359 -2.74 26.50 39.59
CA ASP C 359 -1.44 26.25 39.00
C ASP C 359 -1.46 24.84 38.41
N ILE C 360 -0.83 24.68 37.25
CA ILE C 360 -0.81 23.39 36.57
C ILE C 360 0.53 23.13 35.90
N GLU C 361 0.71 21.91 35.42
CA GLU C 361 1.91 21.59 34.69
C GLU C 361 1.50 21.08 33.33
N VAL C 362 2.18 21.59 32.30
CA VAL C 362 1.94 21.18 30.93
C VAL C 362 3.27 21.00 30.20
N GLN C 363 3.49 19.82 29.62
CA GLN C 363 4.75 19.48 28.96
C GLN C 363 5.96 19.84 29.84
N GLY C 364 5.79 19.71 31.16
CA GLY C 364 6.87 19.94 32.11
C GLY C 364 6.99 21.35 32.64
N PHE C 365 6.38 22.31 31.96
CA PHE C 365 6.48 23.71 32.36
C PHE C 365 5.44 24.06 33.41
N ARG C 366 5.70 25.12 34.18
CA ARG C 366 4.77 25.58 35.20
C ARG C 366 3.90 26.71 34.66
N ILE C 367 2.60 26.57 34.83
CA ILE C 367 1.64 27.63 34.49
C ILE C 367 0.89 28.10 35.72
N PRO C 368 1.15 29.36 36.15
CA PRO C 368 0.50 29.91 37.34
C PRO C 368 -0.99 30.12 37.14
N LYS C 369 -1.74 30.06 38.24
CA LYS C 369 -3.15 30.40 38.22
C LYS C 369 -3.34 31.79 37.59
N GLY C 370 -4.42 31.98 36.84
CA GLY C 370 -4.73 33.29 36.28
C GLY C 370 -4.07 33.59 34.95
N THR C 371 -3.41 32.59 34.38
CA THR C 371 -2.77 32.73 33.07
C THR C 371 -3.79 32.51 31.93
N THR C 372 -3.84 33.45 30.99
CA THR C 372 -4.63 33.27 29.78
C THR C 372 -4.00 32.17 28.94
N LEU C 373 -4.79 31.17 28.59
CA LEU C 373 -4.31 30.09 27.73
C LEU C 373 -4.77 30.29 26.31
N ILE C 374 -3.86 30.19 25.35
CA ILE C 374 -4.27 30.19 23.95
C ILE C 374 -4.03 28.82 23.36
N THR C 375 -5.11 28.17 22.95
CA THR C 375 -5.07 26.86 22.33
C THR C 375 -4.94 27.02 20.82
N ASN C 376 -3.76 26.70 20.30
CA ASN C 376 -3.50 26.80 18.88
C ASN C 376 -4.06 25.57 18.12
N LEU C 377 -5.34 25.62 17.81
CA LEU C 377 -6.01 24.47 17.17
C LEU C 377 -5.46 24.23 15.76
N SER C 378 -5.02 25.29 15.12
CA SER C 378 -4.45 25.18 13.80
C SER C 378 -3.20 24.29 13.80
N SER C 379 -2.38 24.40 14.85
CA SER C 379 -1.20 23.54 14.99
C SER C 379 -1.62 22.07 15.16
N VAL C 380 -2.83 21.83 15.63
CA VAL C 380 -3.32 20.45 15.76
C VAL C 380 -3.91 19.93 14.45
N LEU C 381 -4.69 20.77 13.78
CA LEU C 381 -5.31 20.39 12.51
C LEU C 381 -4.30 20.34 11.35
N LYS C 382 -3.16 21.02 11.50
CA LYS C 382 -2.17 21.10 10.43
C LYS C 382 -0.85 20.46 10.85
N ASP C 383 -0.87 19.71 11.96
CA ASP C 383 0.30 19.00 12.45
C ASP C 383 0.87 18.07 11.38
N GLU C 384 2.14 18.29 11.04
CA GLU C 384 2.83 17.56 9.96
C GLU C 384 3.27 16.15 10.36
N ALA C 385 3.27 15.87 11.66
CA ALA C 385 3.60 14.53 12.17
C ALA C 385 2.37 13.63 12.15
N VAL C 386 1.19 14.24 12.08
CA VAL C 386 -0.06 13.48 12.16
C VAL C 386 -0.74 13.26 10.80
N TRP C 387 -0.82 14.31 10.00
CA TRP C 387 -1.52 14.26 8.74
C TRP C 387 -0.56 14.05 7.58
N GLU C 388 -1.00 13.28 6.60
CA GLU C 388 -0.19 12.98 5.41
C GLU C 388 0.25 14.23 4.68
N LYS C 389 -0.71 15.10 4.34
CA LYS C 389 -0.42 16.33 3.62
C LYS C 389 -1.18 17.50 4.22
N PRO C 390 -0.80 17.93 5.44
CA PRO C 390 -1.57 18.91 6.22
C PRO C 390 -1.91 20.20 5.47
N PHE C 391 -1.12 20.57 4.47
CA PHE C 391 -1.40 21.84 3.80
C PHE C 391 -2.07 21.65 2.45
N ARG C 392 -2.51 20.43 2.17
CA ARG C 392 -3.34 20.24 1.00
C ARG C 392 -4.75 19.82 1.39
N PHE C 393 -5.67 20.02 0.46
CA PHE C 393 -7.01 19.50 0.60
C PHE C 393 -7.05 18.03 0.18
N HIS C 394 -7.13 17.15 1.17
CA HIS C 394 -6.88 15.71 1.01
C HIS C 394 -7.88 14.89 1.84
N PRO C 395 -9.05 14.58 1.26
CA PRO C 395 -10.13 13.88 1.97
C PRO C 395 -9.70 12.53 2.55
N GLU C 396 -8.74 11.90 1.89
CA GLU C 396 -8.17 10.65 2.36
C GLU C 396 -7.50 10.78 3.72
N HIS C 397 -7.30 12.02 4.19
CA HIS C 397 -6.96 12.22 5.60
C HIS C 397 -7.95 11.53 6.56
N PHE C 398 -9.16 11.24 6.08
CA PHE C 398 -10.22 10.65 6.92
C PHE C 398 -10.72 9.29 6.38
N LEU C 399 -10.01 8.76 5.40
CA LEU C 399 -10.33 7.44 4.86
C LEU C 399 -9.15 6.48 4.98
N ASP C 400 -9.42 5.19 5.20
CA ASP C 400 -8.36 4.20 5.07
C ASP C 400 -8.36 3.65 3.65
N ALA C 401 -7.47 2.71 3.36
CA ALA C 401 -7.31 2.21 1.99
C ALA C 401 -8.58 1.52 1.47
N GLN C 402 -9.46 1.09 2.38
CA GLN C 402 -10.71 0.45 1.99
C GLN C 402 -11.87 1.41 1.80
N GLY C 403 -11.65 2.68 2.10
CA GLY C 403 -12.72 3.65 1.94
C GLY C 403 -13.56 3.82 3.20
N HIS C 404 -13.08 3.27 4.32
CA HIS C 404 -13.73 3.45 5.62
C HIS C 404 -13.40 4.81 6.22
N PHE C 405 -14.42 5.48 6.76
CA PHE C 405 -14.21 6.73 7.47
C PHE C 405 -13.48 6.50 8.78
N VAL C 406 -12.33 7.17 8.95
CA VAL C 406 -11.65 7.16 10.25
C VAL C 406 -11.39 8.59 10.72
N LYS C 407 -11.68 8.85 11.98
CA LYS C 407 -11.48 10.17 12.55
C LYS C 407 -10.28 10.19 13.49
N PRO C 408 -9.18 10.80 13.06
CA PRO C 408 -7.98 10.82 13.92
C PRO C 408 -8.23 11.68 15.16
N GLU C 409 -7.46 11.41 16.22
CA GLU C 409 -7.60 12.13 17.48
C GLU C 409 -7.31 13.62 17.30
N ALA C 410 -6.54 13.95 16.27
CA ALA C 410 -6.09 15.33 16.04
C ALA C 410 -7.16 16.15 15.36
N PHE C 411 -8.30 15.55 15.04
CA PHE C 411 -9.42 16.32 14.52
C PHE C 411 -10.10 17.06 15.66
N LEU C 412 -9.67 18.30 15.91
CA LEU C 412 -10.23 19.09 16.99
C LEU C 412 -10.72 20.49 16.59
N PRO C 413 -11.54 20.63 15.53
CA PRO C 413 -11.96 21.99 15.15
C PRO C 413 -12.86 22.66 16.18
N PHE C 414 -13.41 21.87 17.10
CA PHE C 414 -14.34 22.34 18.15
C PHE C 414 -13.66 22.41 19.52
N SER C 415 -12.33 22.27 19.54
CA SER C 415 -11.51 22.22 20.77
C SER C 415 -11.80 20.97 21.61
N ALA C 416 -11.54 21.03 22.91
CA ALA C 416 -11.69 19.85 23.77
C ALA C 416 -11.98 20.19 25.24
N GLY C 417 -12.38 19.19 26.01
CA GLY C 417 -12.67 19.41 27.42
C GLY C 417 -14.01 20.07 27.70
N ARG C 418 -14.19 20.53 28.93
CA ARG C 418 -15.48 21.00 29.47
C ARG C 418 -16.10 22.12 28.67
N ARG C 419 -15.27 22.91 28.01
CA ARG C 419 -15.72 24.11 27.32
C ARG C 419 -15.79 23.92 25.81
N ALA C 420 -15.55 22.68 25.36
CA ALA C 420 -15.55 22.38 23.94
C ALA C 420 -16.89 22.80 23.34
N CYS C 421 -16.85 23.27 22.09
CA CYS C 421 -18.07 23.78 21.43
C CYS C 421 -19.33 22.99 21.80
N LEU C 422 -20.33 23.68 22.35
CA LEU C 422 -21.55 22.98 22.73
C LEU C 422 -22.44 22.82 21.51
N GLY C 423 -22.15 23.58 20.47
CA GLY C 423 -22.94 23.54 19.25
C GLY C 423 -22.56 22.41 18.31
N GLU C 424 -21.56 21.61 18.68
CA GLU C 424 -20.98 20.64 17.76
C GLU C 424 -22.02 19.69 17.17
N PRO C 425 -22.90 19.09 18.00
CA PRO C 425 -23.90 18.22 17.35
C PRO C 425 -24.79 18.93 16.31
N LEU C 426 -25.14 20.19 16.53
CA LEU C 426 -25.99 20.90 15.57
C LEU C 426 -25.17 21.30 14.32
N ALA C 427 -23.95 21.77 14.54
CA ALA C 427 -23.02 22.09 13.45
C ALA C 427 -22.82 20.91 12.50
N ARG C 428 -22.53 19.74 13.07
CA ARG C 428 -22.37 18.51 12.30
C ARG C 428 -23.60 18.24 11.44
N MET C 429 -24.78 18.40 12.02
CA MET C 429 -26.02 18.15 11.32
C MET C 429 -26.18 19.17 10.17
N GLU C 430 -25.90 20.44 10.43
CA GLU C 430 -25.98 21.47 9.41
C GLU C 430 -24.96 21.25 8.28
N LEU C 431 -23.71 20.97 8.62
CA LEU C 431 -22.70 20.76 7.60
C LEU C 431 -23.11 19.59 6.73
N PHE C 432 -23.55 18.49 7.34
CA PHE C 432 -23.92 17.34 6.53
C PHE C 432 -25.17 17.60 5.68
N LEU C 433 -26.21 18.19 6.27
CA LEU C 433 -27.46 18.34 5.54
C LEU C 433 -27.37 19.43 4.47
N PHE C 434 -26.76 20.57 4.80
CA PHE C 434 -26.69 21.65 3.82
C PHE C 434 -25.79 21.26 2.64
N PHE C 435 -24.63 20.71 2.95
CA PHE C 435 -23.62 20.36 1.97
C PHE C 435 -24.13 19.29 1.01
N THR C 436 -24.64 18.19 1.52
CA THR C 436 -25.13 17.16 0.63
C THR C 436 -26.36 17.62 -0.13
N SER C 437 -27.26 18.40 0.49
CA SER C 437 -28.44 18.88 -0.25
C SER C 437 -28.00 19.74 -1.42
N LEU C 438 -26.98 20.57 -1.18
CA LEU C 438 -26.47 21.46 -2.21
C LEU C 438 -25.79 20.69 -3.36
N LEU C 439 -24.92 19.73 -3.05
CA LEU C 439 -24.23 19.00 -4.12
C LEU C 439 -25.17 18.01 -4.79
N GLN C 440 -26.26 17.68 -4.12
CA GLN C 440 -27.23 16.77 -4.70
C GLN C 440 -27.92 17.42 -5.89
N HIS C 441 -28.12 18.73 -5.83
CA HIS C 441 -28.93 19.43 -6.83
C HIS C 441 -28.13 20.32 -7.79
N PHE C 442 -26.89 20.63 -7.43
CA PHE C 442 -26.11 21.57 -8.23
C PHE C 442 -24.72 21.06 -8.54
N SER C 443 -24.23 21.43 -9.72
CA SER C 443 -22.83 21.23 -10.04
C SER C 443 -22.17 22.59 -9.90
N PHE C 444 -21.16 22.68 -9.04
CA PHE C 444 -20.55 23.96 -8.76
C PHE C 444 -19.24 24.13 -9.54
N SER C 445 -19.03 25.31 -10.12
CA SER C 445 -17.78 25.59 -10.81
C SER C 445 -17.35 27.04 -10.70
N VAL C 446 -16.06 27.26 -10.96
CA VAL C 446 -15.51 28.59 -11.13
C VAL C 446 -16.13 29.18 -12.40
N PRO C 447 -16.53 30.46 -12.36
CA PRO C 447 -17.10 31.06 -13.59
C PRO C 447 -16.00 31.29 -14.62
N THR C 448 -16.23 30.91 -15.87
CA THR C 448 -15.25 31.14 -16.94
C THR C 448 -14.84 32.60 -16.99
N GLY C 449 -13.58 32.85 -17.36
CA GLY C 449 -13.07 34.20 -17.44
C GLY C 449 -12.56 34.71 -16.11
N GLN C 450 -12.93 34.04 -15.03
CA GLN C 450 -12.49 34.44 -13.70
C GLN C 450 -11.23 33.68 -13.26
N PRO C 451 -10.34 34.37 -12.54
CA PRO C 451 -9.14 33.74 -11.96
C PRO C 451 -9.51 32.69 -10.92
N ARG C 452 -8.95 31.49 -11.08
CA ARG C 452 -9.08 30.45 -10.08
C ARG C 452 -8.75 31.03 -8.70
N PRO C 453 -9.71 30.98 -7.78
CA PRO C 453 -9.58 31.61 -6.47
C PRO C 453 -8.46 31.00 -5.63
N SER C 454 -7.90 31.81 -4.75
CA SER C 454 -6.90 31.34 -3.80
C SER C 454 -7.55 30.46 -2.72
N HIS C 455 -6.82 29.43 -2.30
CA HIS C 455 -7.26 28.59 -1.20
C HIS C 455 -6.62 29.06 0.09
N HIS C 456 -5.97 30.21 0.04
CA HIS C 456 -5.45 30.83 1.26
C HIS C 456 -6.52 31.69 1.90
N GLY C 457 -6.70 31.50 3.20
CA GLY C 457 -7.75 32.19 3.92
C GLY C 457 -7.40 33.62 4.28
N VAL C 458 -8.44 34.41 4.57
CA VAL C 458 -8.25 35.76 5.07
C VAL C 458 -8.57 35.80 6.55
N PHE C 459 -7.57 36.09 7.38
CA PHE C 459 -7.77 36.13 8.82
C PHE C 459 -8.43 37.44 9.22
N ALA C 460 -9.29 37.35 10.24
CA ALA C 460 -9.97 38.49 10.81
C ALA C 460 -10.48 38.00 12.15
N PHE C 461 -11.79 38.05 12.34
CA PHE C 461 -12.39 37.42 13.51
C PHE C 461 -12.10 35.91 13.43
N LEU C 462 -12.42 35.31 12.30
CA LEU C 462 -11.99 33.95 12.03
C LEU C 462 -11.46 33.85 10.61
N VAL C 463 -11.05 32.67 10.18
CA VAL C 463 -10.42 32.55 8.87
C VAL C 463 -11.41 32.13 7.80
N SER C 464 -11.68 33.05 6.89
CA SER C 464 -12.64 32.76 5.84
C SER C 464 -11.96 32.65 4.48
N PRO C 465 -12.59 31.92 3.56
CA PRO C 465 -12.07 31.87 2.20
C PRO C 465 -12.00 33.27 1.60
N SER C 466 -11.00 33.48 0.75
CA SER C 466 -10.93 34.71 -0.01
C SER C 466 -12.23 34.88 -0.78
N PRO C 467 -12.67 36.14 -0.99
CA PRO C 467 -13.94 36.35 -1.69
C PRO C 467 -13.92 35.74 -3.09
N TYR C 468 -14.88 34.88 -3.37
CA TYR C 468 -15.00 34.19 -4.65
C TYR C 468 -16.45 34.15 -5.14
N GLU C 469 -16.61 33.99 -6.44
CA GLU C 469 -17.90 33.68 -7.04
C GLU C 469 -17.94 32.26 -7.60
N LEU C 470 -19.14 31.72 -7.75
CA LEU C 470 -19.27 30.42 -8.38
C LEU C 470 -20.51 30.39 -9.26
N CYS C 471 -20.62 29.37 -10.12
CA CYS C 471 -21.84 29.09 -10.83
C CYS C 471 -22.47 27.84 -10.22
N ALA C 472 -23.78 27.87 -10.02
CA ALA C 472 -24.52 26.70 -9.55
C ALA C 472 -25.49 26.25 -10.64
N VAL C 473 -25.21 25.10 -11.23
CA VAL C 473 -26.02 24.55 -12.33
C VAL C 473 -26.72 23.28 -11.90
N PRO C 474 -28.05 23.22 -12.06
CA PRO C 474 -28.84 22.05 -11.66
C PRO C 474 -28.38 20.76 -12.34
N ARG C 475 -28.57 19.63 -11.67
CA ARG C 475 -28.10 18.34 -12.17
C ARG C 475 -29.20 17.55 -12.88
N LEU D 11 14.28 -47.59 -0.13
CA LEU D 11 13.72 -47.30 -1.45
C LEU D 11 12.45 -46.48 -1.37
N PRO D 12 12.16 -45.70 -2.43
CA PRO D 12 10.94 -44.90 -2.49
C PRO D 12 9.68 -45.77 -2.46
N PRO D 13 8.69 -45.38 -1.64
CA PRO D 13 7.43 -46.12 -1.55
C PRO D 13 6.61 -45.94 -2.82
N GLY D 14 5.59 -46.78 -3.03
CA GLY D 14 4.73 -46.67 -4.20
C GLY D 14 3.77 -47.83 -4.37
N PRO D 15 2.82 -47.70 -5.33
CA PRO D 15 1.83 -48.73 -5.64
C PRO D 15 2.42 -49.94 -6.36
N PHE D 29 -5.23 -40.78 -19.65
CA PHE D 29 -3.89 -40.19 -19.78
C PHE D 29 -3.88 -38.74 -19.31
N GLN D 30 -4.99 -38.04 -19.49
CA GLN D 30 -5.13 -36.65 -19.06
C GLN D 30 -5.08 -36.52 -17.54
N ASN D 31 -5.21 -37.65 -16.85
CA ASN D 31 -5.25 -37.66 -15.40
C ASN D 31 -3.86 -37.77 -14.78
N THR D 32 -2.83 -37.83 -15.62
CA THR D 32 -1.44 -38.00 -15.17
C THR D 32 -0.97 -36.97 -14.11
N PRO D 33 -1.23 -35.64 -14.33
CA PRO D 33 -0.75 -34.70 -13.30
C PRO D 33 -1.57 -34.80 -12.03
N TYR D 34 -2.85 -35.11 -12.19
CA TYR D 34 -3.74 -35.38 -11.07
C TYR D 34 -3.30 -36.65 -10.37
N CYS D 35 -3.06 -37.70 -11.15
CA CYS D 35 -2.64 -38.98 -10.60
C CYS D 35 -1.32 -38.86 -9.87
N PHE D 36 -0.36 -38.13 -10.44
CA PHE D 36 0.91 -37.91 -9.77
C PHE D 36 0.75 -37.11 -8.48
N ASP D 37 -0.16 -36.13 -8.50
CA ASP D 37 -0.42 -35.31 -7.34
C ASP D 37 -1.02 -36.14 -6.21
N GLN D 38 -1.91 -37.05 -6.59
CA GLN D 38 -2.55 -37.95 -5.64
C GLN D 38 -1.53 -38.84 -4.92
N LEU D 39 -0.58 -39.36 -5.68
CA LEU D 39 0.42 -40.29 -5.15
C LEU D 39 1.44 -39.56 -4.28
N ARG D 40 1.74 -38.32 -4.65
CA ARG D 40 2.67 -37.47 -3.92
C ARG D 40 2.18 -37.27 -2.49
N ARG D 41 0.86 -37.11 -2.34
CA ARG D 41 0.26 -36.94 -1.02
C ARG D 41 0.32 -38.23 -0.22
N ARG D 42 0.01 -39.34 -0.90
CA ARG D 42 0.04 -40.66 -0.28
C ARG D 42 1.45 -41.08 0.14
N PHE D 43 2.43 -40.84 -0.74
CA PHE D 43 3.75 -41.42 -0.55
C PHE D 43 4.88 -40.42 -0.31
N GLY D 44 4.59 -39.13 -0.47
CA GLY D 44 5.63 -38.13 -0.30
C GLY D 44 6.20 -37.60 -1.61
N ASP D 45 7.22 -36.75 -1.51
CA ASP D 45 7.83 -36.08 -2.65
C ASP D 45 8.55 -37.03 -3.60
N VAL D 46 9.05 -38.13 -3.06
CA VAL D 46 9.82 -39.09 -3.83
C VAL D 46 9.16 -40.47 -3.77
N PHE D 47 8.65 -40.93 -4.91
CA PHE D 47 8.01 -42.23 -4.98
C PHE D 47 8.40 -42.96 -6.25
N SER D 48 8.15 -44.26 -6.25
CA SER D 48 8.48 -45.09 -7.41
C SER D 48 7.21 -45.69 -8.01
N LEU D 49 7.29 -46.09 -9.27
CA LEU D 49 6.21 -46.81 -9.93
C LEU D 49 6.75 -47.48 -11.20
N GLN D 50 5.97 -48.41 -11.74
CA GLN D 50 6.41 -49.10 -12.95
C GLN D 50 5.54 -48.78 -14.16
N LEU D 51 6.10 -48.00 -15.08
CA LEU D 51 5.45 -47.71 -16.36
C LEU D 51 5.97 -48.66 -17.43
N ALA D 52 5.05 -49.39 -18.06
CA ALA D 52 5.38 -50.51 -18.94
C ALA D 52 6.24 -51.52 -18.19
N TRP D 53 7.47 -51.72 -18.67
CA TRP D 53 8.41 -52.61 -18.00
C TRP D 53 9.46 -51.82 -17.24
N THR D 54 9.31 -50.49 -17.20
CA THR D 54 10.33 -49.61 -16.63
C THR D 54 10.05 -49.22 -15.19
N PRO D 55 10.99 -49.53 -14.28
CA PRO D 55 10.93 -48.91 -12.96
C PRO D 55 11.31 -47.43 -13.08
N VAL D 56 10.53 -46.58 -12.43
CA VAL D 56 10.67 -45.15 -12.54
C VAL D 56 10.59 -44.53 -11.16
N VAL D 57 11.41 -43.52 -10.88
CA VAL D 57 11.22 -42.76 -9.65
C VAL D 57 10.83 -41.33 -9.99
N VAL D 58 9.67 -40.91 -9.50
CA VAL D 58 9.19 -39.58 -9.78
C VAL D 58 9.63 -38.60 -8.71
N LEU D 59 10.17 -37.48 -9.16
CA LEU D 59 10.63 -36.43 -8.28
C LEU D 59 9.64 -35.28 -8.28
N ASN D 60 9.08 -34.97 -7.11
CA ASN D 60 8.15 -33.86 -7.00
C ASN D 60 8.66 -32.80 -6.04
N GLY D 61 8.35 -31.53 -6.35
CA GLY D 61 8.74 -30.41 -5.52
C GLY D 61 10.16 -29.95 -5.78
N LEU D 62 10.46 -28.71 -5.41
CA LEU D 62 11.78 -28.14 -5.67
C LEU D 62 12.90 -28.92 -4.98
N ALA D 63 12.67 -29.28 -3.72
CA ALA D 63 13.68 -29.95 -2.90
C ALA D 63 14.22 -31.23 -3.54
N ALA D 64 13.31 -32.12 -3.91
CA ALA D 64 13.69 -33.41 -4.50
C ALA D 64 14.37 -33.24 -5.86
N VAL D 65 13.81 -32.35 -6.68
CA VAL D 65 14.33 -32.13 -8.01
C VAL D 65 15.72 -31.52 -7.92
N ARG D 66 15.91 -30.61 -6.98
CA ARG D 66 17.20 -29.98 -6.79
C ARG D 66 18.26 -30.96 -6.27
N GLU D 67 17.91 -31.72 -5.24
CA GLU D 67 18.83 -32.71 -4.66
C GLU D 67 19.29 -33.70 -5.73
N ALA D 68 18.35 -34.28 -6.46
CA ALA D 68 18.71 -35.19 -7.55
C ALA D 68 19.59 -34.51 -8.59
N LEU D 69 19.09 -33.43 -9.19
CA LEU D 69 19.71 -32.86 -10.39
C LEU D 69 20.92 -31.95 -10.13
N VAL D 70 21.00 -31.36 -8.95
CA VAL D 70 22.13 -30.48 -8.64
C VAL D 70 23.11 -31.13 -7.66
N THR D 71 22.63 -31.42 -6.46
CA THR D 71 23.44 -32.06 -5.43
C THR D 71 24.13 -33.32 -5.95
N HIS D 72 23.35 -34.28 -6.46
CA HIS D 72 23.93 -35.48 -7.05
C HIS D 72 23.90 -35.40 -8.58
N GLY D 73 23.97 -34.17 -9.11
CA GLY D 73 23.89 -33.93 -10.53
C GLY D 73 24.91 -34.68 -11.37
N GLU D 74 26.09 -34.88 -10.81
CA GLU D 74 27.14 -35.66 -11.45
C GLU D 74 26.68 -37.10 -11.76
N ASP D 75 25.73 -37.61 -10.98
CA ASP D 75 25.29 -38.99 -11.15
C ASP D 75 23.89 -39.15 -11.75
N THR D 76 23.23 -38.04 -12.07
CA THR D 76 21.87 -38.10 -12.61
C THR D 76 21.79 -37.41 -13.98
N ALA D 77 22.94 -37.37 -14.66
CA ALA D 77 23.07 -36.62 -15.90
C ALA D 77 23.04 -37.54 -17.15
N ASP D 78 22.57 -38.76 -16.96
CA ASP D 78 22.43 -39.73 -18.04
C ASP D 78 21.03 -39.66 -18.64
N ARG D 79 20.87 -40.22 -19.85
CA ARG D 79 19.54 -40.45 -20.41
C ARG D 79 19.29 -41.93 -20.41
N PRO D 80 18.03 -42.33 -20.23
CA PRO D 80 17.71 -43.74 -20.47
C PRO D 80 18.01 -44.07 -21.93
N PRO D 81 18.52 -45.28 -22.21
CA PRO D 81 18.85 -45.63 -23.60
C PRO D 81 17.59 -45.68 -24.46
N VAL D 82 17.72 -45.30 -25.73
CA VAL D 82 16.61 -45.34 -26.67
C VAL D 82 17.03 -46.10 -27.93
N PRO D 83 16.80 -47.44 -27.95
CA PRO D 83 17.29 -48.31 -29.02
C PRO D 83 16.84 -47.89 -30.42
N ILE D 84 15.62 -47.38 -30.54
CA ILE D 84 15.08 -47.02 -31.85
C ILE D 84 15.86 -45.90 -32.55
N THR D 85 16.69 -45.17 -31.81
CA THR D 85 17.52 -44.13 -32.41
C THR D 85 18.51 -44.69 -33.45
N GLN D 86 18.70 -46.02 -33.48
CA GLN D 86 19.58 -46.61 -34.50
C GLN D 86 19.04 -46.36 -35.91
N ILE D 87 17.71 -46.33 -36.03
CA ILE D 87 17.04 -46.00 -37.28
C ILE D 87 17.49 -44.66 -37.86
N LEU D 88 17.72 -43.69 -36.99
CA LEU D 88 18.08 -42.33 -37.40
C LEU D 88 19.59 -42.15 -37.53
N GLY D 89 20.34 -43.25 -37.42
CA GLY D 89 21.77 -43.21 -37.57
C GLY D 89 22.58 -42.84 -36.33
N PHE D 90 22.07 -43.18 -35.16
CA PHE D 90 22.81 -42.95 -33.92
C PHE D 90 23.94 -43.97 -33.76
N GLY D 91 24.99 -43.57 -33.04
CA GLY D 91 26.15 -44.42 -32.88
C GLY D 91 26.96 -43.92 -31.71
N PRO D 92 27.92 -44.72 -31.23
CA PRO D 92 28.76 -44.38 -30.07
C PRO D 92 29.33 -42.96 -30.12
N ARG D 93 29.79 -42.51 -31.29
CA ARG D 93 30.36 -41.17 -31.43
C ARG D 93 29.42 -40.24 -32.22
N SER D 94 28.13 -40.59 -32.25
CA SER D 94 27.12 -39.83 -32.97
C SER D 94 25.77 -39.95 -32.27
N GLN D 95 25.69 -39.33 -31.10
CA GLN D 95 24.51 -39.40 -30.26
C GLN D 95 23.77 -38.07 -30.20
N GLY D 96 24.15 -37.12 -31.04
CA GLY D 96 23.63 -35.76 -30.92
C GLY D 96 23.95 -35.18 -29.56
N VAL D 97 23.04 -34.41 -28.99
CA VAL D 97 23.25 -33.86 -27.67
C VAL D 97 22.07 -34.17 -26.75
N PHE D 98 20.84 -34.09 -27.27
CA PHE D 98 19.64 -34.23 -26.45
C PHE D 98 19.50 -35.60 -25.77
N LEU D 99 19.63 -36.66 -26.56
CA LEU D 99 19.47 -38.01 -26.02
C LEU D 99 20.81 -38.66 -25.68
N ALA D 100 21.92 -37.97 -25.95
CA ALA D 100 23.25 -38.54 -25.75
C ALA D 100 23.44 -39.08 -24.32
N ARG D 101 23.98 -40.30 -24.21
CA ARG D 101 24.29 -40.88 -22.92
C ARG D 101 25.31 -40.00 -22.19
N TYR D 102 25.25 -39.95 -20.86
CA TYR D 102 26.28 -39.25 -20.12
C TYR D 102 27.68 -39.79 -20.45
N GLY D 103 28.63 -38.89 -20.68
CA GLY D 103 29.95 -39.28 -21.12
C GLY D 103 30.48 -38.31 -22.16
N PRO D 104 31.66 -38.62 -22.73
CA PRO D 104 32.41 -37.76 -23.67
C PRO D 104 31.60 -37.28 -24.86
N ALA D 105 30.86 -38.16 -25.53
CA ALA D 105 30.13 -37.77 -26.74
C ALA D 105 29.07 -36.71 -26.43
N TRP D 106 28.46 -36.79 -25.24
CA TRP D 106 27.57 -35.73 -24.78
C TRP D 106 28.31 -34.47 -24.33
N ARG D 107 29.30 -34.63 -23.46
CA ARG D 107 29.98 -33.45 -22.90
C ARG D 107 30.63 -32.60 -23.98
N GLU D 108 31.14 -33.23 -25.03
CA GLU D 108 31.78 -32.44 -26.08
C GLU D 108 30.75 -31.62 -26.90
N GLN D 109 29.70 -32.28 -27.39
CA GLN D 109 28.64 -31.56 -28.09
C GLN D 109 27.90 -30.55 -27.19
N ARG D 110 27.78 -30.87 -25.90
CA ARG D 110 27.23 -29.93 -24.95
C ARG D 110 28.06 -28.65 -24.88
N ARG D 111 29.36 -28.80 -24.67
CA ARG D 111 30.25 -27.65 -24.58
C ARG D 111 30.29 -26.87 -25.91
N PHE D 112 30.40 -27.60 -27.02
CA PHE D 112 30.35 -26.95 -28.32
C PHE D 112 29.09 -26.08 -28.54
N SER D 113 27.91 -26.64 -28.37
CA SER D 113 26.68 -25.86 -28.57
C SER D 113 26.57 -24.66 -27.63
N VAL D 114 26.89 -24.88 -26.34
CA VAL D 114 26.81 -23.82 -25.34
C VAL D 114 27.80 -22.71 -25.65
N SER D 115 29.02 -23.11 -25.96
CA SER D 115 30.07 -22.17 -26.30
C SER D 115 29.70 -21.40 -27.58
N THR D 116 29.29 -22.14 -28.61
CA THR D 116 28.94 -21.56 -29.91
C THR D 116 27.78 -20.56 -29.80
N LEU D 117 26.78 -20.88 -28.97
CA LEU D 117 25.67 -19.98 -28.74
C LEU D 117 26.13 -18.66 -28.10
N ARG D 118 26.90 -18.77 -27.01
CA ARG D 118 27.43 -17.59 -26.32
C ARG D 118 28.27 -16.74 -27.26
N ASN D 119 29.16 -17.38 -28.02
CA ASN D 119 30.01 -16.70 -28.98
C ASN D 119 29.24 -15.89 -30.00
N LEU D 120 28.33 -16.56 -30.70
CA LEU D 120 27.58 -15.96 -31.80
C LEU D 120 26.81 -14.70 -31.41
N GLY D 121 26.79 -14.37 -30.11
CA GLY D 121 26.26 -13.11 -29.65
C GLY D 121 27.33 -12.04 -29.54
N LYS D 124 30.41 -11.04 -36.52
CA LYS D 124 29.99 -10.34 -37.74
C LYS D 124 28.48 -10.16 -37.76
N LYS D 125 27.78 -11.27 -37.61
CA LYS D 125 26.32 -11.28 -37.53
C LYS D 125 25.92 -11.99 -36.25
N SER D 126 25.26 -11.27 -35.34
CA SER D 126 24.89 -11.81 -34.04
C SER D 126 23.47 -12.37 -34.00
N LEU D 127 23.25 -13.28 -33.07
CA LEU D 127 21.93 -13.90 -32.90
C LEU D 127 20.86 -12.84 -32.64
N GLU D 128 21.20 -11.85 -31.82
CA GLU D 128 20.24 -10.82 -31.46
C GLU D 128 19.77 -10.09 -32.70
N GLN D 129 20.72 -9.82 -33.59
CA GLN D 129 20.44 -9.20 -34.87
C GLN D 129 19.46 -10.05 -35.69
N TRP D 130 19.75 -11.36 -35.79
CA TRP D 130 18.87 -12.30 -36.50
C TRP D 130 17.47 -12.32 -35.92
N VAL D 131 17.41 -12.34 -34.60
CA VAL D 131 16.14 -12.40 -33.89
C VAL D 131 15.33 -11.10 -34.08
N THR D 132 15.99 -9.96 -33.93
CA THR D 132 15.33 -8.67 -34.08
C THR D 132 14.75 -8.51 -35.48
N GLU D 133 15.48 -8.97 -36.48
CA GLU D 133 15.03 -8.93 -37.86
C GLU D 133 13.83 -9.85 -38.06
N GLU D 134 13.90 -11.05 -37.50
CA GLU D 134 12.79 -11.98 -37.61
C GLU D 134 11.53 -11.41 -36.94
N ALA D 135 11.71 -10.70 -35.83
CA ALA D 135 10.56 -10.09 -35.14
C ALA D 135 9.87 -9.07 -36.04
N ALA D 136 10.66 -8.31 -36.78
CA ALA D 136 10.09 -7.40 -37.77
C ALA D 136 9.32 -8.17 -38.87
N CYS D 137 9.91 -9.24 -39.40
CA CYS D 137 9.22 -10.05 -40.39
C CYS D 137 7.92 -10.61 -39.79
N LEU D 138 7.98 -11.02 -38.53
CA LEU D 138 6.79 -11.56 -37.86
C LEU D 138 5.70 -10.48 -37.71
N CYS D 139 6.11 -9.25 -37.37
CA CYS D 139 5.13 -8.17 -37.26
C CYS D 139 4.51 -7.87 -38.62
N ALA D 140 5.34 -7.87 -39.65
CA ALA D 140 4.84 -7.60 -41.00
C ALA D 140 3.84 -8.67 -41.41
N ALA D 141 4.13 -9.93 -41.07
CA ALA D 141 3.17 -11.01 -41.31
C ALA D 141 1.85 -10.75 -40.58
N PHE D 142 1.95 -10.35 -39.32
CA PHE D 142 0.78 -10.07 -38.47
C PHE D 142 -0.08 -8.95 -39.06
N ALA D 143 0.58 -7.87 -39.48
CA ALA D 143 -0.14 -6.71 -40.01
C ALA D 143 -0.92 -7.06 -41.28
N ASN D 144 -0.44 -8.08 -42.00
CA ASN D 144 -1.06 -8.45 -43.27
C ASN D 144 -2.37 -9.20 -43.09
N HIS D 145 -2.78 -9.41 -41.85
CA HIS D 145 -4.10 -9.95 -41.57
C HIS D 145 -5.14 -8.84 -41.45
N SER D 146 -4.67 -7.63 -41.17
CA SER D 146 -5.52 -6.43 -41.09
C SER D 146 -6.76 -6.64 -40.24
N GLY D 147 -6.56 -6.88 -38.95
CA GLY D 147 -7.67 -7.00 -38.02
C GLY D 147 -8.53 -8.25 -38.18
N ARG D 148 -8.39 -8.95 -39.31
CA ARG D 148 -9.07 -10.23 -39.52
C ARG D 148 -8.59 -11.25 -38.49
N PRO D 149 -9.55 -11.97 -37.88
CA PRO D 149 -9.20 -13.00 -36.90
C PRO D 149 -8.32 -14.08 -37.51
N PHE D 150 -7.31 -14.53 -36.78
CA PHE D 150 -6.46 -15.65 -37.22
C PHE D 150 -5.84 -16.41 -36.05
N ARG D 151 -5.53 -17.68 -36.28
CA ARG D 151 -4.70 -18.45 -35.34
C ARG D 151 -3.25 -18.03 -35.58
N PRO D 152 -2.59 -17.50 -34.54
CA PRO D 152 -1.21 -17.01 -34.66
C PRO D 152 -0.14 -18.11 -34.59
N ASN D 153 -0.54 -19.35 -34.33
CA ASN D 153 0.41 -20.47 -34.14
C ASN D 153 1.31 -20.70 -35.35
N GLY D 154 0.71 -20.70 -36.54
CA GLY D 154 1.44 -20.91 -37.77
C GLY D 154 2.62 -19.96 -37.93
N LEU D 155 2.36 -18.66 -37.77
CA LEU D 155 3.40 -17.65 -37.92
C LEU D 155 4.45 -17.74 -36.81
N LEU D 156 4.00 -18.06 -35.60
CA LEU D 156 4.95 -18.17 -34.49
C LEU D 156 5.95 -19.30 -34.73
N ASP D 157 5.47 -20.43 -35.26
CA ASP D 157 6.35 -21.53 -35.67
C ASP D 157 7.40 -21.08 -36.69
N LYS D 158 6.94 -20.37 -37.72
CA LYS D 158 7.81 -19.96 -38.81
C LYS D 158 8.88 -19.04 -38.28
N ALA D 159 8.48 -18.06 -37.47
CA ALA D 159 9.40 -17.09 -36.91
C ALA D 159 10.50 -17.78 -36.07
N VAL D 160 10.08 -18.65 -35.20
CA VAL D 160 10.96 -19.32 -34.27
C VAL D 160 11.85 -20.33 -35.00
N SER D 161 11.30 -20.95 -36.04
CA SER D 161 12.09 -21.86 -36.87
C SER D 161 13.18 -21.09 -37.59
N ASN D 162 12.89 -19.86 -38.02
CA ASN D 162 13.88 -19.07 -38.74
C ASN D 162 15.03 -18.65 -37.84
N VAL D 163 14.77 -18.47 -36.55
CA VAL D 163 15.83 -18.13 -35.61
C VAL D 163 16.79 -19.32 -35.52
N ILE D 164 16.24 -20.53 -35.48
CA ILE D 164 17.03 -21.75 -35.41
C ILE D 164 17.77 -21.96 -36.74
N ALA D 165 17.08 -21.70 -37.85
CA ALA D 165 17.76 -21.74 -39.16
C ALA D 165 18.93 -20.75 -39.19
N SER D 166 18.75 -19.57 -38.60
CA SER D 166 19.80 -18.55 -38.57
C SER D 166 20.98 -19.00 -37.73
N LEU D 167 20.68 -19.53 -36.55
CA LEU D 167 21.69 -20.06 -35.67
C LEU D 167 22.48 -21.18 -36.34
N THR D 168 21.79 -22.08 -37.03
CA THR D 168 22.45 -23.29 -37.49
C THR D 168 22.99 -23.15 -38.90
N CYS D 169 22.25 -22.51 -39.79
CA CYS D 169 22.68 -22.41 -41.20
C CYS D 169 23.01 -20.98 -41.67
N GLY D 170 22.90 -20.00 -40.79
CA GLY D 170 23.19 -18.62 -41.17
C GLY D 170 22.30 -18.05 -42.27
N ARG D 171 21.04 -18.51 -42.30
CA ARG D 171 20.05 -18.00 -43.26
C ARG D 171 18.66 -18.05 -42.64
N ARG D 172 17.70 -17.38 -43.28
CA ARG D 172 16.29 -17.57 -42.92
C ARG D 172 15.55 -18.03 -44.17
N PHE D 173 14.27 -18.34 -44.01
CA PHE D 173 13.42 -18.78 -45.11
C PHE D 173 12.21 -17.87 -45.22
N GLU D 174 11.78 -17.61 -46.45
CA GLU D 174 10.54 -16.90 -46.68
C GLU D 174 9.39 -17.69 -46.06
N TYR D 175 8.40 -16.99 -45.50
CA TYR D 175 7.25 -17.64 -44.86
C TYR D 175 6.41 -18.46 -45.82
N ASP D 176 6.56 -18.19 -47.12
CA ASP D 176 5.81 -18.93 -48.12
C ASP D 176 6.69 -19.94 -48.85
N ASP D 177 7.94 -20.08 -48.40
CA ASP D 177 8.90 -20.95 -49.06
C ASP D 177 8.48 -22.42 -48.87
N PRO D 178 8.29 -23.13 -50.00
CA PRO D 178 7.90 -24.55 -50.10
C PRO D 178 8.73 -25.50 -49.23
N ARG D 179 10.05 -25.43 -49.36
CA ARG D 179 10.96 -26.31 -48.64
C ARG D 179 10.87 -26.08 -47.12
N PHE D 180 10.67 -24.81 -46.76
CA PHE D 180 10.52 -24.41 -45.36
C PHE D 180 9.25 -25.03 -44.77
N LEU D 181 8.15 -24.86 -45.48
CA LEU D 181 6.87 -25.35 -45.00
C LEU D 181 6.87 -26.88 -44.88
N ARG D 182 7.49 -27.55 -45.83
CA ARG D 182 7.61 -29.00 -45.77
C ARG D 182 8.41 -29.42 -44.56
N LEU D 183 9.51 -28.71 -44.33
CA LEU D 183 10.33 -28.96 -43.16
C LEU D 183 9.53 -28.80 -41.85
N LEU D 184 8.74 -27.74 -41.74
CA LEU D 184 8.01 -27.49 -40.50
C LEU D 184 6.88 -28.51 -40.29
N ASP D 185 6.28 -28.95 -41.40
CA ASP D 185 5.24 -29.95 -41.31
C ASP D 185 5.81 -31.30 -40.85
N LEU D 186 6.95 -31.68 -41.42
CA LEU D 186 7.59 -32.94 -41.06
C LEU D 186 7.95 -32.96 -39.57
N ALA D 187 8.40 -31.81 -39.06
CA ALA D 187 8.74 -31.68 -37.65
C ALA D 187 7.53 -31.83 -36.76
N GLN D 188 6.40 -31.30 -37.20
CA GLN D 188 5.15 -31.44 -36.46
C GLN D 188 4.68 -32.89 -36.41
N GLU D 189 4.71 -33.57 -37.55
CA GLU D 189 4.37 -34.97 -37.59
C GLU D 189 5.37 -35.78 -36.76
N GLY D 190 6.64 -35.38 -36.80
CA GLY D 190 7.67 -36.09 -36.07
C GLY D 190 7.43 -36.10 -34.58
N LEU D 191 6.88 -34.99 -34.07
CA LEU D 191 6.54 -34.89 -32.64
C LEU D 191 5.51 -35.92 -32.27
N LYS D 192 4.50 -36.07 -33.12
CA LYS D 192 3.45 -37.07 -32.95
C LYS D 192 4.04 -38.46 -32.85
N GLU D 193 5.13 -38.70 -33.57
CA GLU D 193 5.75 -40.01 -33.55
C GLU D 193 6.43 -40.33 -32.21
N GLU D 194 6.56 -39.34 -31.32
CA GLU D 194 7.04 -39.60 -29.97
C GLU D 194 5.95 -40.23 -29.10
N SER D 195 4.69 -40.01 -29.49
CA SER D 195 3.56 -40.58 -28.79
C SER D 195 3.29 -42.00 -29.24
N GLY D 196 3.39 -42.21 -30.54
CA GLY D 196 3.06 -43.48 -31.19
C GLY D 196 3.35 -44.75 -30.42
N PHE D 197 2.29 -45.52 -30.15
CA PHE D 197 2.40 -46.78 -29.43
C PHE D 197 3.35 -47.73 -30.14
N LEU D 198 3.43 -47.58 -31.45
CA LEU D 198 4.35 -48.37 -32.27
C LEU D 198 5.78 -48.23 -31.80
N ARG D 199 6.21 -46.98 -31.57
CA ARG D 199 7.57 -46.76 -31.12
C ARG D 199 7.72 -47.22 -29.67
N GLU D 200 6.64 -47.14 -28.89
CA GLU D 200 6.66 -47.61 -27.51
C GLU D 200 6.97 -49.10 -27.49
N VAL D 201 6.39 -49.82 -28.44
CA VAL D 201 6.62 -51.24 -28.57
C VAL D 201 8.04 -51.53 -29.04
N LEU D 202 8.38 -50.98 -30.20
CA LEU D 202 9.63 -51.31 -30.87
C LEU D 202 10.85 -50.87 -30.08
N ASN D 203 10.66 -49.83 -29.26
CA ASN D 203 11.74 -49.34 -28.41
C ASN D 203 11.97 -50.27 -27.25
N ALA D 204 10.90 -50.94 -26.83
CA ALA D 204 10.96 -51.95 -25.78
C ALA D 204 11.48 -53.28 -26.33
N VAL D 205 11.14 -53.57 -27.58
CA VAL D 205 11.57 -54.81 -28.23
C VAL D 205 12.44 -54.53 -29.45
N PRO D 206 13.69 -54.11 -29.23
CA PRO D 206 14.58 -53.66 -30.33
C PRO D 206 14.96 -54.78 -31.30
N VAL D 207 14.52 -55.99 -30.99
CA VAL D 207 14.73 -57.10 -31.90
C VAL D 207 13.64 -57.09 -32.98
N LEU D 208 12.50 -56.49 -32.67
CA LEU D 208 11.43 -56.30 -33.65
C LEU D 208 11.86 -55.39 -34.80
N LEU D 209 13.01 -54.74 -34.65
CA LEU D 209 13.52 -53.85 -35.69
C LEU D 209 14.14 -54.62 -36.86
N HIS D 210 14.27 -55.94 -36.71
CA HIS D 210 14.75 -56.78 -37.80
C HIS D 210 13.67 -56.94 -38.85
N ILE D 211 12.42 -56.68 -38.46
CA ILE D 211 11.29 -56.71 -39.38
C ILE D 211 11.19 -55.41 -40.16
N PRO D 212 11.53 -55.44 -41.46
CA PRO D 212 11.60 -54.22 -42.27
C PRO D 212 10.25 -53.52 -42.44
N ALA D 213 9.16 -54.27 -42.27
CA ALA D 213 7.83 -53.69 -42.33
C ALA D 213 7.60 -52.74 -41.17
N LEU D 214 8.19 -53.06 -40.01
CA LEU D 214 8.03 -52.25 -38.81
C LEU D 214 9.01 -51.08 -38.78
N ALA D 215 10.23 -51.32 -39.25
CA ALA D 215 11.25 -50.28 -39.27
C ALA D 215 10.90 -49.18 -40.26
N GLY D 216 10.28 -49.57 -41.38
CA GLY D 216 9.97 -48.65 -42.46
C GLY D 216 8.73 -47.80 -42.27
N LYS D 217 8.05 -47.98 -41.13
CA LYS D 217 6.85 -47.22 -40.84
C LYS D 217 7.08 -46.28 -39.66
N VAL D 218 7.79 -46.77 -38.66
CA VAL D 218 8.05 -45.97 -37.47
C VAL D 218 9.12 -44.91 -37.76
N LEU D 219 8.93 -43.74 -37.14
CA LEU D 219 9.80 -42.59 -37.34
C LEU D 219 9.97 -42.20 -38.81
N ARG D 220 8.95 -42.41 -39.63
CA ARG D 220 9.08 -42.07 -41.04
C ARG D 220 9.19 -40.55 -41.24
N PHE D 221 8.43 -39.78 -40.48
CA PHE D 221 8.49 -38.33 -40.59
C PHE D 221 9.78 -37.77 -40.02
N GLN D 222 10.19 -38.27 -38.86
CA GLN D 222 11.48 -37.90 -38.31
C GLN D 222 12.59 -38.15 -39.33
N LYS D 223 12.55 -39.34 -39.94
CA LYS D 223 13.54 -39.74 -40.93
C LYS D 223 13.44 -38.84 -42.16
N ALA D 224 12.22 -38.51 -42.56
CA ALA D 224 11.97 -37.59 -43.65
C ALA D 224 12.54 -36.20 -43.35
N PHE D 225 12.41 -35.79 -42.08
CA PHE D 225 12.96 -34.51 -41.65
C PHE D 225 14.48 -34.47 -41.83
N LEU D 226 15.15 -35.53 -41.40
CA LEU D 226 16.61 -35.58 -41.46
C LEU D 226 17.08 -35.58 -42.89
N THR D 227 16.33 -36.27 -43.76
CA THR D 227 16.67 -36.31 -45.20
C THR D 227 16.64 -34.90 -45.78
N GLN D 228 15.56 -34.17 -45.47
CA GLN D 228 15.39 -32.80 -45.91
C GLN D 228 16.49 -31.93 -45.32
N LEU D 229 16.82 -32.19 -44.05
CA LEU D 229 17.92 -31.50 -43.41
C LEU D 229 19.26 -31.73 -44.15
N ASP D 230 19.50 -32.97 -44.61
CA ASP D 230 20.74 -33.30 -45.32
C ASP D 230 20.88 -32.46 -46.58
N GLU D 231 19.78 -32.25 -47.28
CA GLU D 231 19.79 -31.42 -48.46
C GLU D 231 20.25 -30.00 -48.14
N LEU D 232 19.70 -29.42 -47.09
CA LEU D 232 20.06 -28.06 -46.69
C LEU D 232 21.50 -27.99 -46.21
N LEU D 233 21.97 -29.05 -45.56
CA LEU D 233 23.34 -29.08 -45.06
C LEU D 233 24.34 -29.16 -46.21
N THR D 234 23.99 -29.93 -47.24
CA THR D 234 24.79 -30.04 -48.44
C THR D 234 24.93 -28.69 -49.13
N GLU D 235 23.83 -27.96 -49.29
CA GLU D 235 23.91 -26.63 -49.90
C GLU D 235 24.78 -25.68 -49.07
N HIS D 236 24.65 -25.74 -47.75
CA HIS D 236 25.40 -24.86 -46.86
C HIS D 236 26.90 -25.14 -46.98
N ARG D 237 27.23 -26.42 -47.13
CA ARG D 237 28.61 -26.85 -47.22
C ARG D 237 29.27 -26.27 -48.47
N MET D 238 28.46 -26.10 -49.51
CA MET D 238 28.90 -25.49 -50.75
C MET D 238 29.18 -23.98 -50.59
N THR D 239 28.43 -23.29 -49.74
CA THR D 239 28.62 -21.84 -49.60
C THR D 239 29.58 -21.44 -48.47
N TRP D 240 29.97 -22.41 -47.64
CA TRP D 240 30.80 -22.13 -46.46
C TRP D 240 32.17 -21.59 -46.87
N ASP D 241 32.59 -20.49 -46.24
CA ASP D 241 33.91 -19.95 -46.48
C ASP D 241 34.86 -20.26 -45.31
N PRO D 242 35.64 -21.35 -45.43
CA PRO D 242 36.58 -21.72 -44.37
C PRO D 242 37.60 -20.62 -44.06
N ALA D 243 37.81 -19.68 -45.00
CA ALA D 243 38.79 -18.63 -44.80
C ALA D 243 38.32 -17.57 -43.79
N GLN D 244 37.04 -17.60 -43.44
CA GLN D 244 36.48 -16.57 -42.59
C GLN D 244 36.02 -17.19 -41.28
N PRO D 245 35.95 -16.39 -40.21
CA PRO D 245 35.33 -16.90 -38.98
C PRO D 245 33.94 -17.46 -39.24
N PRO D 246 33.55 -18.55 -38.56
CA PRO D 246 32.25 -19.19 -38.76
C PRO D 246 31.10 -18.21 -38.54
N ARG D 247 30.13 -18.21 -39.45
CA ARG D 247 28.96 -17.32 -39.37
C ARG D 247 27.84 -17.91 -38.55
N ASP D 248 27.91 -19.21 -38.33
CA ASP D 248 26.79 -19.94 -37.73
C ASP D 248 27.31 -21.23 -37.12
N LEU D 249 26.42 -22.04 -36.57
CA LEU D 249 26.86 -23.21 -35.80
C LEU D 249 27.38 -24.33 -36.68
N THR D 250 26.75 -24.53 -37.83
CA THR D 250 27.18 -25.59 -38.75
C THR D 250 28.60 -25.31 -39.24
N GLU D 251 28.92 -24.04 -39.44
CA GLU D 251 30.27 -23.71 -39.87
C GLU D 251 31.27 -23.99 -38.75
N ALA D 252 30.95 -23.61 -37.52
CA ALA D 252 31.84 -23.92 -36.40
C ALA D 252 31.98 -25.43 -36.28
N PHE D 253 30.90 -26.15 -36.51
CA PHE D 253 30.95 -27.62 -36.42
C PHE D 253 31.90 -28.14 -37.48
N LEU D 254 31.70 -27.66 -38.71
CA LEU D 254 32.48 -28.08 -39.86
C LEU D 254 33.96 -27.80 -39.67
N ALA D 255 34.28 -26.65 -39.08
CA ALA D 255 35.68 -26.31 -38.81
C ALA D 255 36.28 -27.32 -37.82
N GLU D 256 35.53 -27.68 -36.78
CA GLU D 256 36.00 -28.66 -35.79
C GLU D 256 36.23 -30.02 -36.44
N MET D 257 35.33 -30.39 -37.34
CA MET D 257 35.36 -31.69 -37.99
C MET D 257 36.68 -31.86 -38.75
N GLU D 258 37.06 -30.83 -39.49
CA GLU D 258 38.35 -30.80 -40.17
C GLU D 258 39.52 -30.97 -39.21
N LYS D 259 39.48 -30.29 -38.07
CA LYS D 259 40.54 -30.45 -37.09
C LYS D 259 40.61 -31.89 -36.56
N ALA D 260 39.47 -32.56 -36.61
CA ALA D 260 39.31 -33.88 -35.99
C ALA D 260 39.53 -35.05 -36.94
N LYS D 261 39.81 -34.78 -38.21
CA LYS D 261 40.14 -35.85 -39.15
C LYS D 261 41.35 -36.60 -38.62
N GLY D 262 41.28 -37.93 -38.59
CA GLY D 262 42.31 -38.72 -37.94
C GLY D 262 42.04 -39.05 -36.47
N ASN D 263 41.01 -38.44 -35.88
CA ASN D 263 40.66 -38.66 -34.47
C ASN D 263 39.38 -39.49 -34.28
N PRO D 264 39.52 -40.80 -34.03
CA PRO D 264 38.37 -41.67 -33.81
C PRO D 264 37.62 -41.37 -32.50
N GLU D 265 38.18 -40.53 -31.62
CA GLU D 265 37.50 -40.21 -30.36
C GLU D 265 36.58 -39.00 -30.49
N SER D 266 36.68 -38.28 -31.59
CA SER D 266 35.91 -37.04 -31.71
C SER D 266 34.45 -37.34 -32.06
N SER D 267 33.54 -36.51 -31.55
CA SER D 267 32.15 -36.58 -31.96
C SER D 267 31.86 -35.56 -33.08
N PHE D 268 32.90 -34.92 -33.61
CA PHE D 268 32.70 -34.05 -34.77
C PHE D 268 32.86 -34.86 -36.03
N ASN D 269 31.74 -35.40 -36.53
CA ASN D 269 31.71 -36.19 -37.75
C ASN D 269 30.40 -35.92 -38.46
N ASP D 270 30.37 -36.20 -39.76
CA ASP D 270 29.16 -36.02 -40.58
C ASP D 270 27.90 -36.61 -39.97
N GLU D 271 28.01 -37.82 -39.43
CA GLU D 271 26.85 -38.51 -38.89
C GLU D 271 26.28 -37.77 -37.69
N ASN D 272 27.14 -37.14 -36.89
CA ASN D 272 26.69 -36.43 -35.71
C ASN D 272 26.17 -35.04 -36.03
N LEU D 273 26.73 -34.41 -37.07
CA LEU D 273 26.31 -33.07 -37.45
C LEU D 273 24.81 -32.97 -37.68
N ARG D 274 24.26 -33.91 -38.45
CA ARG D 274 22.84 -33.85 -38.77
C ARG D 274 21.98 -34.09 -37.52
N ILE D 275 22.44 -34.94 -36.61
CA ILE D 275 21.70 -35.19 -35.39
C ILE D 275 21.77 -33.97 -34.46
N VAL D 276 22.95 -33.36 -34.36
CA VAL D 276 23.06 -32.17 -33.52
C VAL D 276 22.09 -31.08 -34.01
N VAL D 277 22.12 -30.79 -35.30
CA VAL D 277 21.23 -29.77 -35.87
C VAL D 277 19.73 -30.12 -35.69
N ALA D 278 19.38 -31.36 -35.99
CA ALA D 278 18.02 -31.83 -35.77
C ALA D 278 17.59 -31.70 -34.28
N ASP D 279 18.49 -31.95 -33.34
CA ASP D 279 18.15 -31.75 -31.91
C ASP D 279 17.85 -30.30 -31.61
N LEU D 280 18.65 -29.40 -32.17
CA LEU D 280 18.46 -27.98 -31.91
C LEU D 280 17.13 -27.50 -32.50
N PHE D 281 16.86 -27.84 -33.75
CA PHE D 281 15.58 -27.51 -34.38
C PHE D 281 14.40 -28.07 -33.58
N SER D 282 14.37 -29.38 -33.41
CA SER D 282 13.22 -30.05 -32.84
C SER D 282 13.01 -29.77 -31.34
N ALA D 283 14.08 -29.48 -30.60
CA ALA D 283 13.93 -29.15 -29.18
C ALA D 283 13.59 -27.68 -29.02
N GLY D 284 14.07 -26.87 -29.97
CA GLY D 284 13.90 -25.44 -29.88
C GLY D 284 12.67 -24.83 -30.54
N MET D 285 12.05 -25.53 -31.49
CA MET D 285 10.96 -24.92 -32.25
C MET D 285 9.69 -24.96 -31.42
N VAL D 286 9.19 -26.16 -31.17
CA VAL D 286 7.87 -26.34 -30.59
C VAL D 286 7.79 -25.75 -29.17
N THR D 287 8.93 -25.65 -28.50
CA THR D 287 8.97 -25.07 -27.15
C THR D 287 8.75 -23.55 -27.16
N THR D 288 9.68 -22.83 -27.79
CA THR D 288 9.61 -21.38 -27.95
C THR D 288 8.27 -20.93 -28.54
N SER D 289 7.80 -21.67 -29.54
CA SER D 289 6.60 -21.31 -30.30
C SER D 289 5.33 -21.45 -29.42
N THR D 290 5.23 -22.57 -28.72
CA THR D 290 4.09 -22.86 -27.86
C THR D 290 4.05 -21.89 -26.68
N THR D 291 5.23 -21.53 -26.18
CA THR D 291 5.32 -20.51 -25.14
C THR D 291 4.76 -19.17 -25.65
N LEU D 292 5.15 -18.77 -26.87
CA LEU D 292 4.63 -17.53 -27.43
C LEU D 292 3.12 -17.61 -27.67
N ALA D 293 2.62 -18.77 -28.10
CA ALA D 293 1.19 -18.93 -28.32
C ALA D 293 0.41 -18.86 -26.99
N TRP D 294 1.02 -19.35 -25.92
CA TRP D 294 0.46 -19.15 -24.60
C TRP D 294 0.46 -17.66 -24.27
N GLY D 295 1.56 -17.01 -24.57
CA GLY D 295 1.71 -15.59 -24.30
C GLY D 295 0.61 -14.71 -24.90
N LEU D 296 0.40 -14.83 -26.21
CA LEU D 296 -0.62 -14.04 -26.89
C LEU D 296 -2.03 -14.38 -26.41
N LEU D 297 -2.27 -15.63 -26.03
CA LEU D 297 -3.55 -16.05 -25.47
C LEU D 297 -3.80 -15.41 -24.12
N LEU D 298 -2.78 -15.41 -23.26
CA LEU D 298 -2.94 -14.82 -21.95
C LEU D 298 -3.10 -13.32 -22.04
N MET D 299 -2.62 -12.73 -23.14
CA MET D 299 -2.76 -11.29 -23.33
C MET D 299 -4.15 -10.91 -23.80
N ILE D 300 -4.84 -11.78 -24.53
CA ILE D 300 -6.22 -11.48 -24.92
C ILE D 300 -7.21 -11.90 -23.85
N LEU D 301 -6.81 -12.81 -22.98
CA LEU D 301 -7.64 -13.17 -21.84
C LEU D 301 -7.50 -12.13 -20.74
N HIS D 302 -6.36 -11.43 -20.75
CA HIS D 302 -6.12 -10.42 -19.72
C HIS D 302 -5.61 -9.10 -20.29
N PRO D 303 -6.50 -8.34 -20.97
CA PRO D 303 -6.19 -7.07 -21.63
C PRO D 303 -5.58 -6.03 -20.71
N ASP D 304 -5.93 -6.10 -19.44
CA ASP D 304 -5.40 -5.18 -18.45
C ASP D 304 -3.89 -5.35 -18.37
N VAL D 305 -3.47 -6.62 -18.30
CA VAL D 305 -2.05 -6.96 -18.27
C VAL D 305 -1.37 -6.49 -19.56
N GLN D 306 -2.01 -6.76 -20.70
CA GLN D 306 -1.47 -6.38 -22.00
C GLN D 306 -1.20 -4.87 -22.04
N ARG D 307 -2.16 -4.08 -21.58
CA ARG D 307 -2.05 -2.61 -21.57
C ARG D 307 -0.99 -2.09 -20.61
N ARG D 308 -0.81 -2.76 -19.47
CA ARG D 308 0.27 -2.37 -18.57
C ARG D 308 1.63 -2.65 -19.21
N VAL D 309 1.74 -3.73 -19.97
CA VAL D 309 2.98 -4.03 -20.70
C VAL D 309 3.22 -2.99 -21.79
N GLN D 310 2.16 -2.70 -22.54
CA GLN D 310 2.23 -1.75 -23.63
C GLN D 310 2.55 -0.36 -23.10
N GLN D 311 2.10 -0.07 -21.87
CA GLN D 311 2.43 1.21 -21.25
C GLN D 311 3.92 1.27 -20.90
N GLU D 312 4.47 0.13 -20.46
CA GLU D 312 5.89 0.06 -20.11
C GLU D 312 6.79 0.12 -21.34
N ILE D 313 6.31 -0.44 -22.46
CA ILE D 313 7.03 -0.35 -23.72
C ILE D 313 7.14 1.10 -24.19
N ASP D 314 6.03 1.82 -24.13
CA ASP D 314 6.03 3.22 -24.56
C ASP D 314 6.97 4.07 -23.70
N ASP D 315 6.93 3.84 -22.39
CA ASP D 315 7.73 4.61 -21.44
C ASP D 315 9.23 4.33 -21.59
N VAL D 316 9.57 3.09 -21.90
CA VAL D 316 10.98 2.68 -21.92
C VAL D 316 11.57 2.67 -23.33
N ILE D 317 10.84 2.07 -24.27
CA ILE D 317 11.32 1.87 -25.63
C ILE D 317 10.81 2.96 -26.58
N GLY D 318 9.53 3.30 -26.45
CA GLY D 318 8.87 4.19 -27.38
C GLY D 318 8.10 3.38 -28.40
N GLN D 319 7.59 4.02 -29.44
CA GLN D 319 6.90 3.30 -30.49
C GLN D 319 7.62 3.40 -31.83
N VAL D 320 8.79 4.05 -31.81
CA VAL D 320 9.60 4.21 -33.02
C VAL D 320 10.57 3.04 -33.26
N ARG D 321 11.57 2.92 -32.39
CA ARG D 321 12.64 1.94 -32.59
C ARG D 321 12.26 0.52 -32.17
N ARG D 322 13.10 -0.44 -32.58
CA ARG D 322 12.90 -1.83 -32.22
C ARG D 322 13.42 -2.12 -30.82
N PRO D 323 12.73 -3.00 -30.09
CA PRO D 323 13.21 -3.44 -28.78
C PRO D 323 14.59 -4.07 -28.90
N GLU D 324 15.39 -3.94 -27.84
CA GLU D 324 16.70 -4.57 -27.78
C GLU D 324 16.86 -5.26 -26.43
N MET D 325 17.76 -6.23 -26.34
CA MET D 325 17.94 -6.97 -25.10
C MET D 325 18.32 -6.04 -23.94
N GLY D 326 18.99 -4.94 -24.26
CA GLY D 326 19.34 -3.93 -23.27
C GLY D 326 18.14 -3.33 -22.55
N ASP D 327 16.98 -3.37 -23.20
CA ASP D 327 15.76 -2.80 -22.63
C ASP D 327 15.15 -3.65 -21.52
N GLN D 328 15.44 -4.95 -21.54
CA GLN D 328 14.84 -5.88 -20.59
C GLN D 328 15.13 -5.49 -19.14
N ALA D 329 16.39 -5.16 -18.86
CA ALA D 329 16.81 -4.79 -17.51
C ALA D 329 15.98 -3.63 -16.94
N HIS D 330 15.37 -2.84 -17.81
CA HIS D 330 14.59 -1.69 -17.36
C HIS D 330 13.08 -1.91 -17.50
N MET D 331 12.67 -3.14 -17.77
CA MET D 331 11.24 -3.43 -17.94
C MET D 331 10.79 -4.57 -17.03
N PRO D 332 10.75 -4.31 -15.72
CA PRO D 332 10.46 -5.34 -14.71
C PRO D 332 9.10 -5.99 -14.90
N TYR D 333 8.11 -5.22 -15.35
CA TYR D 333 6.76 -5.74 -15.47
C TYR D 333 6.67 -6.71 -16.64
N THR D 334 7.18 -6.29 -17.79
CA THR D 334 7.18 -7.11 -18.99
C THR D 334 7.96 -8.41 -18.75
N THR D 335 9.03 -8.32 -17.98
CA THR D 335 9.80 -9.51 -17.66
C THR D 335 8.93 -10.45 -16.82
N ALA D 336 8.30 -9.89 -15.80
CA ALA D 336 7.43 -10.67 -14.92
C ALA D 336 6.31 -11.34 -15.70
N VAL D 337 5.73 -10.62 -16.67
CA VAL D 337 4.66 -11.18 -17.48
C VAL D 337 5.18 -12.38 -18.29
N ILE D 338 6.30 -12.19 -18.98
CA ILE D 338 6.89 -13.26 -19.77
C ILE D 338 7.17 -14.48 -18.90
N HIS D 339 7.73 -14.24 -17.71
CA HIS D 339 8.01 -15.32 -16.78
C HIS D 339 6.76 -16.05 -16.34
N GLU D 340 5.71 -15.30 -16.02
CA GLU D 340 4.47 -15.89 -15.56
C GLU D 340 3.83 -16.68 -16.69
N VAL D 341 4.07 -16.25 -17.93
CA VAL D 341 3.60 -16.99 -19.09
C VAL D 341 4.22 -18.38 -19.09
N GLN D 342 5.53 -18.43 -18.85
CA GLN D 342 6.22 -19.72 -18.79
C GLN D 342 5.73 -20.55 -17.61
N ARG D 343 5.59 -19.91 -16.44
CA ARG D 343 5.07 -20.63 -15.27
C ARG D 343 3.65 -21.15 -15.50
N PHE D 344 2.75 -20.28 -15.93
CA PHE D 344 1.36 -20.68 -16.14
C PHE D 344 1.29 -21.71 -17.26
N GLY D 345 2.05 -21.42 -18.32
CA GLY D 345 2.10 -22.24 -19.52
C GLY D 345 2.51 -23.67 -19.22
N ASP D 346 3.61 -23.85 -18.49
CA ASP D 346 3.96 -25.16 -17.93
C ASP D 346 4.00 -26.17 -19.08
N ILE D 347 4.77 -25.84 -20.12
CA ILE D 347 4.64 -26.51 -21.41
C ILE D 347 5.35 -27.85 -21.45
N VAL D 348 6.32 -28.07 -20.56
CA VAL D 348 6.92 -29.38 -20.38
C VAL D 348 6.66 -29.95 -18.97
N PRO D 349 5.43 -30.39 -18.69
CA PRO D 349 4.99 -30.72 -17.32
C PRO D 349 5.88 -31.76 -16.63
N LEU D 350 6.22 -32.82 -17.36
CA LEU D 350 7.06 -33.89 -16.81
C LEU D 350 8.53 -33.83 -17.32
N GLY D 351 8.95 -32.65 -17.79
CA GLY D 351 10.33 -32.45 -18.20
C GLY D 351 10.84 -33.45 -19.23
N VAL D 352 12.14 -33.72 -19.16
CA VAL D 352 12.75 -34.79 -19.94
C VAL D 352 13.36 -35.81 -18.98
N THR D 353 13.13 -37.09 -19.22
CA THR D 353 13.58 -38.11 -18.28
C THR D 353 15.11 -38.15 -18.12
N HIS D 354 15.55 -38.47 -16.90
CA HIS D 354 16.97 -38.69 -16.61
C HIS D 354 17.22 -40.16 -16.25
N MET D 355 18.48 -40.56 -16.14
CA MET D 355 18.82 -41.87 -15.60
C MET D 355 20.00 -41.70 -14.65
N THR D 356 20.09 -42.51 -13.62
CA THR D 356 21.22 -42.39 -12.72
C THR D 356 22.38 -43.22 -13.24
N SER D 357 23.58 -42.64 -13.19
CA SER D 357 24.80 -43.33 -13.59
C SER D 357 25.36 -44.15 -12.43
N ARG D 358 25.07 -43.71 -11.21
CA ARG D 358 25.43 -44.43 -10.00
C ARG D 358 24.32 -44.38 -8.95
N ASP D 359 24.42 -45.24 -7.94
CA ASP D 359 23.50 -45.19 -6.82
C ASP D 359 23.56 -43.83 -6.15
N ILE D 360 22.40 -43.29 -5.80
CA ILE D 360 22.34 -42.03 -5.10
C ILE D 360 21.29 -42.06 -4.00
N GLU D 361 21.30 -41.03 -3.18
CA GLU D 361 20.33 -40.88 -2.12
C GLU D 361 19.61 -39.55 -2.27
N VAL D 362 18.29 -39.63 -2.44
CA VAL D 362 17.47 -38.43 -2.48
C VAL D 362 16.41 -38.52 -1.38
N GLN D 363 16.32 -37.45 -0.58
CA GLN D 363 15.34 -37.35 0.49
C GLN D 363 15.38 -38.61 1.37
N GLY D 364 16.57 -39.14 1.57
CA GLY D 364 16.76 -40.32 2.39
C GLY D 364 16.55 -41.65 1.68
N PHE D 365 15.91 -41.64 0.51
CA PHE D 365 15.61 -42.89 -0.19
C PHE D 365 16.79 -43.33 -1.04
N ARG D 366 16.82 -44.61 -1.39
CA ARG D 366 17.94 -45.15 -2.16
C ARG D 366 17.56 -45.39 -3.62
N ILE D 367 18.18 -44.61 -4.51
CA ILE D 367 17.96 -44.76 -5.94
C ILE D 367 19.02 -45.64 -6.54
N PRO D 368 18.65 -46.84 -6.99
CA PRO D 368 19.61 -47.73 -7.64
C PRO D 368 20.18 -47.11 -8.92
N LYS D 369 21.43 -47.44 -9.23
CA LYS D 369 22.04 -47.04 -10.50
C LYS D 369 21.22 -47.56 -11.68
N GLY D 370 21.07 -46.74 -12.71
CA GLY D 370 20.29 -47.12 -13.87
C GLY D 370 18.78 -46.95 -13.69
N THR D 371 18.38 -46.15 -12.71
CA THR D 371 16.95 -45.84 -12.52
C THR D 371 16.52 -44.67 -13.41
N THR D 372 15.41 -44.85 -14.14
CA THR D 372 14.80 -43.75 -14.89
C THR D 372 14.19 -42.75 -13.91
N LEU D 373 14.52 -41.47 -14.08
CA LEU D 373 13.96 -40.41 -13.24
C LEU D 373 13.00 -39.51 -14.01
N ILE D 374 11.83 -39.25 -13.42
CA ILE D 374 10.95 -38.23 -13.94
C ILE D 374 11.00 -37.01 -13.03
N THR D 375 11.39 -35.87 -13.62
CA THR D 375 11.36 -34.60 -12.94
C THR D 375 9.98 -33.96 -13.16
N ASN D 376 9.15 -33.93 -12.11
CA ASN D 376 7.83 -33.33 -12.24
C ASN D 376 7.91 -31.82 -12.07
N LEU D 377 8.21 -31.16 -13.18
CA LEU D 377 8.47 -29.73 -13.22
C LEU D 377 7.21 -28.94 -12.95
N SER D 378 6.09 -29.48 -13.42
CA SER D 378 4.80 -28.91 -13.19
C SER D 378 4.55 -28.79 -11.67
N SER D 379 5.00 -29.79 -10.91
CA SER D 379 4.78 -29.73 -9.46
C SER D 379 5.67 -28.65 -8.84
N VAL D 380 6.68 -28.18 -9.57
CA VAL D 380 7.50 -27.10 -9.03
C VAL D 380 6.88 -25.76 -9.42
N LEU D 381 6.43 -25.67 -10.67
CA LEU D 381 5.89 -24.42 -11.19
C LEU D 381 4.52 -24.10 -10.58
N LYS D 382 3.88 -25.10 -9.99
CA LYS D 382 2.56 -24.89 -9.38
C LYS D 382 2.49 -25.37 -7.94
N ASP D 383 3.66 -25.35 -7.29
CA ASP D 383 3.77 -25.66 -5.87
C ASP D 383 2.94 -24.68 -5.04
N GLU D 384 1.99 -25.21 -4.28
CA GLU D 384 1.07 -24.37 -3.51
C GLU D 384 1.76 -23.68 -2.33
N ALA D 385 2.96 -24.14 -2.00
CA ALA D 385 3.73 -23.56 -0.89
C ALA D 385 4.61 -22.41 -1.38
N VAL D 386 4.85 -22.34 -2.68
CA VAL D 386 5.64 -21.25 -3.22
C VAL D 386 4.78 -20.15 -3.86
N TRP D 387 3.87 -20.55 -4.74
CA TRP D 387 3.10 -19.61 -5.53
C TRP D 387 1.76 -19.32 -4.88
N GLU D 388 1.42 -18.05 -4.79
CA GLU D 388 0.22 -17.62 -4.07
C GLU D 388 -1.05 -17.95 -4.83
N LYS D 389 -0.97 -17.92 -6.16
CA LYS D 389 -2.07 -18.30 -7.03
C LYS D 389 -1.56 -19.28 -8.13
N PRO D 390 -1.22 -20.50 -7.71
CA PRO D 390 -0.58 -21.50 -8.59
C PRO D 390 -1.35 -21.77 -9.88
N PHE D 391 -2.67 -21.74 -9.86
CA PHE D 391 -3.43 -22.08 -11.05
C PHE D 391 -4.07 -20.87 -11.72
N ARG D 392 -3.58 -19.67 -11.38
CA ARG D 392 -4.06 -18.49 -12.09
C ARG D 392 -2.92 -17.74 -12.75
N PHE D 393 -3.24 -17.00 -13.81
CA PHE D 393 -2.26 -16.14 -14.45
C PHE D 393 -2.06 -14.88 -13.60
N HIS D 394 -0.88 -14.73 -13.01
CA HIS D 394 -0.68 -13.71 -11.96
C HIS D 394 0.75 -13.21 -11.96
N PRO D 395 1.03 -12.15 -12.73
CA PRO D 395 2.42 -11.75 -12.96
C PRO D 395 3.11 -11.28 -11.68
N GLU D 396 2.33 -10.87 -10.68
CA GLU D 396 2.88 -10.50 -9.38
C GLU D 396 3.60 -11.65 -8.67
N HIS D 397 3.52 -12.85 -9.24
CA HIS D 397 4.38 -13.94 -8.81
C HIS D 397 5.85 -13.55 -8.95
N PHE D 398 6.13 -12.66 -9.90
CA PHE D 398 7.49 -12.25 -10.20
C PHE D 398 7.74 -10.77 -9.91
N LEU D 399 6.95 -10.21 -9.00
CA LEU D 399 7.08 -8.80 -8.63
C LEU D 399 7.03 -8.63 -7.12
N ASP D 400 7.97 -7.88 -6.55
CA ASP D 400 7.90 -7.59 -5.12
C ASP D 400 6.97 -6.40 -4.84
N ALA D 401 6.94 -5.96 -3.58
CA ALA D 401 6.06 -4.88 -3.15
C ALA D 401 6.39 -3.54 -3.82
N GLN D 402 7.65 -3.36 -4.20
CA GLN D 402 8.09 -2.14 -4.88
C GLN D 402 7.96 -2.27 -6.41
N GLY D 403 7.60 -3.45 -6.88
CA GLY D 403 7.34 -3.64 -8.30
C GLY D 403 8.58 -3.98 -9.09
N HIS D 404 9.60 -4.51 -8.43
CA HIS D 404 10.80 -5.00 -9.10
C HIS D 404 10.61 -6.44 -9.53
N PHE D 405 11.34 -6.86 -10.54
CA PHE D 405 11.30 -8.25 -10.97
C PHE D 405 12.08 -9.15 -10.00
N VAL D 406 11.40 -10.12 -9.43
CA VAL D 406 12.05 -11.11 -8.57
C VAL D 406 11.79 -12.48 -9.18
N LYS D 407 12.78 -13.37 -9.11
CA LYS D 407 12.62 -14.70 -9.68
C LYS D 407 12.78 -15.79 -8.63
N PRO D 408 11.66 -16.39 -8.20
CA PRO D 408 11.69 -17.45 -7.19
C PRO D 408 12.49 -18.65 -7.71
N GLU D 409 13.18 -19.36 -6.84
CA GLU D 409 13.95 -20.53 -7.25
C GLU D 409 13.09 -21.61 -7.90
N ALA D 410 11.83 -21.72 -7.49
CA ALA D 410 10.88 -22.68 -8.07
C ALA D 410 10.56 -22.41 -9.54
N PHE D 411 11.12 -21.34 -10.10
CA PHE D 411 10.99 -21.10 -11.55
C PHE D 411 11.96 -22.00 -12.28
N LEU D 412 11.50 -23.21 -12.63
CA LEU D 412 12.36 -24.17 -13.31
C LEU D 412 11.81 -24.72 -14.63
N PRO D 413 11.29 -23.86 -15.52
CA PRO D 413 10.72 -24.40 -16.76
C PRO D 413 11.76 -25.01 -17.70
N PHE D 414 13.04 -24.71 -17.46
CA PHE D 414 14.12 -25.26 -18.25
C PHE D 414 14.87 -26.41 -17.52
N SER D 415 14.26 -26.91 -16.45
CA SER D 415 14.87 -27.91 -15.56
C SER D 415 16.12 -27.36 -14.86
N ALA D 416 16.99 -28.24 -14.39
CA ALA D 416 18.12 -27.82 -13.58
C ALA D 416 19.31 -28.78 -13.70
N GLY D 417 20.49 -28.34 -13.26
CA GLY D 417 21.67 -29.19 -13.30
C GLY D 417 22.38 -29.23 -14.64
N ARG D 418 23.28 -30.19 -14.76
CA ARG D 418 24.13 -30.38 -15.96
C ARG D 418 23.36 -30.48 -17.27
N ARG D 419 22.13 -30.98 -17.24
CA ARG D 419 21.41 -31.22 -18.49
C ARG D 419 20.36 -30.17 -18.80
N ALA D 420 20.22 -29.19 -17.91
CA ALA D 420 19.25 -28.10 -18.08
C ALA D 420 19.35 -27.53 -19.49
N CYS D 421 18.19 -27.12 -20.03
CA CYS D 421 18.10 -26.66 -21.42
C CYS D 421 19.27 -25.81 -21.85
N LEU D 422 19.98 -26.21 -22.90
CA LEU D 422 21.15 -25.46 -23.34
C LEU D 422 20.69 -24.29 -24.22
N GLY D 423 19.42 -24.32 -24.62
CA GLY D 423 18.86 -23.26 -25.45
C GLY D 423 18.38 -22.06 -24.66
N GLU D 424 18.32 -22.19 -23.32
CA GLU D 424 17.72 -21.16 -22.47
C GLU D 424 18.16 -19.72 -22.78
N PRO D 425 19.48 -19.46 -22.91
CA PRO D 425 19.81 -18.06 -23.23
C PRO D 425 19.19 -17.59 -24.54
N LEU D 426 19.04 -18.48 -25.51
CA LEU D 426 18.44 -18.05 -26.78
C LEU D 426 16.92 -17.93 -26.61
N ALA D 427 16.34 -18.91 -25.93
CA ALA D 427 14.91 -18.89 -25.63
C ALA D 427 14.51 -17.57 -25.00
N ARG D 428 15.26 -17.14 -23.98
CA ARG D 428 15.01 -15.87 -23.31
C ARG D 428 14.99 -14.71 -24.29
N MET D 429 16.01 -14.67 -25.16
CA MET D 429 16.16 -13.60 -26.14
C MET D 429 14.94 -13.56 -27.05
N GLU D 430 14.53 -14.74 -27.51
CA GLU D 430 13.43 -14.87 -28.43
C GLU D 430 12.12 -14.43 -27.78
N LEU D 431 11.84 -14.95 -26.58
CA LEU D 431 10.64 -14.56 -25.85
C LEU D 431 10.58 -13.06 -25.64
N PHE D 432 11.63 -12.46 -25.10
CA PHE D 432 11.57 -11.03 -24.84
C PHE D 432 11.41 -10.20 -26.13
N LEU D 433 12.17 -10.55 -27.16
CA LEU D 433 12.17 -9.74 -28.37
C LEU D 433 10.92 -9.94 -29.23
N PHE D 434 10.44 -11.18 -29.37
CA PHE D 434 9.22 -11.41 -30.13
C PHE D 434 7.99 -10.84 -29.40
N PHE D 435 7.94 -11.04 -28.08
CA PHE D 435 6.82 -10.56 -27.27
C PHE D 435 6.72 -9.03 -27.26
N THR D 436 7.78 -8.36 -26.82
CA THR D 436 7.76 -6.91 -26.78
C THR D 436 7.50 -6.29 -28.15
N SER D 437 8.08 -6.88 -29.21
CA SER D 437 7.87 -6.38 -30.57
C SER D 437 6.41 -6.43 -30.99
N LEU D 438 5.79 -7.60 -30.81
CA LEU D 438 4.38 -7.77 -31.15
C LEU D 438 3.49 -6.83 -30.34
N LEU D 439 3.69 -6.75 -29.02
CA LEU D 439 2.88 -5.88 -28.18
C LEU D 439 3.15 -4.39 -28.44
N GLN D 440 4.38 -4.06 -28.81
CA GLN D 440 4.75 -2.70 -29.17
C GLN D 440 3.94 -2.23 -30.38
N HIS D 441 3.69 -3.14 -31.31
CA HIS D 441 3.08 -2.78 -32.59
C HIS D 441 1.58 -3.02 -32.64
N PHE D 442 1.11 -4.11 -32.03
CA PHE D 442 -0.33 -4.42 -32.11
C PHE D 442 -1.00 -4.40 -30.75
N SER D 443 -2.32 -4.22 -30.79
CA SER D 443 -3.18 -4.38 -29.64
C SER D 443 -3.96 -5.67 -29.87
N PHE D 444 -3.76 -6.68 -29.01
CA PHE D 444 -4.34 -7.99 -29.25
C PHE D 444 -5.66 -8.19 -28.49
N SER D 445 -6.63 -8.77 -29.17
CA SER D 445 -7.95 -8.96 -28.58
C SER D 445 -8.64 -10.25 -29.02
N VAL D 446 -9.58 -10.69 -28.20
CA VAL D 446 -10.54 -11.72 -28.59
C VAL D 446 -11.41 -11.11 -29.67
N PRO D 447 -11.72 -11.87 -30.73
CA PRO D 447 -12.64 -11.39 -31.78
C PRO D 447 -14.04 -11.11 -31.21
N THR D 448 -14.82 -10.23 -31.83
CA THR D 448 -16.06 -9.71 -31.25
C THR D 448 -17.16 -10.74 -30.97
N GLY D 449 -17.37 -11.65 -31.90
CA GLY D 449 -18.48 -12.60 -31.79
C GLY D 449 -18.18 -13.87 -31.01
N GLN D 450 -16.90 -14.14 -30.84
CA GLN D 450 -16.45 -15.40 -30.28
C GLN D 450 -16.32 -15.34 -28.76
N PRO D 451 -16.42 -16.51 -28.09
CA PRO D 451 -16.30 -16.59 -26.63
C PRO D 451 -14.85 -16.53 -26.20
N ARG D 452 -14.61 -16.23 -24.91
CA ARG D 452 -13.24 -16.20 -24.42
C ARG D 452 -12.67 -17.61 -24.34
N PRO D 453 -11.61 -17.86 -25.11
CA PRO D 453 -11.02 -19.20 -25.24
C PRO D 453 -10.63 -19.78 -23.89
N SER D 454 -10.61 -21.11 -23.80
CA SER D 454 -10.19 -21.78 -22.57
C SER D 454 -8.70 -21.52 -22.31
N HIS D 455 -8.37 -21.21 -21.07
CA HIS D 455 -6.96 -21.15 -20.68
C HIS D 455 -6.48 -22.52 -20.20
N HIS D 456 -7.29 -23.55 -20.42
CA HIS D 456 -6.90 -24.91 -20.06
C HIS D 456 -5.97 -25.52 -21.13
N GLY D 457 -4.92 -26.18 -20.67
CA GLY D 457 -4.00 -26.83 -21.58
C GLY D 457 -4.29 -28.32 -21.74
N VAL D 458 -4.42 -28.75 -23.00
CA VAL D 458 -4.59 -30.18 -23.28
C VAL D 458 -3.30 -30.94 -22.93
N PHE D 459 -3.40 -31.84 -21.95
CA PHE D 459 -2.22 -32.49 -21.38
C PHE D 459 -1.54 -33.47 -22.31
N ALA D 460 -0.25 -33.24 -22.54
CA ALA D 460 0.62 -34.13 -23.29
C ALA D 460 2.00 -34.02 -22.66
N PHE D 461 3.05 -34.30 -23.41
CA PHE D 461 4.41 -34.09 -22.89
C PHE D 461 4.87 -32.69 -23.29
N LEU D 462 4.28 -32.16 -24.35
CA LEU D 462 4.30 -30.73 -24.59
C LEU D 462 2.87 -30.16 -24.55
N VAL D 463 2.62 -29.24 -23.63
CA VAL D 463 1.26 -28.76 -23.37
C VAL D 463 0.98 -27.41 -24.03
N SER D 464 0.03 -27.44 -24.96
CA SER D 464 -0.34 -26.28 -25.77
C SER D 464 -1.69 -25.71 -25.40
N PRO D 465 -1.86 -24.41 -25.59
CA PRO D 465 -3.19 -23.82 -25.46
C PRO D 465 -4.14 -24.44 -26.47
N SER D 466 -5.41 -24.53 -26.11
CA SER D 466 -6.46 -24.92 -27.05
C SER D 466 -6.50 -23.92 -28.20
N PRO D 467 -6.97 -24.37 -29.38
CA PRO D 467 -7.00 -23.48 -30.54
C PRO D 467 -7.82 -22.23 -30.25
N TYR D 468 -7.35 -21.11 -30.75
CA TYR D 468 -7.99 -19.83 -30.50
C TYR D 468 -7.60 -18.84 -31.60
N GLU D 469 -8.40 -17.81 -31.80
CA GLU D 469 -8.07 -16.80 -32.78
C GLU D 469 -7.95 -15.42 -32.13
N LEU D 470 -7.24 -14.52 -32.79
CA LEU D 470 -7.14 -13.16 -32.28
C LEU D 470 -7.15 -12.13 -33.40
N CYS D 471 -7.28 -10.88 -33.00
CA CYS D 471 -7.24 -9.74 -33.90
C CYS D 471 -6.01 -8.93 -33.51
N ALA D 472 -5.18 -8.62 -34.48
CA ALA D 472 -4.00 -7.83 -34.20
C ALA D 472 -4.11 -6.50 -34.91
N VAL D 473 -4.48 -5.47 -34.15
CA VAL D 473 -4.68 -4.14 -34.71
C VAL D 473 -3.61 -3.16 -34.19
N PRO D 474 -3.01 -2.39 -35.11
CA PRO D 474 -1.86 -1.52 -34.84
C PRO D 474 -2.13 -0.38 -33.86
N ARG D 475 -1.05 0.11 -33.24
CA ARG D 475 -1.11 1.23 -32.32
C ARG D 475 -0.36 2.42 -32.88
CHA HEM E . -27.01 -27.50 7.10
CHB HEM E . -22.29 -26.36 7.64
CHC HEM E . -22.84 -26.33 12.48
CHD HEM E . -27.45 -27.79 11.91
C1A HEM E . -25.69 -27.21 6.82
C2A HEM E . -25.12 -27.05 5.50
C3A HEM E . -23.82 -26.74 5.64
C4A HEM E . -23.52 -26.65 7.06
CMA HEM E . -22.84 -26.51 4.52
CAA HEM E . -25.88 -27.25 4.19
CBA HEM E . -26.70 -26.06 3.71
CGA HEM E . -27.34 -26.48 2.40
O1A HEM E . -28.16 -27.45 2.41
O2A HEM E . -27.02 -25.88 1.33
C1B HEM E . -22.01 -26.24 9.00
C2B HEM E . -20.75 -25.80 9.60
C3B HEM E . -20.91 -25.80 10.95
C4B HEM E . -22.26 -26.22 11.23
CMB HEM E . -19.52 -25.44 8.80
CAB HEM E . -19.92 -25.44 12.08
CBB HEM E . -18.79 -24.76 11.94
C1C HEM E . -24.16 -26.67 12.75
C2C HEM E . -24.79 -26.68 14.05
C3C HEM E . -26.06 -27.13 13.88
C4C HEM E . -26.27 -27.35 12.47
CMC HEM E . -24.10 -26.29 15.35
CAC HEM E . -27.22 -27.31 14.89
CBC HEM E . -27.40 -26.55 15.95
C1D HEM E . -27.77 -27.86 10.58
C2D HEM E . -29.02 -28.25 9.98
C3D HEM E . -28.90 -28.17 8.65
C4D HEM E . -27.57 -27.72 8.35
CMD HEM E . -30.26 -28.68 10.75
CAD HEM E . -29.99 -28.46 7.59
CBD HEM E . -30.67 -27.14 7.29
CGD HEM E . -31.90 -27.35 6.42
O1D HEM E . -32.82 -26.51 6.44
O2D HEM E . -32.00 -28.38 5.70
NA HEM E . -24.70 -26.94 7.74
NB HEM E . -22.87 -26.50 10.03
NC HEM E . -25.09 -27.08 11.83
ND HEM E . -26.93 -27.53 9.55
FE HEM E . -24.98 -26.82 9.82
O1 QDN F . -25.53 -39.10 8.64
C10 QDN F . -26.49 -38.81 9.65
C11 QDN F . -26.66 -37.28 9.75
N1 QDN F . -27.74 -36.77 8.88
C15 QDN F . -28.07 -35.40 9.27
C14 QDN F . -26.82 -34.52 9.33
C16 QDN F . -27.28 -36.73 7.48
C17 QDN F . -26.13 -35.73 7.27
C18 QDN F . -25.05 -36.27 6.40
C19 QDN F . -24.72 -35.77 5.23
C13 QDN F . -25.68 -35.28 8.67
C12 QDN F . -25.36 -36.51 9.54
C4 QDN F . -26.04 -39.34 11.00
C5 QDN F . -24.70 -39.45 11.29
C6 QDN F . -24.29 -39.95 12.52
N QDN F . -25.13 -40.36 13.47
C7 QDN F . -26.47 -40.25 13.21
C3 QDN F . -26.99 -39.74 11.99
C2 QDN F . -28.38 -39.64 11.83
C8 QDN F . -27.38 -40.69 14.20
C9 QDN F . -28.72 -40.64 13.98
C1 QDN F . -29.22 -40.06 12.83
O QDN F . -30.59 -39.93 12.79
C QDN F . -31.17 -39.30 11.64
S DMS G . -22.58 -31.63 7.55
O DMS G . -22.91 -32.52 6.40
C1 DMS G . -23.80 -30.30 7.72
C2 DMS G . -22.85 -32.53 9.11
ZN ZN H . -35.80 -29.40 29.63
ZN ZN I . -11.15 -0.13 7.22
C1 GOL J . -29.45 -40.36 5.27
O1 GOL J . -28.33 -40.16 4.42
C2 GOL J . -29.47 -41.77 5.84
O2 GOL J . -28.14 -42.26 5.92
C3 GOL J . -30.16 -41.80 7.20
O3 GOL J . -29.59 -40.85 8.08
C1 GOL K . -25.87 -37.85 1.91
O1 GOL K . -25.66 -39.22 2.19
C2 GOL K . -27.33 -37.42 2.05
O2 GOL K . -28.17 -38.47 2.52
C3 GOL K . -27.43 -36.22 2.98
O3 GOL K . -27.23 -35.05 2.23
C1 GOL L . -24.99 -39.92 -4.44
O1 GOL L . -26.03 -40.61 -5.08
C2 GOL L . -24.76 -38.59 -5.15
O2 GOL L . -25.94 -38.23 -5.84
C3 GOL L . -24.43 -37.51 -4.12
O3 GOL L . -23.33 -37.93 -3.33
C1 GOL M . -12.07 -33.44 15.73
O1 GOL M . -12.69 -32.77 16.83
C2 GOL M . -12.86 -34.63 15.17
O2 GOL M . -12.53 -35.85 15.82
C3 GOL M . -14.38 -34.43 15.18
O3 GOL M . -14.99 -35.69 15.06
CHA HEM N . 27.86 29.43 -5.95
CHB HEM N . 25.47 26.60 -2.78
CHC HEM N . 29.46 23.83 -2.33
CHD HEM N . 31.93 26.89 -5.17
C1A HEM N . 26.86 28.93 -5.12
C2A HEM N . 25.50 29.43 -5.01
C3A HEM N . 24.83 28.66 -4.14
C4A HEM N . 25.75 27.61 -3.70
CMA HEM N . 23.40 28.83 -3.71
CAA HEM N . 24.93 30.67 -5.73
CBA HEM N . 24.40 30.37 -7.12
CGA HEM N . 23.88 31.65 -7.71
O1A HEM N . 24.70 32.57 -7.97
O2A HEM N . 22.63 31.74 -7.89
C1B HEM N . 26.33 25.58 -2.39
C2B HEM N . 26.02 24.45 -1.52
C3B HEM N . 27.13 23.69 -1.41
C4B HEM N . 28.18 24.31 -2.20
CMB HEM N . 24.65 24.24 -0.91
CAB HEM N . 27.42 22.37 -0.63
CBB HEM N . 26.50 21.60 -0.04
C1C HEM N . 30.47 24.37 -3.08
C2C HEM N . 31.82 23.84 -3.28
C3C HEM N . 32.49 24.70 -4.05
C4C HEM N . 31.60 25.80 -4.39
CMC HEM N . 32.32 22.53 -2.69
CAC HEM N . 33.94 24.64 -4.61
CBC HEM N . 34.68 23.53 -4.67
C1D HEM N . 31.06 27.85 -5.64
C2D HEM N . 31.36 28.93 -6.56
C3D HEM N . 30.25 29.63 -6.76
C4D HEM N . 29.18 29.03 -6.02
CMD HEM N . 32.72 29.23 -7.12
CAD HEM N . 30.13 30.85 -7.69
CBD HEM N . 29.71 30.37 -9.07
CGD HEM N . 29.71 31.54 -10.06
O1D HEM N . 29.91 31.31 -11.28
O2D HEM N . 29.58 32.71 -9.62
NA HEM N . 26.96 27.82 -4.33
NB HEM N . 27.65 25.45 -2.76
NC HEM N . 30.39 25.57 -3.77
ND HEM N . 29.73 27.95 -5.35
FE HEM N . 28.65 26.57 -4.19
O1 QDN O . 32.93 36.01 2.29
C10 QDN O . 34.06 35.64 1.52
C11 QDN O . 33.65 34.63 0.44
N1 QDN O . 33.20 35.26 -0.81
C15 QDN O . 33.19 34.27 -1.89
C14 QDN O . 32.41 33.01 -1.49
C16 QDN O . 31.83 35.76 -0.64
C17 QDN O . 30.81 34.61 -0.46
C18 QDN O . 29.79 34.92 0.61
C19 QDN O . 29.02 34.07 1.19
C13 QDN O . 31.63 33.33 -0.21
C12 QDN O . 32.64 33.58 0.92
C4 QDN O . 35.16 35.06 2.40
C5 QDN O . 34.83 34.45 3.58
C6 QDN O . 35.84 33.94 4.40
N QDN O . 37.13 34.00 4.11
C7 QDN O . 37.48 34.60 2.94
C3 QDN O . 36.53 35.15 2.03
C2 QDN O . 36.99 35.70 0.82
C8 QDN O . 38.86 34.69 2.61
C9 QDN O . 39.26 35.30 1.46
C1 QDN O . 38.33 35.76 0.54
O QDN O . 38.83 36.25 -0.64
C QDN O . 37.89 36.72 -1.61
S DMS P . 27.67 30.32 -0.13
O DMS P . 27.21 31.72 -0.44
C1 DMS P . 28.22 29.45 -1.62
C2 DMS P . 29.17 30.39 0.91
ZN ZN Q . 50.29 20.45 -7.06
C1 GOL R . 32.21 40.91 -0.78
O1 GOL R . 31.13 40.58 0.06
C2 GOL R . 33.54 40.86 -0.03
O2 GOL R . 33.36 41.26 1.31
C3 GOL R . 34.04 39.42 -0.08
O3 GOL R . 35.44 39.40 0.00
CHA HEM S . -17.42 27.30 21.75
CHB HEM S . -16.02 26.17 17.24
CHC HEM S . -20.64 26.01 15.79
CHD HEM S . -21.95 27.69 20.12
C1A HEM S . -16.62 27.01 20.67
C2A HEM S . -15.18 26.91 20.66
C3A HEM S . -14.79 26.59 19.42
C4A HEM S . -15.98 26.47 18.60
CMA HEM S . -13.35 26.41 18.98
CAA HEM S . -14.24 27.14 21.87
CBA HEM S . -14.06 25.91 22.76
CGA HEM S . -13.16 26.32 23.89
O1A HEM S . -13.49 27.27 24.64
O2A HEM S . -12.07 25.69 24.07
C1B HEM S . -17.14 26.02 16.43
C2B HEM S . -17.19 25.61 15.03
C3B HEM S . -18.48 25.56 14.64
C4B HEM S . -19.26 25.95 15.78
CMB HEM S . -15.97 25.28 14.20
CAB HEM S . -19.15 25.21 13.29
CBB HEM S . -18.50 24.73 12.23
C1C HEM S . -21.41 26.42 16.84
C2C HEM S . -22.85 26.45 16.85
C3C HEM S . -23.22 26.96 18.05
C4C HEM S . -22.02 27.18 18.84
CMC HEM S . -23.68 26.00 15.68
CAC HEM S . -24.63 27.19 18.64
CBC HEM S . -25.70 26.48 18.30
C1D HEM S . -20.87 27.72 20.98
C2D HEM S . -20.87 28.09 22.39
C3D HEM S . -19.60 27.97 22.83
C4D HEM S . -18.78 27.54 21.73
CMD HEM S . -22.10 28.53 23.18
CAD HEM S . -19.07 28.25 24.27
CBD HEM S . -19.01 26.90 25.02
CGD HEM S . -18.64 27.15 26.48
O1D HEM S . -18.95 26.29 27.35
O2D HEM S . -18.02 28.21 26.75
NA HEM S . -17.06 26.71 19.41
NB HEM S . -18.43 26.22 16.83
NC HEM S . -20.95 26.87 18.04
ND HEM S . -19.58 27.41 20.63
FE HEM S . -19.02 26.64 18.72
O1 QDN T . -18.21 38.86 19.59
C10 QDN T . -19.50 38.67 20.17
C11 QDN T . -19.69 37.16 20.40
N1 QDN T . -19.22 36.73 21.73
C15 QDN T . -19.79 35.40 22.01
C14 QDN T . -19.50 34.42 20.88
C16 QDN T . -17.75 36.59 21.72
C17 QDN T . -17.27 35.48 20.77
C18 QDN T . -16.08 35.89 19.95
C19 QDN T . -14.83 35.66 20.24
C13 QDN T . -18.48 35.05 19.94
C12 QDN T . -19.12 36.28 19.28
C4 QDN T . -20.60 39.18 19.23
C5 QDN T . -20.36 39.27 17.89
C6 QDN T . -21.36 39.74 17.04
N QDN T . -22.55 40.13 17.44
C7 QDN T . -22.82 40.06 18.78
C3 QDN T . -21.88 39.57 19.73
C2 QDN T . -22.27 39.47 21.09
C8 QDN T . -24.09 40.50 19.24
C9 QDN T . -24.39 40.47 20.57
C1 QDN T . -23.53 39.88 21.47
O QDN T . -24.06 39.70 22.72
C QDN T . -23.27 39.00 23.69
S DMS U . -15.71 31.54 17.46
O DMS U . -14.73 32.48 18.09
C1 DMS U . -15.86 30.02 18.44
C2 DMS U . -17.40 32.21 17.52
ZN ZN V . -41.44 29.11 20.54
C1 GOL W . -16.17 40.51 24.62
O1 GOL W . -15.58 39.73 23.60
C2 GOL W . -17.23 41.41 24.04
O2 GOL W . -16.66 42.22 23.04
C3 GOL W . -18.24 40.55 23.33
O3 GOL W . -19.53 40.91 23.78
C1 GOL X . -6.30 37.89 23.34
O1 GOL X . -5.09 37.34 22.88
C2 GOL X . -6.11 38.53 24.71
O2 GOL X . -4.78 38.40 25.16
C3 GOL X . -6.50 39.99 24.66
O3 GOL X . -6.14 40.60 25.88
CHA HEM Y . 16.65 -29.56 -22.86
CHB HEM Y . 12.79 -26.72 -21.99
CHC HEM Y . 14.03 -23.92 -25.83
CHD HEM Y . 17.52 -27.07 -26.94
C1A HEM Y . 15.50 -29.07 -22.28
C2A HEM Y . 14.81 -29.60 -21.10
C3A HEM Y . 13.75 -28.81 -20.85
C4A HEM Y . 13.73 -27.75 -21.85
CMA HEM Y . 12.78 -29.06 -19.72
CAA HEM Y . 15.22 -30.85 -20.31
CBA HEM Y . 16.41 -30.59 -19.39
CGA HEM Y . 16.66 -31.89 -18.68
O1A HEM Y . 16.99 -32.88 -19.38
O2A HEM Y . 16.50 -31.95 -17.44
C1B HEM Y . 12.80 -25.70 -22.94
C2B HEM Y . 11.86 -24.58 -23.03
C3B HEM Y . 12.21 -23.81 -24.10
C4B HEM Y . 13.36 -24.42 -24.73
CMB HEM Y . 10.73 -24.36 -22.05
CAB HEM Y . 11.57 -22.49 -24.66
CBB HEM Y . 10.53 -21.86 -24.13
C1C HEM Y . 15.11 -24.49 -26.46
C2C HEM Y . 15.85 -23.95 -27.59
C3C HEM Y . 16.81 -24.84 -27.92
C4C HEM Y . 16.72 -25.94 -26.98
CMC HEM Y . 15.53 -22.63 -28.26
CAC HEM Y . 17.89 -24.77 -29.04
CBC HEM Y . 18.30 -23.66 -29.66
C1D HEM Y . 17.60 -28.03 -25.95
C2D HEM Y . 18.55 -29.13 -25.87
C3D HEM Y . 18.31 -29.81 -24.75
C4D HEM Y . 17.22 -29.18 -24.05
CMD HEM Y . 19.59 -29.44 -26.93
CAD HEM Y . 19.07 -31.06 -24.24
CBD HEM Y . 20.22 -30.57 -23.36
CGD HEM Y . 21.08 -31.71 -22.91
O1D HEM Y . 22.21 -31.46 -22.39
O2D HEM Y . 20.63 -32.89 -23.10
NA HEM Y . 14.83 -27.94 -22.68
NB HEM Y . 13.68 -25.56 -24.00
NC HEM Y . 15.67 -25.71 -26.12
ND HEM Y . 16.82 -28.09 -24.82
FE HEM Y . 15.34 -26.70 -24.29
O1 QDN Z . 11.11 -36.02 -30.78
C10 QDN Z . 12.26 -35.71 -31.54
C11 QDN Z . 13.12 -34.69 -30.77
N1 QDN Z . 14.10 -35.36 -29.87
C15 QDN Z . 15.08 -34.37 -29.40
C14 QDN Z . 14.40 -33.20 -28.71
C16 QDN Z . 13.42 -35.93 -28.71
C17 QDN Z . 12.77 -34.85 -27.83
C18 QDN Z . 11.35 -35.20 -27.44
C19 QDN Z . 10.40 -34.36 -27.14
C13 QDN Z . 12.91 -33.51 -28.58
C12 QDN Z . 12.31 -33.65 -29.99
C4 QDN Z . 11.88 -35.16 -32.91
C5 QDN Z . 10.66 -34.57 -33.09
C6 QDN Z . 10.30 -34.10 -34.34
N QDN Z . 11.05 -34.18 -35.43
C7 QDN Z . 12.29 -34.78 -35.28
C3 QDN Z . 12.75 -35.27 -34.03
C2 QDN Z . 14.07 -35.81 -33.96
C8 QDN Z . 13.10 -34.93 -36.43
C9 QDN Z . 14.32 -35.55 -36.34
C1 QDN Z . 14.84 -35.87 -35.09
O QDN Z . 16.17 -36.22 -35.11
C QDN Z . 16.80 -36.48 -33.86
S DMS AA . 11.30 -30.33 -24.94
O DMS AA . 11.28 -31.57 -24.11
C1 DMS AA . 12.98 -29.64 -25.09
C2 DMS AA . 10.87 -30.70 -26.67
ZN ZN BA . 26.88 -20.53 -42.94
C1 GOL CA . 13.12 -41.07 -29.05
O1 GOL CA . 12.65 -39.81 -28.63
C2 GOL CA . 13.39 -41.05 -30.54
O2 GOL CA . 12.22 -41.44 -31.21
C3 GOL CA . 13.73 -39.63 -30.95
O3 GOL CA . 14.09 -39.57 -32.30
C1 GOL DA . 8.85 -44.49 -19.24
O1 GOL DA . 9.34 -43.66 -18.23
C2 GOL DA . 8.39 -43.61 -20.40
O2 GOL DA . 8.83 -42.30 -20.19
C3 GOL DA . 8.99 -44.15 -21.69
O3 GOL DA . 8.85 -45.55 -21.70
C1 GOL EA . 2.91 -41.15 -18.32
O1 GOL EA . 2.08 -41.63 -19.35
C2 GOL EA . 4.37 -41.43 -18.64
O2 GOL EA . 4.56 -41.40 -20.05
C3 GOL EA . 5.25 -40.37 -17.99
O3 GOL EA . 6.60 -40.49 -18.40
#